data_5A4M
#
_entry.id   5A4M
#
_cell.length_a   93.671
_cell.length_b   97.162
_cell.length_c   182.911
_cell.angle_alpha   90.00
_cell.angle_beta   90.00
_cell.angle_gamma   90.00
#
_symmetry.space_group_name_H-M   'P 21 21 21'
#
loop_
_entity.id
_entity.type
_entity.pdbx_description
1 polymer 'HYDROGENASE-1 LARGE CHAIN'
2 polymer 'HYDROGENASE-1 SMALL CHAIN'
3 non-polymer 'NI-FE OXIDIZED ACTIVE CENTER'
4 non-polymer 'MAGNESIUM ION'
5 non-polymer 'IRON/SULFUR CLUSTER'
6 non-polymer 'FE3-S4 CLUSTER'
7 non-polymer 'FE4-S3 CLUSTER'
8 non-polymer 'CHLORIDE ION'
9 water water
#
loop_
_entity_poly.entity_id
_entity_poly.type
_entity_poly.pdbx_seq_one_letter_code
_entity_poly.pdbx_strand_id
1 'polypeptide(L)'
;MSTQYETQGYTINNAGRRLVVDPITRIEGHMRCEVNINDQNVITNAVSCGTMFRGLEIILQGRDPRDAWAFVERICGVCT
GVHALASVYAIEDAIGIKVPDNANIIRNIMLATLWCHDHLVHFYQLAGMDWIDVLDALKADPRKTSELAQSLSSWPKSSP
GYFFDVQNRLKKFVEGGQLGIFRNGYWGHPQYKLPPEANLMGFAHYLEALDFQREIVKIHAVFGGKNPHPNWIVGGMPCA
INIDESGAVGAVNMERLNLVQSIITRTADFINNVMIPDALAIGQFNKPWSEIGTGLSDKCVLSYGAFPDIANDFGEKSLL
MPGGAVINGDFNNVLPVDLVDPQQVQEFVDHAWYRYPNDQVGRHPFDGITDPWYNPGDVKGSDTNIQQLNEQERYSWIKA
PRWRGNAMEVGPLARTLIAYHKGDAATVESVDRMMSALNLPLSGIQSTLGRILCRAHEAQWAAGKLQYFFDKLMTNLKNG
NLATASTEKWEPATWPTECRGVGFTEAPRGALGHWAAIRDGKIDLYQCVVPTTWNASPRDPKGQIGAYEAALMNTKMAIP
EQPLEILRTLHSFDPCLACSTH
;
L,M
2 'polypeptide(L)'
;LENKPRIPVVWIHGLECTCCTESFIRSAHPLAKDVILSLISLDYDDTLMAAAGTQAEEVFEDIITQYNGKYILAVEGNPP
LGEQGMFCISSGRPFIEKLKRAAAGASAIIAWGTCASWGCVQAARPNPTQATPIDKVITDKPIIKVPGCPPIPDVMSAII
TYMVTFDRLPDVDRMGRPLMFYGQRIHDKCYRRAHFDAGEFVQSWDDDAARKGYCLYKMGCKGPTTYNACSSTRWNDGVS
FPIQSGHGCLGCAENGFWDRGSFYSRGSFYSRHHHHHH
;
S,T
#
loop_
_chem_comp.id
_chem_comp.type
_chem_comp.name
_chem_comp.formula
CL non-polymer 'CHLORIDE ION' 'Cl -1'
F3S non-polymer 'FE3-S4 CLUSTER' 'Fe3 S4'
MG non-polymer 'MAGNESIUM ION' 'Mg 2'
NFV non-polymer 'NI-FE OXIDIZED ACTIVE CENTER' 'C3 Fe N2 Ni O2'
SF3 non-polymer 'FE4-S3 CLUSTER' 'Fe4 S3'
SF4 non-polymer 'IRON/SULFUR CLUSTER' 'Fe4 S4'
#
# COMPACT_ATOMS: atom_id res chain seq x y z
N SER A 2 59.83 0.34 -7.30
CA SER A 2 58.76 0.64 -8.31
C SER A 2 59.05 -0.01 -9.68
N THR A 3 57.99 -0.34 -10.40
CA THR A 3 58.11 -0.94 -11.72
C THR A 3 57.11 -0.29 -12.67
N GLN A 4 57.31 -0.54 -13.94
CA GLN A 4 56.44 -0.03 -14.91
C GLN A 4 56.34 -1.06 -16.02
N TYR A 5 55.16 -1.27 -16.56
CA TYR A 5 54.95 -2.09 -17.78
C TYR A 5 53.78 -1.59 -18.57
N GLU A 6 53.67 -2.06 -19.81
CA GLU A 6 52.60 -1.64 -20.71
C GLU A 6 51.60 -2.76 -21.00
N THR A 7 50.31 -2.42 -20.99
CA THR A 7 49.28 -3.40 -21.27
C THR A 7 48.05 -2.67 -21.67
N GLN A 8 47.44 -3.17 -22.73
CA GLN A 8 46.16 -2.65 -23.25
C GLN A 8 46.13 -1.12 -23.50
N GLY A 9 47.30 -0.57 -23.83
CA GLY A 9 47.41 0.83 -24.14
C GLY A 9 47.70 1.64 -22.90
N TYR A 10 47.83 1.02 -21.73
CA TYR A 10 48.12 1.76 -20.51
C TYR A 10 49.58 1.55 -20.13
N THR A 11 50.10 2.50 -19.37
CA THR A 11 51.36 2.35 -18.68
C THR A 11 51.10 2.17 -17.20
N ILE A 12 51.33 0.98 -16.72
CA ILE A 12 51.08 0.66 -15.31
C ILE A 12 52.35 0.96 -14.54
N ASN A 13 52.30 1.95 -13.68
CA ASN A 13 53.47 2.47 -13.01
C ASN A 13 53.16 2.68 -11.53
N ASN A 14 53.85 1.90 -10.67
CA ASN A 14 53.61 1.98 -9.24
C ASN A 14 54.60 2.82 -8.46
N ALA A 15 55.29 3.70 -9.14
CA ALA A 15 55.99 4.79 -8.48
C ALA A 15 54.99 5.79 -8.01
N GLY A 16 55.42 6.64 -7.11
CA GLY A 16 54.58 7.72 -6.66
C GLY A 16 53.77 7.32 -5.44
N ARG A 17 53.03 8.28 -4.93
CA ARG A 17 52.28 8.11 -3.72
CA ARG A 17 52.26 8.13 -3.70
C ARG A 17 51.20 7.02 -3.91
N ARG A 18 51.05 6.20 -2.88
CA ARG A 18 50.05 5.10 -2.85
C ARG A 18 48.88 5.62 -2.04
N LEU A 19 47.66 5.53 -2.57
CA LEU A 19 46.45 5.81 -1.86
C LEU A 19 45.64 4.52 -1.67
N VAL A 20 45.05 4.39 -0.49
CA VAL A 20 44.21 3.24 -0.14
C VAL A 20 42.80 3.73 0.17
N VAL A 21 41.80 3.05 -0.38
CA VAL A 21 40.42 3.28 -0.03
C VAL A 21 39.88 1.95 0.43
N ASP A 22 39.76 1.78 1.73
CA ASP A 22 39.28 0.53 2.34
C ASP A 22 38.64 0.88 3.69
N PRO A 23 37.30 0.77 3.83
CA PRO A 23 36.36 0.17 2.90
C PRO A 23 35.84 1.04 1.77
N ILE A 24 35.55 0.43 0.61
CA ILE A 24 34.73 1.10 -0.39
C ILE A 24 33.28 0.97 0.14
N THR A 25 32.60 2.07 0.28
CA THR A 25 31.21 2.11 0.80
C THR A 25 30.28 2.35 -0.40
N ARG A 26 28.99 2.24 -0.16
CA ARG A 26 27.96 2.42 -1.21
C ARG A 26 28.13 1.45 -2.37
N ILE A 27 28.55 0.25 -1.94
CA ILE A 27 28.59 -0.90 -2.78
C ILE A 27 27.90 -1.97 -1.96
N GLU A 28 27.66 -3.10 -2.58
CA GLU A 28 27.36 -4.34 -1.83
C GLU A 28 28.68 -5.03 -1.47
N GLY A 29 28.82 -5.46 -0.23
CA GLY A 29 29.94 -6.27 0.19
C GLY A 29 31.22 -5.51 0.46
N HIS A 30 32.35 -6.19 0.33
CA HIS A 30 33.63 -5.69 0.83
C HIS A 30 34.61 -5.55 -0.35
N MET A 31 35.16 -4.35 -0.48
CA MET A 31 36.17 -4.03 -1.49
C MET A 31 37.21 -3.14 -0.91
N ARG A 32 38.43 -3.36 -1.41
CA ARG A 32 39.55 -2.45 -1.19
C ARG A 32 40.08 -2.01 -2.54
N CYS A 33 40.46 -0.74 -2.63
CA CYS A 33 41.06 -0.20 -3.82
C CYS A 33 42.34 0.52 -3.42
N GLU A 34 43.41 0.28 -4.18
CA GLU A 34 44.64 1.07 -4.03
C GLU A 34 44.99 1.65 -5.38
N VAL A 35 45.56 2.85 -5.33
CA VAL A 35 46.10 3.46 -6.55
C VAL A 35 47.51 4.07 -6.24
N ASN A 36 48.28 4.27 -7.33
CA ASN A 36 49.39 5.21 -7.28
C ASN A 36 49.07 6.40 -8.12
N ILE A 37 49.47 7.56 -7.60
CA ILE A 37 49.32 8.81 -8.38
C ILE A 37 50.68 9.46 -8.59
N ASN A 38 50.80 10.09 -9.74
CA ASN A 38 52.04 10.78 -10.10
C ASN A 38 52.01 12.20 -9.55
N ASP A 39 53.06 13.00 -9.91
CA ASP A 39 53.19 14.31 -9.34
C ASP A 39 52.13 15.24 -9.83
N GLN A 40 51.42 14.87 -10.89
CA GLN A 40 50.30 15.69 -11.34
C GLN A 40 48.95 15.18 -10.75
N ASN A 41 49.01 14.34 -9.70
CA ASN A 41 47.79 13.72 -9.07
C ASN A 41 46.97 12.92 -10.05
N VAL A 42 47.63 12.31 -11.04
CA VAL A 42 46.97 11.46 -12.02
C VAL A 42 47.28 10.00 -11.68
N ILE A 43 46.24 9.19 -11.72
CA ILE A 43 46.38 7.77 -11.40
C ILE A 43 47.22 7.07 -12.46
N THR A 44 48.29 6.41 -12.03
CA THR A 44 49.17 5.60 -12.89
C THR A 44 49.16 4.14 -12.60
N ASN A 45 48.40 3.73 -11.57
CA ASN A 45 48.31 2.33 -11.22
C ASN A 45 47.02 2.19 -10.41
N ALA A 46 46.29 1.11 -10.65
CA ALA A 46 45.06 0.88 -9.93
C ALA A 46 44.96 -0.59 -9.57
N VAL A 47 44.47 -0.88 -8.34
CA VAL A 47 44.48 -2.20 -7.79
C VAL A 47 43.08 -2.48 -7.20
N SER A 48 42.39 -3.46 -7.78
CA SER A 48 41.03 -3.87 -7.33
C SER A 48 41.11 -5.12 -6.50
N CYS A 49 40.57 -5.08 -5.28
CA CYS A 49 40.69 -6.21 -4.35
C CYS A 49 39.31 -6.53 -3.70
N GLY A 50 38.86 -7.76 -3.92
CA GLY A 50 37.74 -8.23 -3.17
C GLY A 50 38.19 -8.73 -1.81
N THR A 51 37.63 -8.15 -0.79
CA THR A 51 37.99 -8.45 0.58
C THR A 51 37.04 -9.40 1.32
N MET A 52 36.34 -10.27 0.62
CA MET A 52 35.49 -11.26 1.26
C MET A 52 35.47 -12.53 0.44
N PHE A 53 35.10 -13.61 1.08
CA PHE A 53 34.82 -14.92 0.43
C PHE A 53 33.96 -15.74 1.36
N ARG A 54 33.07 -16.49 0.78
CA ARG A 54 32.17 -17.41 1.49
C ARG A 54 32.25 -18.85 1.06
N GLY A 55 32.40 -19.06 -0.24
CA GLY A 55 32.63 -20.42 -0.76
C GLY A 55 31.39 -21.20 -1.18
N LEU A 56 30.41 -20.52 -1.80
CA LEU A 56 29.22 -21.22 -2.24
C LEU A 56 29.51 -22.35 -3.19
N GLU A 57 30.52 -22.20 -4.08
CA GLU A 57 30.83 -23.29 -4.96
C GLU A 57 31.24 -24.60 -4.25
N ILE A 58 31.82 -24.49 -3.06
CA ILE A 58 32.24 -25.59 -2.26
C ILE A 58 31.00 -26.17 -1.53
N ILE A 59 30.20 -25.26 -0.99
CA ILE A 59 28.95 -25.61 -0.21
C ILE A 59 27.96 -26.37 -1.07
N LEU A 60 27.89 -26.05 -2.34
CA LEU A 60 26.96 -26.66 -3.28
C LEU A 60 27.27 -28.09 -3.62
N GLN A 61 28.52 -28.50 -3.48
CA GLN A 61 28.83 -29.92 -3.71
C GLN A 61 27.99 -30.81 -2.85
N GLY A 62 27.42 -31.84 -3.48
CA GLY A 62 26.69 -32.84 -2.70
C GLY A 62 25.24 -32.46 -2.43
N ARG A 63 24.81 -31.30 -2.91
CA ARG A 63 23.42 -30.94 -2.75
C ARG A 63 22.56 -31.54 -3.86
N ASP A 64 21.26 -31.64 -3.58
CA ASP A 64 20.30 -32.01 -4.56
C ASP A 64 20.20 -30.89 -5.58
N PRO A 65 20.28 -31.19 -6.87
CA PRO A 65 20.21 -30.13 -7.86
C PRO A 65 18.93 -29.29 -7.84
N ARG A 66 17.85 -29.85 -7.32
CA ARG A 66 16.60 -29.11 -7.19
C ARG A 66 16.69 -28.07 -6.10
N ASP A 67 17.62 -28.25 -5.13
CA ASP A 67 17.80 -27.32 -4.04
C ASP A 67 18.81 -26.24 -4.35
N ALA A 68 19.54 -26.38 -5.46
CA ALA A 68 20.67 -25.52 -5.70
C ALA A 68 20.31 -24.04 -5.79
N TRP A 69 19.16 -23.72 -6.43
CA TRP A 69 18.76 -22.36 -6.61
C TRP A 69 18.69 -21.60 -5.30
N ALA A 70 18.24 -22.28 -4.25
CA ALA A 70 18.00 -21.60 -2.94
C ALA A 70 19.34 -21.21 -2.27
N PHE A 71 20.33 -22.06 -2.43
CA PHE A 71 21.67 -21.80 -1.93
C PHE A 71 22.31 -20.64 -2.67
N VAL A 72 22.32 -20.74 -4.01
CA VAL A 72 23.05 -19.74 -4.78
C VAL A 72 22.30 -18.40 -4.83
N GLU A 73 20.99 -18.41 -4.57
CA GLU A 73 20.31 -17.14 -4.46
CA GLU A 73 20.29 -17.16 -4.44
C GLU A 73 20.97 -16.27 -3.40
N ARG A 74 21.48 -16.88 -2.31
CA ARG A 74 22.08 -16.15 -1.20
C ARG A 74 23.55 -15.73 -1.52
N ILE A 75 23.99 -15.89 -2.77
CA ILE A 75 25.25 -15.22 -3.22
C ILE A 75 25.03 -13.74 -3.03
N CYS A 76 23.79 -13.26 -3.29
CA CYS A 76 23.58 -11.84 -3.20
C CYS A 76 22.13 -11.37 -3.01
N GLY A 77 21.94 -10.42 -2.14
CA GLY A 77 20.62 -9.96 -1.76
C GLY A 77 20.24 -8.68 -2.50
N VAL A 78 21.19 -8.08 -3.20
CA VAL A 78 20.99 -6.89 -4.01
C VAL A 78 20.44 -7.29 -5.40
N CYS A 79 21.18 -8.13 -6.10
CA CYS A 79 20.71 -8.75 -7.34
C CYS A 79 19.90 -10.00 -7.01
N THR A 80 18.98 -9.89 -6.03
CA THR A 80 18.28 -11.07 -5.53
C THR A 80 17.36 -11.65 -6.62
N GLY A 81 17.47 -12.95 -6.75
CA GLY A 81 16.74 -13.72 -7.79
C GLY A 81 17.56 -14.12 -8.99
N VAL A 82 18.55 -13.32 -9.38
CA VAL A 82 19.24 -13.62 -10.62
C VAL A 82 20.06 -14.92 -10.58
N HIS A 83 20.64 -15.25 -9.42
CA HIS A 83 21.36 -16.47 -9.24
C HIS A 83 20.41 -17.66 -9.21
N ALA A 84 19.20 -17.48 -8.66
CA ALA A 84 18.23 -18.53 -8.68
C ALA A 84 17.83 -18.84 -10.13
N LEU A 85 17.62 -17.80 -10.92
CA LEU A 85 17.27 -17.96 -12.34
C LEU A 85 18.38 -18.70 -13.10
N ALA A 86 19.62 -18.26 -12.91
CA ALA A 86 20.76 -18.95 -13.58
C ALA A 86 20.85 -20.38 -13.13
N SER A 87 20.54 -20.66 -11.86
CA SER A 87 20.60 -22.04 -11.35
C SER A 87 19.56 -22.93 -11.96
N VAL A 88 18.28 -22.48 -11.94
CA VAL A 88 17.26 -23.30 -12.56
C VAL A 88 17.53 -23.50 -14.05
N TYR A 89 17.98 -22.47 -14.75
CA TYR A 89 18.42 -22.65 -16.14
C TYR A 89 19.51 -23.71 -16.26
N ALA A 90 20.52 -23.67 -15.39
CA ALA A 90 21.68 -24.64 -15.47
C ALA A 90 21.25 -26.06 -15.19
N ILE A 91 20.41 -26.27 -14.18
CA ILE A 91 19.91 -27.56 -13.84
C ILE A 91 18.99 -28.10 -14.91
N GLU A 92 18.14 -27.25 -15.46
CA GLU A 92 17.25 -27.65 -16.56
C GLU A 92 18.05 -28.01 -17.83
N ASP A 93 19.13 -27.30 -18.05
CA ASP A 93 20.02 -27.57 -19.20
C ASP A 93 20.76 -28.89 -19.00
N ALA A 94 21.16 -29.17 -17.78
CA ALA A 94 21.83 -30.45 -17.51
C ALA A 94 20.92 -31.66 -17.66
N ILE A 95 19.78 -31.60 -17.02
CA ILE A 95 18.85 -32.70 -17.01
C ILE A 95 18.10 -32.86 -18.32
N GLY A 96 17.80 -31.78 -19.03
CA GLY A 96 16.99 -31.81 -20.25
C GLY A 96 15.54 -31.54 -19.89
N ILE A 97 15.26 -30.48 -19.15
CA ILE A 97 13.91 -30.08 -18.77
C ILE A 97 13.50 -28.86 -19.58
N LYS A 98 12.28 -28.87 -20.10
CA LYS A 98 11.69 -27.73 -20.76
C LYS A 98 10.52 -27.24 -19.90
N VAL A 99 10.48 -25.96 -19.64
CA VAL A 99 9.38 -25.41 -18.81
C VAL A 99 8.21 -24.87 -19.64
N PRO A 100 7.03 -24.79 -19.04
CA PRO A 100 5.91 -24.21 -19.80
C PRO A 100 6.08 -22.74 -20.04
N ASP A 101 5.43 -22.27 -21.08
CA ASP A 101 5.54 -20.88 -21.50
C ASP A 101 5.27 -19.89 -20.35
N ASN A 102 4.22 -20.09 -19.54
CA ASN A 102 3.97 -19.15 -18.42
C ASN A 102 5.08 -19.10 -17.41
N ALA A 103 5.75 -20.22 -17.16
CA ALA A 103 6.91 -20.20 -16.28
C ALA A 103 8.01 -19.34 -16.86
N ASN A 104 8.27 -19.47 -18.14
CA ASN A 104 9.30 -18.63 -18.78
C ASN A 104 8.98 -17.15 -18.74
N ILE A 105 7.70 -16.85 -18.99
CA ILE A 105 7.22 -15.47 -18.94
C ILE A 105 7.38 -14.90 -17.55
N ILE A 106 6.97 -15.65 -16.55
CA ILE A 106 7.07 -15.21 -15.18
C ILE A 106 8.53 -14.99 -14.81
N ARG A 107 9.38 -15.90 -15.21
CA ARG A 107 10.81 -15.76 -14.96
C ARG A 107 11.33 -14.47 -15.57
N ASN A 108 10.88 -14.18 -16.78
CA ASN A 108 11.29 -12.92 -17.40
C ASN A 108 10.74 -11.67 -16.66
N ILE A 109 9.53 -11.78 -16.15
CA ILE A 109 8.96 -10.78 -15.24
C ILE A 109 9.83 -10.59 -13.99
N MET A 110 10.24 -11.68 -13.38
CA MET A 110 11.09 -11.62 -12.21
C MET A 110 12.39 -10.87 -12.51
N LEU A 111 13.00 -11.17 -13.67
CA LEU A 111 14.28 -10.58 -14.00
C LEU A 111 14.08 -9.08 -14.34
N ALA A 112 13.06 -8.75 -15.15
CA ALA A 112 12.78 -7.36 -15.48
C ALA A 112 12.45 -6.50 -14.22
N THR A 113 11.76 -7.09 -13.28
CA THR A 113 11.43 -6.46 -12.03
C THR A 113 12.71 -6.17 -11.27
N LEU A 114 13.58 -7.16 -11.19
CA LEU A 114 14.89 -6.96 -10.56
C LEU A 114 15.71 -5.83 -11.25
N TRP A 115 15.76 -5.79 -12.59
CA TRP A 115 16.50 -4.75 -13.29
C TRP A 115 15.93 -3.39 -12.92
N CYS A 116 14.61 -3.25 -12.90
CA CYS A 116 13.99 -1.98 -12.51
C CYS A 116 14.38 -1.56 -11.08
N HIS A 117 14.23 -2.48 -10.16
CA HIS A 117 14.48 -2.21 -8.75
C HIS A 117 15.96 -1.90 -8.49
N ASP A 118 16.79 -2.81 -8.95
CA ASP A 118 18.21 -2.69 -8.71
C ASP A 118 18.83 -1.46 -9.34
N HIS A 119 18.49 -1.18 -10.61
CA HIS A 119 19.01 0.02 -11.25
C HIS A 119 18.54 1.30 -10.59
N LEU A 120 17.28 1.33 -10.14
CA LEU A 120 16.76 2.50 -9.43
C LEU A 120 17.49 2.77 -8.12
N VAL A 121 17.60 1.76 -7.28
CA VAL A 121 18.27 1.91 -6.00
C VAL A 121 19.75 2.27 -6.21
N HIS A 122 20.40 1.65 -7.19
CA HIS A 122 21.80 2.03 -7.43
C HIS A 122 21.95 3.50 -7.79
N PHE A 123 21.11 3.95 -8.67
CA PHE A 123 21.20 5.31 -9.13
C PHE A 123 21.11 6.30 -7.98
N TYR A 124 20.16 6.12 -7.07
CA TYR A 124 19.99 7.08 -6.01
C TYR A 124 20.79 6.79 -4.78
N GLN A 125 20.53 5.63 -4.19
CA GLN A 125 21.11 5.27 -2.90
C GLN A 125 22.61 4.91 -2.93
N LEU A 126 23.10 4.40 -4.03
CA LEU A 126 24.48 3.97 -4.09
C LEU A 126 25.33 5.00 -4.79
N ALA A 127 25.06 5.33 -6.08
CA ALA A 127 25.87 6.25 -6.78
C ALA A 127 25.54 7.72 -6.59
N GLY A 128 24.28 8.04 -6.24
CA GLY A 128 23.77 9.41 -6.38
C GLY A 128 24.59 10.45 -5.64
N MET A 129 25.01 10.15 -4.41
CA MET A 129 25.77 11.10 -3.62
C MET A 129 27.18 11.38 -4.14
N ASP A 130 27.60 10.67 -5.19
CA ASP A 130 28.81 11.07 -5.84
C ASP A 130 28.62 12.28 -6.75
N TRP A 131 27.37 12.56 -7.11
CA TRP A 131 27.01 13.55 -8.11
C TRP A 131 26.17 14.68 -7.55
N ILE A 132 25.37 14.36 -6.53
CA ILE A 132 24.54 15.30 -5.82
C ILE A 132 25.22 15.68 -4.52
N ASP A 133 25.43 16.99 -4.31
CA ASP A 133 26.00 17.51 -3.06
C ASP A 133 24.80 17.81 -2.15
N VAL A 134 24.53 16.86 -1.26
CA VAL A 134 23.36 16.89 -0.40
C VAL A 134 23.37 18.09 0.45
N LEU A 135 24.50 18.42 1.04
CA LEU A 135 24.55 19.58 1.90
C LEU A 135 24.28 20.89 1.12
N ASP A 136 24.67 20.95 -0.16
CA ASP A 136 24.49 22.16 -0.95
C ASP A 136 23.03 22.38 -1.24
N ALA A 137 22.19 21.31 -1.14
CA ALA A 137 20.74 21.48 -1.26
C ALA A 137 20.17 22.47 -0.28
N LEU A 138 20.83 22.63 0.86
CA LEU A 138 20.38 23.57 1.86
C LEU A 138 20.50 25.04 1.42
N LYS A 139 21.21 25.31 0.35
CA LYS A 139 21.39 26.67 -0.17
C LYS A 139 20.41 26.97 -1.29
N ALA A 140 19.61 26.00 -1.71
CA ALA A 140 18.83 26.18 -2.88
C ALA A 140 17.63 27.07 -2.60
N ASP A 141 17.15 27.68 -3.67
CA ASP A 141 15.91 28.41 -3.63
C ASP A 141 14.78 27.43 -4.03
N PRO A 142 13.76 27.26 -3.18
CA PRO A 142 12.67 26.30 -3.50
C PRO A 142 11.88 26.60 -4.74
N ARG A 143 11.62 27.88 -5.05
CA ARG A 143 10.96 28.25 -6.33
C ARG A 143 11.80 27.95 -7.52
N LYS A 144 13.10 28.26 -7.48
CA LYS A 144 13.98 27.90 -8.58
C LYS A 144 14.12 26.38 -8.78
N THR A 145 14.11 25.67 -7.67
CA THR A 145 14.08 24.19 -7.70
C THR A 145 12.86 23.69 -8.39
N SER A 146 11.71 24.24 -8.06
CA SER A 146 10.45 23.88 -8.72
C SER A 146 10.53 24.18 -10.20
N GLU A 147 11.02 25.37 -10.55
CA GLU A 147 11.18 25.73 -11.95
C GLU A 147 12.04 24.77 -12.70
N LEU A 148 13.15 24.38 -12.11
CA LEU A 148 14.07 23.44 -12.75
C LEU A 148 13.34 22.09 -13.00
N ALA A 149 12.75 21.56 -11.93
CA ALA A 149 12.08 20.29 -12.04
C ALA A 149 11.00 20.32 -13.09
N GLN A 150 10.22 21.40 -13.13
CA GLN A 150 9.11 21.48 -14.08
C GLN A 150 9.60 21.66 -15.51
N SER A 151 10.78 22.21 -15.69
CA SER A 151 11.39 22.25 -16.99
C SER A 151 11.84 20.88 -17.51
N LEU A 152 12.15 19.95 -16.63
CA LEU A 152 12.74 18.67 -16.99
C LEU A 152 11.75 17.53 -17.07
N SER A 153 10.59 17.67 -16.42
CA SER A 153 9.71 16.55 -16.29
C SER A 153 8.28 16.94 -16.02
N SER A 154 7.38 16.04 -16.42
CA SER A 154 5.96 16.16 -16.07
C SER A 154 5.60 15.57 -14.69
N TRP A 155 6.57 14.99 -13.99
CA TRP A 155 6.35 14.43 -12.70
C TRP A 155 5.56 15.36 -11.84
N PRO A 156 4.55 14.81 -11.14
CA PRO A 156 3.70 15.82 -10.43
C PRO A 156 4.36 16.58 -9.30
N LYS A 157 5.29 15.94 -8.60
CA LYS A 157 5.73 16.40 -7.31
C LYS A 157 6.86 17.42 -7.46
N SER A 158 6.48 18.68 -7.61
CA SER A 158 7.43 19.70 -7.98
C SER A 158 7.10 21.05 -7.40
N SER A 159 6.16 21.14 -6.45
CA SER A 159 5.76 22.42 -5.94
C SER A 159 6.87 23.07 -5.14
N PRO A 160 6.91 24.45 -5.13
CA PRO A 160 7.90 25.13 -4.30
C PRO A 160 7.73 24.72 -2.88
N GLY A 161 6.51 24.56 -2.42
CA GLY A 161 6.28 24.16 -1.01
C GLY A 161 6.88 22.79 -0.67
N TYR A 162 6.74 21.88 -1.61
CA TYR A 162 7.31 20.54 -1.45
C TYR A 162 8.83 20.63 -1.29
N PHE A 163 9.49 21.33 -2.20
CA PHE A 163 10.92 21.49 -2.11
C PHE A 163 11.34 22.21 -0.86
N PHE A 164 10.55 23.19 -0.44
CA PHE A 164 10.86 23.83 0.83
C PHE A 164 10.73 22.83 1.98
N ASP A 165 9.68 22.02 1.97
CA ASP A 165 9.49 21.01 3.02
C ASP A 165 10.64 19.98 3.02
N VAL A 166 11.06 19.53 1.85
CA VAL A 166 12.19 18.61 1.78
C VAL A 166 13.46 19.30 2.38
N GLN A 167 13.72 20.51 1.94
CA GLN A 167 14.86 21.28 2.42
C GLN A 167 14.80 21.47 3.92
N ASN A 168 13.62 21.77 4.44
CA ASN A 168 13.46 21.98 5.87
C ASN A 168 13.68 20.70 6.69
N ARG A 169 13.28 19.60 6.11
CA ARG A 169 13.50 18.28 6.72
C ARG A 169 15.00 18.00 6.81
N LEU A 170 15.73 18.25 5.72
CA LEU A 170 17.17 18.15 5.71
C LEU A 170 17.85 19.10 6.71
N LYS A 171 17.36 20.32 6.81
CA LYS A 171 17.91 21.30 7.73
C LYS A 171 17.75 20.85 9.13
N LYS A 172 16.58 20.38 9.48
CA LYS A 172 16.35 19.90 10.85
C LYS A 172 17.15 18.65 11.17
N PHE A 173 17.30 17.77 10.19
CA PHE A 173 18.12 16.55 10.33
C PHE A 173 19.58 16.85 10.69
N VAL A 174 20.16 17.81 10.01
CA VAL A 174 21.59 18.15 10.09
C VAL A 174 21.89 19.08 11.29
N GLU A 175 20.92 19.89 11.67
CA GLU A 175 21.09 20.97 12.64
C GLU A 175 21.69 20.55 13.98
N GLY A 176 21.26 19.42 14.49
CA GLY A 176 21.84 18.91 15.75
C GLY A 176 23.20 18.18 15.66
N GLY A 177 23.78 18.15 14.46
CA GLY A 177 25.07 17.49 14.23
C GLY A 177 24.96 16.00 13.96
N GLN A 178 23.78 15.41 14.06
CA GLN A 178 23.65 13.97 13.80
C GLN A 178 23.46 13.76 12.29
N LEU A 179 24.54 13.86 11.52
CA LEU A 179 24.42 13.86 10.05
C LEU A 179 24.17 12.45 9.48
N GLY A 180 24.25 11.40 10.31
CA GLY A 180 24.07 10.02 9.86
C GLY A 180 24.87 9.65 8.63
N ILE A 181 24.18 9.21 7.59
CA ILE A 181 24.84 8.82 6.35
C ILE A 181 25.52 9.94 5.60
N PHE A 182 25.30 11.19 6.01
CA PHE A 182 25.99 12.28 5.37
C PHE A 182 27.26 12.72 6.07
N ARG A 183 27.58 12.08 7.19
CA ARG A 183 28.74 12.48 8.02
CA ARG A 183 28.70 12.51 7.99
C ARG A 183 30.05 12.36 7.26
N ASN A 184 30.86 13.39 7.30
CA ASN A 184 32.22 13.28 6.81
C ASN A 184 32.29 12.91 5.34
N GLY A 185 31.29 13.36 4.60
CA GLY A 185 31.29 13.23 3.17
C GLY A 185 32.18 14.22 2.46
N TYR A 186 32.09 14.20 1.14
CA TYR A 186 32.97 14.93 0.24
C TYR A 186 32.36 16.30 -0.18
N TRP A 187 31.29 16.70 0.50
CA TRP A 187 30.49 17.87 0.18
C TRP A 187 31.42 19.09 -0.01
N GLY A 188 31.19 19.83 -1.07
CA GLY A 188 32.04 21.01 -1.36
C GLY A 188 33.19 20.69 -2.27
N HIS A 189 33.46 19.42 -2.54
CA HIS A 189 34.54 19.07 -3.43
C HIS A 189 34.34 19.76 -4.82
N PRO A 190 35.44 20.20 -5.47
CA PRO A 190 35.24 20.93 -6.70
C PRO A 190 34.61 20.15 -7.81
N GLN A 191 34.62 18.82 -7.76
CA GLN A 191 33.97 18.04 -8.78
C GLN A 191 32.43 17.98 -8.65
N TYR A 192 31.86 18.50 -7.57
CA TYR A 192 30.39 18.67 -7.45
C TYR A 192 30.00 19.88 -8.27
N LYS A 193 29.30 19.66 -9.36
CA LYS A 193 29.03 20.71 -10.33
C LYS A 193 27.56 21.06 -10.47
N LEU A 194 26.66 20.37 -9.76
CA LEU A 194 25.29 20.83 -9.82
C LEU A 194 25.08 22.14 -9.09
N PRO A 195 24.18 23.00 -9.64
CA PRO A 195 23.74 24.13 -8.91
C PRO A 195 22.87 23.72 -7.73
N PRO A 196 22.71 24.59 -6.76
CA PRO A 196 21.96 24.18 -5.53
C PRO A 196 20.56 23.66 -5.78
N GLU A 197 19.89 24.23 -6.75
CA GLU A 197 18.53 23.78 -7.12
C GLU A 197 18.52 22.36 -7.65
N ALA A 198 19.53 22.00 -8.41
CA ALA A 198 19.62 20.66 -8.93
C ALA A 198 19.98 19.68 -7.79
N ASN A 199 20.77 20.11 -6.81
CA ASN A 199 21.04 19.31 -5.66
C ASN A 199 19.81 19.07 -4.75
N LEU A 200 18.96 20.09 -4.57
CA LEU A 200 17.72 19.88 -3.88
C LEU A 200 16.74 18.98 -4.64
N MET A 201 16.63 19.14 -5.94
CA MET A 201 15.84 18.28 -6.75
C MET A 201 16.31 16.82 -6.61
N GLY A 202 17.60 16.61 -6.73
CA GLY A 202 18.18 15.26 -6.69
C GLY A 202 17.94 14.62 -5.32
N PHE A 203 18.06 15.41 -4.27
CA PHE A 203 17.91 14.90 -2.94
C PHE A 203 16.45 14.55 -2.69
N ALA A 204 15.54 15.43 -3.09
CA ALA A 204 14.16 15.08 -2.98
C ALA A 204 13.88 13.72 -3.68
N HIS A 205 14.41 13.54 -4.88
CA HIS A 205 14.25 12.33 -5.61
C HIS A 205 14.88 11.12 -4.94
N TYR A 206 16.01 11.31 -4.31
CA TYR A 206 16.69 10.28 -3.51
C TYR A 206 15.65 9.76 -2.53
N LEU A 207 14.99 10.66 -1.83
CA LEU A 207 13.97 10.26 -0.85
C LEU A 207 12.78 9.56 -1.48
N GLU A 208 12.26 10.09 -2.56
CA GLU A 208 11.14 9.52 -3.28
C GLU A 208 11.49 8.11 -3.79
N ALA A 209 12.71 7.90 -4.27
CA ALA A 209 13.14 6.62 -4.74
C ALA A 209 13.29 5.61 -3.56
N LEU A 210 13.84 6.06 -2.46
CA LEU A 210 13.96 5.21 -1.27
C LEU A 210 12.62 4.70 -0.85
N ASP A 211 11.60 5.56 -0.93
CA ASP A 211 10.26 5.10 -0.65
C ASP A 211 9.73 4.16 -1.74
N PHE A 212 9.78 4.61 -2.98
CA PHE A 212 9.09 3.93 -4.04
C PHE A 212 9.67 2.56 -4.30
N GLN A 213 10.97 2.39 -4.12
CA GLN A 213 11.55 1.11 -4.48
C GLN A 213 10.89 -0.10 -3.84
N ARG A 214 10.35 0.08 -2.63
CA ARG A 214 9.72 -1.04 -1.91
C ARG A 214 8.52 -1.59 -2.64
N GLU A 215 7.88 -0.76 -3.49
CA GLU A 215 6.67 -1.19 -4.18
C GLU A 215 6.99 -2.10 -5.37
N ILE A 216 8.13 -1.87 -6.01
CA ILE A 216 8.47 -2.60 -7.24
C ILE A 216 8.56 -4.12 -6.96
N VAL A 217 9.15 -4.47 -5.80
CA VAL A 217 9.36 -5.87 -5.50
C VAL A 217 8.09 -6.59 -5.05
N LYS A 218 6.92 -5.89 -4.94
CA LYS A 218 5.68 -6.57 -4.72
C LYS A 218 5.41 -7.59 -5.85
N ILE A 219 5.94 -7.35 -7.03
CA ILE A 219 5.78 -8.29 -8.12
C ILE A 219 6.49 -9.61 -7.77
N HIS A 220 7.71 -9.53 -7.24
CA HIS A 220 8.42 -10.70 -6.72
C HIS A 220 7.67 -11.38 -5.57
N ALA A 221 6.97 -10.63 -4.72
CA ALA A 221 6.18 -11.25 -3.64
C ALA A 221 5.04 -12.05 -4.20
N VAL A 222 4.36 -11.54 -5.26
CA VAL A 222 3.25 -12.26 -5.82
C VAL A 222 3.68 -13.61 -6.43
N PHE A 223 4.65 -13.60 -7.33
CA PHE A 223 5.09 -14.79 -8.01
C PHE A 223 6.04 -15.67 -7.19
N GLY A 224 6.82 -15.05 -6.31
CA GLY A 224 7.95 -15.70 -5.62
C GLY A 224 7.90 -15.66 -4.10
N GLY A 225 6.75 -15.23 -3.56
CA GLY A 225 6.55 -15.32 -2.12
C GLY A 225 7.08 -14.19 -1.31
N LYS A 226 8.23 -13.63 -1.69
CA LYS A 226 8.90 -12.64 -0.78
C LYS A 226 10.02 -11.98 -1.54
N ASN A 227 10.43 -10.80 -1.10
CA ASN A 227 11.64 -10.18 -1.58
C ASN A 227 12.25 -9.41 -0.39
N PRO A 228 13.54 -9.57 -0.10
CA PRO A 228 14.49 -10.30 -0.88
C PRO A 228 14.30 -11.83 -0.86
N HIS A 229 14.98 -12.43 -1.82
CA HIS A 229 15.14 -13.89 -1.97
C HIS A 229 13.85 -14.63 -2.21
N PRO A 230 13.21 -14.37 -3.35
CA PRO A 230 12.02 -15.12 -3.71
C PRO A 230 12.30 -16.60 -4.02
N ASN A 231 11.24 -17.36 -4.19
CA ASN A 231 11.35 -18.82 -4.42
C ASN A 231 11.10 -19.13 -5.89
N TRP A 232 11.70 -20.25 -6.32
CA TRP A 232 11.70 -20.73 -7.67
C TRP A 232 11.60 -22.28 -7.63
N ILE A 233 11.39 -22.93 -8.79
CA ILE A 233 11.61 -24.37 -8.87
C ILE A 233 12.25 -24.77 -10.16
N VAL A 234 13.00 -25.84 -10.08
CA VAL A 234 13.44 -26.56 -11.29
C VAL A 234 12.16 -27.10 -11.93
N GLY A 235 11.96 -26.75 -13.18
CA GLY A 235 10.75 -27.14 -13.90
C GLY A 235 9.75 -26.03 -14.13
N GLY A 236 9.94 -24.87 -13.52
CA GLY A 236 9.10 -23.70 -13.82
C GLY A 236 9.05 -22.70 -12.69
N MET A 237 7.86 -22.46 -12.21
CA MET A 237 7.68 -21.67 -10.95
C MET A 237 6.62 -22.35 -10.09
N PRO A 238 6.66 -22.14 -8.77
CA PRO A 238 5.67 -22.77 -7.89
C PRO A 238 4.33 -22.05 -7.78
N CYS A 239 4.22 -20.85 -8.37
CA CYS A 239 3.05 -20.00 -8.20
C CYS A 239 1.97 -20.44 -9.19
N ALA A 240 1.30 -21.52 -8.84
CA ALA A 240 0.24 -22.11 -9.66
C ALA A 240 -0.85 -21.06 -9.88
N ILE A 241 -1.38 -21.09 -11.08
CA ILE A 241 -2.43 -20.17 -11.51
C ILE A 241 -3.82 -20.81 -11.52
N ASN A 242 -4.80 -20.05 -11.03
CA ASN A 242 -6.20 -20.48 -11.11
C ASN A 242 -7.00 -19.17 -11.17
N ILE A 243 -7.63 -18.93 -12.32
CA ILE A 243 -8.40 -17.76 -12.55
C ILE A 243 -9.88 -17.96 -12.27
N ASP A 244 -10.42 -19.08 -12.69
CA ASP A 244 -11.90 -19.20 -12.81
C ASP A 244 -12.47 -20.46 -12.23
N GLU A 245 -11.74 -21.13 -11.36
CA GLU A 245 -12.18 -22.36 -10.75
C GLU A 245 -12.22 -22.21 -9.24
N SER A 246 -12.91 -23.12 -8.60
CA SER A 246 -12.99 -23.14 -7.16
C SER A 246 -11.60 -23.13 -6.59
N GLY A 247 -11.41 -22.42 -5.50
CA GLY A 247 -10.07 -22.48 -4.96
C GLY A 247 -9.07 -21.53 -5.60
N ALA A 248 -9.53 -20.61 -6.47
CA ALA A 248 -8.62 -19.55 -6.95
C ALA A 248 -8.03 -18.73 -5.84
N VAL A 249 -8.67 -18.70 -4.66
CA VAL A 249 -8.14 -18.01 -3.50
C VAL A 249 -6.81 -18.57 -3.00
N GLY A 250 -6.52 -19.79 -3.43
CA GLY A 250 -5.30 -20.48 -3.09
C GLY A 250 -4.24 -20.42 -4.18
N ALA A 251 -4.37 -19.51 -5.14
CA ALA A 251 -3.49 -19.45 -6.29
C ALA A 251 -3.36 -18.08 -6.88
N VAL A 252 -2.50 -17.96 -7.88
CA VAL A 252 -2.38 -16.69 -8.59
C VAL A 252 -3.70 -16.52 -9.39
N ASN A 253 -4.50 -15.56 -8.97
CA ASN A 253 -5.87 -15.34 -9.48
C ASN A 253 -5.97 -13.88 -10.04
N MET A 254 -7.16 -13.45 -10.46
CA MET A 254 -7.30 -12.17 -11.16
C MET A 254 -6.90 -11.04 -10.24
N GLU A 255 -7.17 -11.16 -8.93
CA GLU A 255 -6.83 -10.09 -8.02
C GLU A 255 -5.32 -9.95 -7.87
N ARG A 256 -4.63 -11.08 -7.84
CA ARG A 256 -3.16 -11.07 -7.70
C ARG A 256 -2.56 -10.48 -8.97
N LEU A 257 -3.12 -10.87 -10.11
CA LEU A 257 -2.61 -10.28 -11.39
C LEU A 257 -2.88 -8.77 -11.50
N ASN A 258 -4.03 -8.33 -11.01
CA ASN A 258 -4.36 -6.90 -10.92
C ASN A 258 -3.35 -6.17 -10.08
N LEU A 259 -2.93 -6.75 -8.96
CA LEU A 259 -1.87 -6.15 -8.13
CA LEU A 259 -1.89 -6.14 -8.13
C LEU A 259 -0.61 -5.95 -8.99
N VAL A 260 -0.18 -6.99 -9.67
CA VAL A 260 1.04 -6.91 -10.50
C VAL A 260 0.92 -5.81 -11.53
N GLN A 261 -0.20 -5.76 -12.24
CA GLN A 261 -0.36 -4.68 -13.24
C GLN A 261 -0.23 -3.31 -12.60
N SER A 262 -0.81 -3.11 -11.41
CA SER A 262 -0.76 -1.78 -10.80
C SER A 262 0.68 -1.40 -10.48
N ILE A 263 1.46 -2.37 -10.03
CA ILE A 263 2.89 -2.11 -9.77
C ILE A 263 3.69 -1.78 -11.04
N ILE A 264 3.43 -2.51 -12.11
CA ILE A 264 4.12 -2.26 -13.37
C ILE A 264 3.92 -0.82 -13.83
N THR A 265 2.67 -0.33 -13.82
CA THR A 265 2.38 1.01 -14.28
C THR A 265 3.08 2.04 -13.44
N ARG A 266 3.05 1.85 -12.12
CA ARG A 266 3.69 2.82 -11.21
C ARG A 266 5.24 2.83 -11.40
N THR A 267 5.81 1.68 -11.67
CA THR A 267 7.25 1.49 -11.85
C THR A 267 7.72 2.15 -13.11
N ALA A 268 6.99 1.90 -14.20
CA ALA A 268 7.31 2.65 -15.44
C ALA A 268 7.23 4.21 -15.25
N ASP A 269 6.20 4.66 -14.56
CA ASP A 269 5.97 6.10 -14.40
CA ASP A 269 5.96 6.12 -14.36
C ASP A 269 7.09 6.73 -13.58
N PHE A 270 7.53 6.04 -12.53
CA PHE A 270 8.61 6.56 -11.67
C PHE A 270 9.95 6.62 -12.43
N ILE A 271 10.26 5.55 -13.13
CA ILE A 271 11.50 5.48 -13.89
C ILE A 271 11.51 6.55 -14.98
N ASN A 272 10.44 6.62 -15.73
CA ASN A 272 10.40 7.50 -16.92
C ASN A 272 10.35 8.96 -16.53
N ASN A 273 9.75 9.30 -15.39
CA ASN A 273 9.55 10.72 -15.05
C ASN A 273 10.41 11.25 -13.90
N VAL A 274 11.10 10.37 -13.19
CA VAL A 274 12.02 10.76 -12.17
C VAL A 274 13.46 10.38 -12.53
N MET A 275 13.71 9.08 -12.68
N MET A 275 13.72 9.07 -12.68
CA MET A 275 15.09 8.62 -12.85
CA MET A 275 15.10 8.60 -12.86
C MET A 275 15.68 9.11 -14.18
C MET A 275 15.69 9.09 -14.18
N ILE A 276 14.94 8.92 -15.28
CA ILE A 276 15.43 9.33 -16.58
C ILE A 276 15.81 10.82 -16.64
N PRO A 277 14.91 11.74 -16.25
CA PRO A 277 15.32 13.15 -16.29
C PRO A 277 16.47 13.47 -15.37
N ASP A 278 16.53 12.83 -14.21
CA ASP A 278 17.66 13.03 -13.35
C ASP A 278 19.01 12.60 -13.92
N ALA A 279 19.03 11.44 -14.60
CA ALA A 279 20.24 10.96 -15.26
C ALA A 279 20.65 11.96 -16.33
N LEU A 280 19.70 12.44 -17.13
CA LEU A 280 20.02 13.45 -18.15
C LEU A 280 20.54 14.74 -17.55
N ALA A 281 19.99 15.16 -16.46
CA ALA A 281 20.50 16.35 -15.76
C ALA A 281 21.88 16.16 -15.19
N ILE A 282 22.16 15.00 -14.61
CA ILE A 282 23.52 14.71 -14.17
C ILE A 282 24.43 14.80 -15.37
N GLY A 283 24.03 14.23 -16.48
CA GLY A 283 24.79 14.39 -17.74
C GLY A 283 25.03 15.84 -18.13
N GLN A 284 23.98 16.65 -18.15
CA GLN A 284 24.12 18.05 -18.59
C GLN A 284 25.11 18.83 -17.78
N PHE A 285 25.17 18.60 -16.48
CA PHE A 285 26.07 19.34 -15.60
C PHE A 285 27.45 18.73 -15.42
N ASN A 286 27.66 17.54 -15.94
CA ASN A 286 28.95 16.83 -15.74
C ASN A 286 29.49 16.25 -17.01
N LYS A 287 29.37 17.00 -18.12
CA LYS A 287 29.80 16.50 -19.39
C LYS A 287 31.24 16.06 -19.46
N PRO A 288 32.14 16.72 -18.71
CA PRO A 288 33.51 16.20 -18.80
C PRO A 288 33.72 14.74 -18.40
N TRP A 289 32.77 14.18 -17.63
CA TRP A 289 32.83 12.79 -17.23
C TRP A 289 32.43 11.86 -18.34
N SER A 290 32.04 12.41 -19.49
CA SER A 290 31.91 11.61 -20.72
C SER A 290 33.26 11.24 -21.32
N GLU A 291 34.34 11.74 -20.76
CA GLU A 291 35.69 11.45 -21.23
C GLU A 291 36.56 10.87 -20.16
N ILE A 292 35.98 10.53 -19.02
CA ILE A 292 36.75 10.03 -17.89
C ILE A 292 36.20 8.60 -17.62
N GLY A 293 37.07 7.70 -17.24
CA GLY A 293 36.71 6.34 -16.85
C GLY A 293 36.34 5.45 -17.98
N THR A 294 36.88 5.71 -19.17
CA THR A 294 36.51 4.86 -20.29
C THR A 294 36.89 3.40 -20.06
N GLY A 295 38.11 3.19 -19.61
CA GLY A 295 38.63 1.86 -19.38
C GLY A 295 38.52 0.98 -20.59
N LEU A 296 38.06 -0.23 -20.36
CA LEU A 296 37.92 -1.19 -21.42
C LEU A 296 36.72 -1.00 -22.34
N SER A 297 35.84 -0.05 -22.06
CA SER A 297 34.60 0.09 -22.81
C SER A 297 34.79 0.52 -24.23
N ASP A 298 36.00 1.00 -24.60
CA ASP A 298 36.29 1.23 -26.02
C ASP A 298 37.13 0.13 -26.63
N LYS A 299 37.31 -0.98 -25.93
CA LYS A 299 38.21 -2.04 -26.36
C LYS A 299 37.49 -3.36 -26.37
N CYS A 300 37.04 -3.80 -25.19
CA CYS A 300 36.52 -5.15 -25.05
C CYS A 300 35.27 -5.12 -24.15
N VAL A 301 34.16 -5.59 -24.69
CA VAL A 301 32.92 -5.64 -23.94
C VAL A 301 32.20 -6.95 -24.23
N LEU A 302 31.44 -7.44 -23.25
CA LEU A 302 30.87 -8.77 -23.31
C LEU A 302 29.44 -8.78 -22.76
N SER A 303 28.55 -9.47 -23.49
CA SER A 303 27.21 -9.80 -23.05
C SER A 303 26.92 -11.25 -23.42
N TYR A 304 26.29 -12.02 -22.52
CA TYR A 304 25.80 -13.32 -22.85
C TYR A 304 24.41 -13.23 -23.51
N GLY A 305 23.63 -12.22 -23.18
CA GLY A 305 22.27 -12.08 -23.61
C GLY A 305 21.29 -12.66 -22.56
N ALA A 306 20.03 -12.23 -22.65
CA ALA A 306 19.03 -12.56 -21.69
C ALA A 306 17.63 -12.36 -22.20
N PHE A 307 16.68 -12.81 -21.38
CA PHE A 307 15.26 -12.65 -21.61
C PHE A 307 14.81 -13.46 -22.83
N PRO A 308 14.92 -14.77 -22.74
CA PRO A 308 14.43 -15.60 -23.86
C PRO A 308 12.93 -15.48 -24.03
N ASP A 309 12.51 -15.01 -25.20
CA ASP A 309 11.10 -14.78 -25.42
C ASP A 309 10.37 -16.00 -25.95
N ILE A 310 11.15 -16.92 -26.54
CA ILE A 310 10.63 -18.21 -26.96
C ILE A 310 11.04 -19.19 -25.87
N ALA A 311 10.06 -19.73 -25.18
CA ALA A 311 10.36 -20.56 -24.04
C ALA A 311 11.34 -21.70 -24.40
N ASN A 312 12.36 -21.85 -23.57
CA ASN A 312 13.34 -22.92 -23.70
C ASN A 312 14.26 -22.77 -24.92
N ASP A 313 14.25 -21.58 -25.54
CA ASP A 313 15.13 -21.29 -26.66
C ASP A 313 16.04 -20.16 -26.22
N PHE A 314 17.33 -20.47 -26.08
CA PHE A 314 18.31 -19.48 -25.63
C PHE A 314 19.16 -18.91 -26.77
N GLY A 315 18.66 -19.08 -27.99
CA GLY A 315 19.34 -18.58 -29.17
C GLY A 315 19.04 -17.13 -29.46
N GLU A 316 19.75 -16.64 -30.48
CA GLU A 316 19.72 -15.28 -30.90
C GLU A 316 18.38 -14.74 -31.30
N LYS A 317 17.54 -15.57 -31.90
CA LYS A 317 16.25 -15.11 -32.27
C LYS A 317 15.30 -14.99 -31.08
N SER A 318 15.62 -15.60 -29.97
CA SER A 318 14.74 -15.61 -28.80
C SER A 318 15.11 -14.55 -27.79
N LEU A 319 16.40 -14.36 -27.53
CA LEU A 319 16.88 -13.45 -26.48
C LEU A 319 16.54 -11.99 -26.80
N LEU A 320 15.76 -11.34 -25.93
CA LEU A 320 15.40 -9.96 -26.15
C LEU A 320 16.54 -8.98 -25.84
N MET A 321 17.46 -9.35 -24.98
CA MET A 321 18.64 -8.58 -24.69
C MET A 321 19.79 -9.34 -25.37
N PRO A 322 20.40 -8.74 -26.43
CA PRO A 322 21.41 -9.40 -27.24
C PRO A 322 22.68 -9.80 -26.47
N GLY A 323 23.23 -10.96 -26.88
CA GLY A 323 24.58 -11.39 -26.51
C GLY A 323 25.61 -11.13 -27.60
N GLY A 324 26.88 -11.12 -27.22
CA GLY A 324 27.98 -10.93 -28.12
C GLY A 324 29.17 -10.41 -27.41
N ALA A 325 30.29 -10.47 -28.09
CA ALA A 325 31.56 -9.96 -27.61
C ALA A 325 32.26 -9.05 -28.65
N VAL A 326 32.86 -7.96 -28.18
CA VAL A 326 33.71 -7.13 -28.99
C VAL A 326 35.09 -7.13 -28.35
N ILE A 327 36.14 -7.32 -29.17
CA ILE A 327 37.50 -7.20 -28.72
C ILE A 327 38.30 -6.28 -29.66
N ASN A 328 39.45 -5.79 -29.16
CA ASN A 328 40.38 -4.91 -29.87
C ASN A 328 39.72 -3.66 -30.42
N GLY A 329 38.62 -3.19 -29.81
CA GLY A 329 37.98 -1.98 -30.25
C GLY A 329 37.29 -2.13 -31.56
N ASP A 330 37.11 -3.36 -32.02
CA ASP A 330 36.44 -3.58 -33.27
C ASP A 330 34.95 -3.84 -33.10
N PHE A 331 34.21 -2.74 -33.07
CA PHE A 331 32.77 -2.78 -32.85
C PHE A 331 32.04 -3.12 -34.16
N ASN A 332 32.77 -3.21 -35.30
CA ASN A 332 32.14 -3.70 -36.52
C ASN A 332 32.02 -5.19 -36.57
N ASN A 333 32.66 -5.91 -35.65
CA ASN A 333 32.55 -7.38 -35.63
C ASN A 333 32.15 -7.92 -34.25
N VAL A 334 30.87 -7.97 -34.00
CA VAL A 334 30.33 -8.55 -32.76
C VAL A 334 30.42 -10.07 -32.90
N LEU A 335 31.11 -10.67 -31.98
CA LEU A 335 31.44 -12.07 -32.05
C LEU A 335 30.46 -12.90 -31.23
N PRO A 336 30.21 -14.15 -31.66
CA PRO A 336 29.34 -15.00 -30.92
C PRO A 336 30.02 -15.60 -29.71
N VAL A 337 29.25 -15.73 -28.63
CA VAL A 337 29.78 -16.33 -27.39
C VAL A 337 29.22 -17.71 -27.17
N ASP A 338 30.07 -18.63 -26.73
CA ASP A 338 29.66 -19.99 -26.43
C ASP A 338 30.23 -20.36 -25.08
N LEU A 339 29.35 -20.62 -24.13
CA LEU A 339 29.77 -20.87 -22.76
C LEU A 339 30.24 -22.30 -22.45
N VAL A 340 30.19 -23.19 -23.45
CA VAL A 340 30.72 -24.56 -23.32
C VAL A 340 32.12 -24.63 -23.90
N ASP A 341 32.46 -23.74 -24.81
CA ASP A 341 33.78 -23.73 -25.46
C ASP A 341 34.90 -23.49 -24.40
N PRO A 342 35.79 -24.48 -24.19
CA PRO A 342 36.87 -24.28 -23.23
C PRO A 342 37.87 -23.17 -23.54
N GLN A 343 37.89 -22.71 -24.78
CA GLN A 343 38.82 -21.65 -25.16
C GLN A 343 38.23 -20.27 -24.96
N GLN A 344 36.96 -20.19 -24.56
CA GLN A 344 36.31 -18.89 -24.40
C GLN A 344 36.39 -18.37 -22.98
N VAL A 345 35.42 -18.67 -22.12
CA VAL A 345 35.54 -18.23 -20.72
C VAL A 345 36.51 -19.08 -19.94
N GLN A 346 37.53 -18.44 -19.37
CA GLN A 346 38.47 -19.08 -18.45
C GLN A 346 38.78 -18.14 -17.29
N GLU A 347 39.08 -18.71 -16.11
CA GLU A 347 39.43 -17.97 -14.97
C GLU A 347 40.86 -18.30 -14.51
N PHE A 348 41.61 -17.21 -14.23
CA PHE A 348 42.97 -17.31 -13.78
C PHE A 348 43.02 -16.98 -12.31
N VAL A 349 43.97 -17.54 -11.60
CA VAL A 349 44.15 -17.20 -10.17
C VAL A 349 45.60 -16.88 -9.75
N ASP A 350 46.47 -16.59 -10.71
CA ASP A 350 47.84 -16.20 -10.36
C ASP A 350 47.94 -14.92 -9.55
N HIS A 351 46.93 -14.05 -9.62
CA HIS A 351 46.86 -12.89 -8.76
C HIS A 351 45.70 -12.91 -7.74
N ALA A 352 45.20 -14.07 -7.44
CA ALA A 352 44.04 -14.29 -6.53
C ALA A 352 44.40 -15.32 -5.46
N TRP A 353 43.65 -15.29 -4.38
CA TRP A 353 43.89 -16.15 -3.24
C TRP A 353 43.26 -17.54 -3.37
N TYR A 354 43.74 -18.28 -4.38
CA TYR A 354 43.26 -19.63 -4.70
C TYR A 354 44.43 -20.46 -5.22
N ARG A 355 44.29 -21.77 -5.13
CA ARG A 355 45.29 -22.70 -5.67
CA ARG A 355 45.29 -22.70 -5.66
C ARG A 355 44.82 -23.39 -6.92
N TYR A 356 45.69 -23.41 -7.93
CA TYR A 356 45.49 -24.26 -9.07
C TYR A 356 46.75 -25.14 -9.11
N PRO A 357 46.65 -26.30 -9.73
CA PRO A 357 47.89 -27.08 -9.99
C PRO A 357 48.90 -26.29 -10.85
N ASN A 358 48.41 -25.56 -11.86
CA ASN A 358 49.23 -24.65 -12.61
C ASN A 358 48.54 -23.28 -12.68
N ASP A 359 49.09 -22.30 -11.94
CA ASP A 359 48.50 -20.96 -11.90
C ASP A 359 48.76 -20.04 -13.11
N GLN A 360 49.51 -20.55 -14.09
CA GLN A 360 49.74 -19.78 -15.29
C GLN A 360 48.74 -20.12 -16.32
N VAL A 361 47.75 -20.98 -16.05
CA VAL A 361 46.81 -21.27 -17.08
C VAL A 361 45.41 -20.95 -16.55
N GLY A 362 44.52 -20.71 -17.48
CA GLY A 362 43.13 -20.33 -17.15
C GLY A 362 42.27 -21.56 -17.22
N ARG A 363 41.26 -21.68 -16.33
CA ARG A 363 40.38 -22.83 -16.32
C ARG A 363 38.98 -22.42 -16.71
N HIS A 364 38.42 -23.11 -17.71
CA HIS A 364 37.04 -23.00 -18.05
C HIS A 364 36.23 -23.45 -16.83
N PRO A 365 35.00 -22.94 -16.63
CA PRO A 365 34.34 -23.33 -15.37
C PRO A 365 34.00 -24.80 -15.17
N PHE A 366 33.80 -25.53 -16.25
CA PHE A 366 33.62 -26.97 -16.11
C PHE A 366 34.85 -27.68 -15.60
N ASP A 367 36.01 -27.06 -15.68
CA ASP A 367 37.26 -27.55 -15.10
C ASP A 367 37.66 -26.65 -13.95
N GLY A 368 36.69 -25.92 -13.35
CA GLY A 368 37.01 -24.94 -12.36
C GLY A 368 37.42 -25.54 -11.04
N ILE A 369 38.20 -24.80 -10.29
CA ILE A 369 38.67 -25.25 -8.95
C ILE A 369 38.52 -24.06 -8.02
N THR A 370 37.91 -24.30 -6.86
CA THR A 370 37.81 -23.28 -5.82
C THR A 370 38.44 -23.79 -4.53
N ASP A 371 39.75 -23.54 -4.40
CA ASP A 371 40.57 -24.04 -3.28
C ASP A 371 41.21 -22.82 -2.69
N PRO A 372 40.59 -22.25 -1.68
CA PRO A 372 41.04 -20.97 -1.12
C PRO A 372 42.38 -21.00 -0.51
N TRP A 373 43.16 -19.96 -0.76
CA TRP A 373 44.53 -19.88 -0.29
C TRP A 373 44.91 -18.44 0.00
N TYR A 374 44.77 -18.05 1.27
CA TYR A 374 45.10 -16.69 1.65
C TYR A 374 46.62 -16.55 1.69
N ASN A 375 47.15 -15.79 0.74
CA ASN A 375 48.57 -15.70 0.56
C ASN A 375 48.92 -14.38 -0.04
N PRO A 376 48.94 -13.34 0.80
CA PRO A 376 49.15 -12.02 0.33
C PRO A 376 50.63 -11.62 0.11
N GLY A 377 51.53 -12.51 0.51
CA GLY A 377 53.01 -12.23 0.40
C GLY A 377 53.38 -10.99 1.19
N ASP A 378 54.36 -10.20 0.74
CA ASP A 378 54.73 -8.97 1.50
C ASP A 378 53.81 -7.77 1.22
N VAL A 379 53.12 -7.32 2.23
CA VAL A 379 52.10 -6.32 2.15
C VAL A 379 52.37 -5.12 3.13
N LYS A 380 53.64 -4.98 3.42
CA LYS A 380 54.02 -3.91 4.34
C LYS A 380 53.33 -3.96 5.72
N GLY A 381 53.09 -5.11 6.26
CA GLY A 381 52.40 -5.11 7.53
C GLY A 381 52.52 -6.50 7.95
N SER A 382 51.43 -7.24 7.90
CA SER A 382 51.49 -8.62 8.23
C SER A 382 50.32 -9.29 7.51
N ASP A 383 50.22 -10.61 7.61
CA ASP A 383 49.04 -11.31 7.02
C ASP A 383 47.67 -10.81 7.54
N THR A 384 47.62 -10.25 8.74
CA THR A 384 46.38 -9.70 9.38
C THR A 384 46.39 -8.19 9.43
N ASN A 385 47.32 -7.60 8.70
CA ASN A 385 47.36 -6.17 8.62
C ASN A 385 47.94 -5.71 7.28
N ILE A 386 47.08 -5.66 6.30
CA ILE A 386 47.49 -5.23 4.96
C ILE A 386 47.58 -3.67 4.91
N GLN A 387 48.82 -3.15 4.84
CA GLN A 387 49.03 -1.78 4.60
C GLN A 387 49.06 -1.45 3.12
N GLN A 388 49.69 -2.30 2.33
CA GLN A 388 49.68 -2.19 0.88
CA GLN A 388 49.70 -2.16 0.87
C GLN A 388 49.69 -3.57 0.25
N LEU A 389 48.67 -3.85 -0.54
CA LEU A 389 48.62 -5.09 -1.31
C LEU A 389 49.82 -5.15 -2.20
N ASN A 390 50.22 -6.36 -2.52
CA ASN A 390 51.25 -6.55 -3.51
C ASN A 390 50.68 -7.06 -4.80
N GLU A 391 50.38 -6.16 -5.66
CA GLU A 391 49.79 -6.49 -6.92
C GLU A 391 50.65 -7.24 -7.90
N GLN A 392 51.94 -7.40 -7.59
CA GLN A 392 52.79 -8.29 -8.38
C GLN A 392 52.54 -9.73 -8.00
N GLU A 393 51.86 -9.97 -6.89
CA GLU A 393 51.48 -11.32 -6.59
C GLU A 393 49.98 -11.42 -6.25
N ARG A 394 49.58 -12.15 -5.24
CA ARG A 394 48.13 -12.45 -5.09
C ARG A 394 47.52 -11.38 -4.23
N TYR A 395 46.39 -10.80 -4.72
CA TYR A 395 45.85 -9.64 -4.05
C TYR A 395 44.36 -9.51 -3.92
N SER A 396 43.64 -10.61 -4.12
CA SER A 396 42.19 -10.54 -4.15
C SER A 396 41.52 -11.89 -3.93
N TRP A 397 40.30 -11.86 -3.36
CA TRP A 397 39.45 -13.02 -3.36
C TRP A 397 38.67 -13.20 -4.65
N ILE A 398 38.86 -12.31 -5.63
CA ILE A 398 38.14 -12.39 -6.90
C ILE A 398 39.02 -13.10 -7.93
N LYS A 399 38.49 -14.15 -8.57
CA LYS A 399 39.17 -14.76 -9.71
C LYS A 399 39.21 -13.83 -10.89
N ALA A 400 40.11 -14.09 -11.82
CA ALA A 400 40.27 -13.27 -13.01
C ALA A 400 39.69 -13.95 -14.30
N PRO A 401 38.44 -13.66 -14.66
CA PRO A 401 37.90 -14.23 -15.91
C PRO A 401 38.41 -13.48 -17.12
N ARG A 402 38.57 -14.22 -18.21
CA ARG A 402 38.94 -13.63 -19.49
C ARG A 402 38.13 -14.38 -20.54
N TRP A 403 37.92 -13.74 -21.67
CA TRP A 403 37.20 -14.34 -22.80
C TRP A 403 38.19 -14.41 -23.99
N ARG A 404 38.48 -15.63 -24.42
CA ARG A 404 39.55 -15.86 -25.39
C ARG A 404 40.85 -15.15 -24.98
N GLY A 405 41.11 -15.11 -23.67
CA GLY A 405 42.30 -14.45 -23.13
C GLY A 405 42.22 -12.96 -23.02
N ASN A 406 41.09 -12.34 -23.43
CA ASN A 406 40.92 -10.92 -23.36
C ASN A 406 40.22 -10.45 -22.09
N ALA A 407 40.67 -9.32 -21.56
CA ALA A 407 40.00 -8.73 -20.41
C ALA A 407 38.82 -7.93 -20.93
N MET A 408 37.64 -8.15 -20.34
CA MET A 408 36.38 -7.59 -20.84
C MET A 408 35.68 -6.75 -19.79
N GLU A 409 34.88 -5.82 -20.25
CA GLU A 409 33.94 -5.13 -19.36
C GLU A 409 32.56 -5.72 -19.63
N VAL A 410 31.79 -5.91 -18.55
CA VAL A 410 30.39 -6.35 -18.63
C VAL A 410 29.46 -5.30 -18.00
N GLY A 411 28.15 -5.47 -18.23
CA GLY A 411 27.18 -4.56 -17.59
C GLY A 411 26.39 -3.72 -18.55
N PRO A 412 25.65 -2.70 -18.02
CA PRO A 412 24.75 -1.91 -18.85
C PRO A 412 25.44 -1.24 -20.05
N LEU A 413 26.61 -0.63 -19.82
CA LEU A 413 27.35 -0.02 -20.93
C LEU A 413 27.80 -1.03 -21.98
N ALA A 414 28.36 -2.13 -21.54
CA ALA A 414 28.66 -3.25 -22.44
C ALA A 414 27.49 -3.73 -23.24
N ARG A 415 26.36 -3.97 -22.58
CA ARG A 415 25.20 -4.47 -23.29
C ARG A 415 24.68 -3.45 -24.30
N THR A 416 24.72 -2.18 -23.91
CA THR A 416 24.23 -1.11 -24.77
C THR A 416 25.07 -1.09 -26.06
N LEU A 417 26.39 -1.17 -25.91
CA LEU A 417 27.32 -1.17 -27.03
C LEU A 417 27.13 -2.38 -27.93
N ILE A 418 26.96 -3.54 -27.32
CA ILE A 418 26.71 -4.75 -28.09
C ILE A 418 25.39 -4.59 -28.89
N ALA A 419 24.29 -4.26 -28.21
CA ALA A 419 23.00 -4.16 -28.89
C ALA A 419 23.05 -3.05 -29.99
N TYR A 420 23.69 -1.92 -29.67
CA TYR A 420 23.82 -0.80 -30.62
C TYR A 420 24.52 -1.31 -31.87
N HIS A 421 25.65 -1.99 -31.69
CA HIS A 421 26.45 -2.41 -32.80
C HIS A 421 25.93 -3.67 -33.49
N LYS A 422 25.03 -4.41 -32.88
CA LYS A 422 24.30 -5.43 -33.64
C LYS A 422 23.14 -4.82 -34.44
N GLY A 423 22.83 -3.55 -34.26
CA GLY A 423 21.75 -2.88 -34.98
C GLY A 423 20.38 -3.04 -34.36
N ASP A 424 20.31 -3.27 -33.06
CA ASP A 424 19.01 -3.27 -32.37
C ASP A 424 18.40 -1.84 -32.50
N ALA A 425 17.23 -1.74 -33.12
CA ALA A 425 16.68 -0.43 -33.49
C ALA A 425 16.31 0.42 -32.32
N ALA A 426 15.70 -0.18 -31.29
CA ALA A 426 15.28 0.56 -30.13
C ALA A 426 16.51 1.12 -29.42
N THR A 427 17.55 0.29 -29.31
CA THR A 427 18.79 0.71 -28.65
C THR A 427 19.46 1.86 -29.44
N VAL A 428 19.60 1.71 -30.76
CA VAL A 428 20.22 2.76 -31.59
C VAL A 428 19.48 4.08 -31.42
N GLU A 429 18.16 4.01 -31.48
CA GLU A 429 17.37 5.19 -31.39
C GLU A 429 17.50 5.85 -30.01
N SER A 430 17.42 5.05 -28.96
CA SER A 430 17.51 5.55 -27.60
C SER A 430 18.90 6.19 -27.34
N VAL A 431 19.97 5.51 -27.72
CA VAL A 431 21.32 6.03 -27.48
C VAL A 431 21.53 7.33 -28.29
N ASP A 432 21.15 7.30 -29.56
CA ASP A 432 21.32 8.52 -30.41
C ASP A 432 20.56 9.72 -29.86
N ARG A 433 19.31 9.51 -29.45
CA ARG A 433 18.50 10.60 -28.87
C ARG A 433 19.12 11.11 -27.56
N MET A 434 19.60 10.19 -26.73
CA MET A 434 20.21 10.55 -25.46
C MET A 434 21.48 11.38 -25.64
N MET A 435 22.36 10.95 -26.52
CA MET A 435 23.62 11.67 -26.75
C MET A 435 23.36 12.99 -27.50
N SER A 436 22.34 13.01 -28.36
CA SER A 436 21.91 14.26 -29.00
C SER A 436 21.43 15.28 -28.00
N ALA A 437 20.64 14.86 -27.01
CA ALA A 437 20.14 15.76 -26.00
C ALA A 437 21.24 16.36 -25.15
N LEU A 438 22.34 15.63 -24.95
CA LEU A 438 23.51 16.15 -24.27
C LEU A 438 24.52 16.87 -25.14
N ASN A 439 24.31 16.86 -26.46
CA ASN A 439 25.27 17.40 -27.43
C ASN A 439 26.64 16.80 -27.29
N LEU A 440 26.65 15.46 -27.20
CA LEU A 440 27.88 14.69 -27.12
C LEU A 440 27.92 13.69 -28.25
N PRO A 441 29.12 13.34 -28.70
CA PRO A 441 29.28 12.24 -29.66
C PRO A 441 28.94 10.86 -29.03
N LEU A 442 28.72 9.86 -29.89
CA LEU A 442 28.42 8.51 -29.45
C LEU A 442 29.49 8.00 -28.50
N SER A 443 30.76 8.35 -28.76
CA SER A 443 31.84 7.93 -27.91
C SER A 443 31.71 8.39 -26.44
N GLY A 444 30.92 9.45 -26.20
CA GLY A 444 30.70 9.92 -24.82
C GLY A 444 30.07 8.87 -23.89
N ILE A 445 29.39 7.87 -24.45
CA ILE A 445 28.83 6.77 -23.67
C ILE A 445 29.87 5.87 -23.10
N GLN A 446 31.06 5.88 -23.72
CA GLN A 446 32.17 5.03 -23.27
C GLN A 446 32.95 5.73 -22.23
N SER A 447 32.43 5.68 -20.99
CA SER A 447 32.88 6.55 -19.94
C SER A 447 32.13 6.26 -18.65
N THR A 448 32.58 6.85 -17.54
CA THR A 448 31.90 6.74 -16.27
C THR A 448 30.51 7.35 -16.35
N LEU A 449 30.37 8.55 -16.95
CA LEU A 449 29.04 9.13 -17.14
C LEU A 449 28.17 8.20 -17.95
N GLY A 450 28.73 7.66 -19.01
CA GLY A 450 28.02 6.72 -19.89
C GLY A 450 27.42 5.54 -19.15
N ARG A 451 28.18 4.99 -18.22
CA ARG A 451 27.68 3.81 -17.46
C ARG A 451 26.41 4.15 -16.73
N ILE A 452 26.39 5.34 -16.14
CA ILE A 452 25.20 5.82 -15.46
C ILE A 452 24.04 6.05 -16.42
N LEU A 453 24.32 6.67 -17.57
CA LEU A 453 23.26 6.91 -18.55
C LEU A 453 22.66 5.62 -19.06
N CYS A 454 23.53 4.64 -19.32
CA CYS A 454 23.05 3.38 -19.86
C CYS A 454 22.22 2.63 -18.83
N ARG A 455 22.59 2.75 -17.56
CA ARG A 455 21.84 2.13 -16.46
C ARG A 455 20.44 2.69 -16.40
N ALA A 456 20.30 4.01 -16.45
CA ALA A 456 18.95 4.59 -16.54
C ALA A 456 18.17 4.13 -17.78
N HIS A 457 18.79 4.16 -18.93
CA HIS A 457 18.20 3.67 -20.16
C HIS A 457 17.68 2.24 -19.96
N GLU A 458 18.46 1.39 -19.33
CA GLU A 458 18.07 0.04 -19.16
C GLU A 458 16.89 -0.10 -18.22
N ALA A 459 16.85 0.73 -17.20
CA ALA A 459 15.70 0.70 -16.29
C ALA A 459 14.40 1.02 -17.06
N GLN A 460 14.47 2.01 -17.91
CA GLN A 460 13.32 2.32 -18.80
C GLN A 460 12.96 1.17 -19.76
N TRP A 461 13.99 0.59 -20.36
CA TRP A 461 13.81 -0.60 -21.23
C TRP A 461 13.11 -1.72 -20.49
N ALA A 462 13.56 -2.00 -19.26
CA ALA A 462 13.04 -3.12 -18.50
C ALA A 462 11.61 -2.88 -18.06
N ALA A 463 11.29 -1.64 -17.69
CA ALA A 463 9.92 -1.29 -17.31
C ALA A 463 8.98 -1.51 -18.49
N GLY A 464 9.42 -1.18 -19.69
CA GLY A 464 8.61 -1.47 -20.86
C GLY A 464 8.47 -2.96 -21.11
N LYS A 465 9.55 -3.72 -20.94
CA LYS A 465 9.47 -5.18 -21.11
C LYS A 465 8.59 -5.84 -20.05
N LEU A 466 8.57 -5.29 -18.86
CA LEU A 466 7.63 -5.82 -17.87
C LEU A 466 6.17 -5.88 -18.34
N GLN A 467 5.71 -4.79 -18.96
CA GLN A 467 4.38 -4.77 -19.47
C GLN A 467 4.21 -5.78 -20.59
N TYR A 468 5.21 -5.87 -21.48
CA TYR A 468 5.16 -6.76 -22.60
C TYR A 468 4.98 -8.24 -22.10
N PHE A 469 5.76 -8.61 -21.09
CA PHE A 469 5.72 -9.94 -20.53
C PHE A 469 4.38 -10.18 -19.83
N PHE A 470 3.91 -9.19 -19.06
CA PHE A 470 2.61 -9.36 -18.40
C PHE A 470 1.51 -9.58 -19.47
N ASP A 471 1.55 -8.79 -20.54
CA ASP A 471 0.54 -8.92 -21.59
C ASP A 471 0.62 -10.30 -22.21
N LYS A 472 1.83 -10.83 -22.38
CA LYS A 472 1.98 -12.20 -22.90
C LYS A 472 1.41 -13.26 -21.96
N LEU A 473 1.63 -13.07 -20.65
CA LEU A 473 1.01 -13.94 -19.69
C LEU A 473 -0.52 -13.88 -19.79
N MET A 474 -1.07 -12.67 -19.78
CA MET A 474 -2.55 -12.55 -19.88
C MET A 474 -3.14 -13.17 -21.17
N THR A 475 -2.42 -13.04 -22.27
CA THR A 475 -2.82 -13.63 -23.51
C THR A 475 -2.89 -15.15 -23.37
N ASN A 476 -1.88 -15.75 -22.73
CA ASN A 476 -1.95 -17.23 -22.56
C ASN A 476 -3.18 -17.58 -21.69
N LEU A 477 -3.39 -16.84 -20.60
CA LEU A 477 -4.52 -17.09 -19.69
C LEU A 477 -5.88 -16.96 -20.44
N LYS A 478 -6.00 -15.95 -21.29
CA LYS A 478 -7.22 -15.82 -22.10
C LYS A 478 -7.40 -17.03 -23.04
N ASN A 479 -6.31 -17.68 -23.46
CA ASN A 479 -6.37 -18.84 -24.32
C ASN A 479 -6.41 -20.13 -23.54
N GLY A 480 -6.54 -20.05 -22.23
CA GLY A 480 -6.71 -21.26 -21.43
C GLY A 480 -5.41 -22.04 -21.16
N ASN A 481 -4.28 -21.39 -21.32
CA ASN A 481 -2.96 -22.01 -21.11
C ASN A 481 -2.47 -21.50 -19.74
N LEU A 482 -2.66 -22.34 -18.72
CA LEU A 482 -2.40 -21.98 -17.35
C LEU A 482 -1.09 -22.59 -16.77
N ALA A 483 -0.47 -23.53 -17.47
CA ALA A 483 0.58 -24.35 -16.87
C ALA A 483 1.77 -23.50 -16.39
N THR A 484 2.29 -23.83 -15.22
CA THR A 484 3.45 -23.17 -14.67
C THR A 484 4.60 -24.08 -14.33
N ALA A 485 4.43 -25.39 -14.41
CA ALA A 485 5.55 -26.27 -14.10
C ALA A 485 5.48 -27.49 -14.97
N SER A 486 6.65 -28.01 -15.31
CA SER A 486 6.80 -29.32 -15.88
C SER A 486 7.44 -30.22 -14.83
N THR A 487 6.82 -31.37 -14.56
CA THR A 487 7.29 -32.24 -13.50
C THR A 487 7.71 -33.62 -14.02
N GLU A 488 7.71 -33.80 -15.33
CA GLU A 488 8.13 -35.09 -15.94
C GLU A 488 9.50 -35.58 -15.43
N LYS A 489 10.41 -34.67 -15.19
CA LYS A 489 11.75 -35.03 -14.71
C LYS A 489 12.06 -34.41 -13.34
N TRP A 490 11.06 -34.30 -12.48
CA TRP A 490 11.26 -33.83 -11.13
C TRP A 490 11.99 -34.88 -10.32
N GLU A 491 11.62 -36.15 -10.49
CA GLU A 491 12.17 -37.23 -9.65
C GLU A 491 13.59 -37.59 -10.12
N PRO A 492 14.53 -37.71 -9.20
CA PRO A 492 15.93 -38.03 -9.61
C PRO A 492 16.11 -39.36 -10.37
N ALA A 493 15.19 -40.32 -10.18
CA ALA A 493 15.25 -41.54 -10.94
C ALA A 493 15.07 -41.29 -12.42
N THR A 494 14.58 -40.12 -12.83
CA THR A 494 14.39 -39.81 -14.27
C THR A 494 15.60 -39.13 -14.88
N TRP A 495 16.60 -38.77 -14.09
CA TRP A 495 17.72 -37.96 -14.59
C TRP A 495 18.85 -38.81 -15.21
N PRO A 496 19.63 -38.23 -16.13
CA PRO A 496 20.85 -38.91 -16.53
C PRO A 496 21.73 -39.18 -15.27
N THR A 497 22.43 -40.29 -15.24
CA THR A 497 23.39 -40.59 -14.18
C THR A 497 24.50 -39.52 -14.12
N GLU A 498 24.91 -39.02 -15.27
CA GLU A 498 25.93 -38.04 -15.34
C GLU A 498 25.52 -37.03 -16.40
N CYS A 499 25.48 -35.73 -16.07
CA CYS A 499 25.16 -34.71 -17.06
C CYS A 499 25.68 -33.36 -16.57
N ARG A 500 25.77 -32.42 -17.47
CA ARG A 500 26.18 -31.11 -17.08
C ARG A 500 25.45 -30.06 -17.90
N GLY A 501 25.44 -28.88 -17.39
CA GLY A 501 24.63 -27.81 -17.99
C GLY A 501 25.14 -26.44 -17.61
N VAL A 502 24.74 -25.46 -18.43
CA VAL A 502 25.10 -24.07 -18.25
C VAL A 502 23.80 -23.28 -18.19
N GLY A 503 23.73 -22.36 -17.23
CA GLY A 503 22.62 -21.43 -17.06
C GLY A 503 23.24 -20.03 -17.17
N PHE A 504 22.69 -19.18 -18.06
CA PHE A 504 23.22 -17.87 -18.19
C PHE A 504 22.17 -16.82 -18.32
N THR A 505 22.52 -15.59 -17.95
CA THR A 505 21.62 -14.45 -18.09
C THR A 505 22.44 -13.17 -17.97
N GLU A 506 21.75 -12.05 -18.11
CA GLU A 506 22.33 -10.72 -17.90
C GLU A 506 21.68 -10.22 -16.62
N ALA A 507 22.46 -10.24 -15.54
CA ALA A 507 22.06 -9.67 -14.29
C ALA A 507 22.21 -8.16 -14.40
N PRO A 508 21.68 -7.40 -13.44
CA PRO A 508 21.83 -5.93 -13.51
C PRO A 508 23.24 -5.40 -13.76
N ARG A 509 24.25 -6.11 -13.26
CA ARG A 509 25.64 -5.71 -13.37
C ARG A 509 26.40 -6.32 -14.53
N GLY A 510 25.77 -7.25 -15.26
CA GLY A 510 26.38 -7.87 -16.41
C GLY A 510 26.17 -9.36 -16.59
N ALA A 511 27.07 -9.96 -17.36
CA ALA A 511 26.97 -11.36 -17.79
C ALA A 511 27.23 -12.34 -16.65
N LEU A 512 26.25 -13.20 -16.41
CA LEU A 512 26.25 -14.18 -15.33
C LEU A 512 26.15 -15.59 -15.90
N GLY A 513 26.99 -16.47 -15.40
CA GLY A 513 26.91 -17.88 -15.76
C GLY A 513 27.10 -18.78 -14.57
N HIS A 514 26.33 -19.87 -14.55
CA HIS A 514 26.48 -20.98 -13.59
C HIS A 514 26.70 -22.23 -14.44
N TRP A 515 27.78 -22.97 -14.11
CA TRP A 515 28.13 -24.23 -14.75
C TRP A 515 27.98 -25.33 -13.76
N ALA A 516 27.11 -26.32 -14.04
CA ALA A 516 26.84 -27.34 -13.06
C ALA A 516 27.06 -28.72 -13.67
N ALA A 517 27.63 -29.61 -12.88
CA ALA A 517 27.70 -31.02 -13.23
C ALA A 517 27.02 -31.85 -12.18
N ILE A 518 26.15 -32.76 -12.64
CA ILE A 518 25.34 -33.61 -11.82
C ILE A 518 25.85 -35.05 -12.01
N ARG A 519 26.06 -35.72 -10.90
CA ARG A 519 26.39 -37.15 -10.95
C ARG A 519 25.67 -37.90 -9.83
N ASP A 520 24.98 -38.99 -10.17
CA ASP A 520 24.35 -39.82 -9.19
C ASP A 520 23.36 -39.04 -8.33
N GLY A 521 22.64 -38.13 -8.96
CA GLY A 521 21.61 -37.36 -8.29
C GLY A 521 22.07 -36.18 -7.46
N LYS A 522 23.35 -35.89 -7.47
CA LYS A 522 23.91 -34.80 -6.64
C LYS A 522 24.82 -33.89 -7.47
N ILE A 523 25.00 -32.67 -6.97
CA ILE A 523 25.88 -31.73 -7.57
C ILE A 523 27.31 -32.22 -7.35
N ASP A 524 27.98 -32.46 -8.47
CA ASP A 524 29.36 -32.90 -8.46
C ASP A 524 30.30 -31.67 -8.57
N LEU A 525 29.87 -30.63 -9.31
CA LEU A 525 30.62 -29.39 -9.50
C LEU A 525 29.63 -28.26 -9.76
N TYR A 526 29.92 -27.12 -9.18
CA TYR A 526 29.07 -25.98 -9.43
C TYR A 526 30.01 -24.79 -9.40
N GLN A 527 30.23 -24.19 -10.53
CA GLN A 527 31.06 -23.05 -10.64
C GLN A 527 30.32 -21.82 -11.20
N CYS A 528 30.55 -20.66 -10.57
CA CYS A 528 29.88 -19.43 -10.93
C CYS A 528 30.91 -18.44 -11.38
N VAL A 529 30.60 -17.75 -12.46
CA VAL A 529 31.35 -16.57 -12.89
C VAL A 529 30.36 -15.44 -13.03
N VAL A 530 30.54 -14.39 -12.25
CA VAL A 530 29.50 -13.41 -12.00
C VAL A 530 29.96 -12.06 -12.53
N PRO A 531 29.04 -11.15 -12.84
CA PRO A 531 29.49 -9.96 -13.54
C PRO A 531 30.56 -9.15 -12.82
N THR A 532 30.45 -8.95 -11.51
CA THR A 532 31.52 -8.20 -10.85
C THR A 532 32.79 -9.02 -10.78
N THR A 533 32.73 -10.31 -10.90
CA THR A 533 34.01 -11.08 -11.02
C THR A 533 34.77 -10.55 -12.25
N TRP A 534 34.07 -10.40 -13.39
CA TRP A 534 34.67 -9.82 -14.57
C TRP A 534 35.17 -8.43 -14.27
N ASN A 535 34.31 -7.55 -13.81
CA ASN A 535 34.68 -6.17 -13.81
C ASN A 535 35.77 -5.88 -12.78
N ALA A 536 35.67 -6.51 -11.61
CA ALA A 536 36.58 -6.25 -10.48
C ALA A 536 37.80 -7.14 -10.49
N SER A 537 37.92 -7.92 -11.54
CA SER A 537 39.00 -8.88 -11.77
C SER A 537 40.40 -8.33 -11.39
N PRO A 538 41.23 -9.16 -10.74
CA PRO A 538 42.65 -8.83 -10.70
C PRO A 538 43.33 -9.19 -12.03
N ARG A 539 44.65 -9.08 -12.03
CA ARG A 539 45.46 -9.30 -13.23
C ARG A 539 45.63 -10.76 -13.56
N ASP A 540 46.08 -11.04 -14.78
CA ASP A 540 46.30 -12.40 -15.29
C ASP A 540 47.82 -12.61 -15.55
N PRO A 541 48.20 -13.78 -16.06
CA PRO A 541 49.66 -14.03 -16.20
C PRO A 541 50.34 -13.09 -17.17
N LYS A 542 49.63 -12.49 -18.10
CA LYS A 542 50.18 -11.47 -18.97
C LYS A 542 50.21 -10.08 -18.34
N GLY A 543 49.75 -9.90 -17.09
CA GLY A 543 49.66 -8.59 -16.50
C GLY A 543 48.46 -7.77 -17.02
N GLN A 544 47.54 -8.36 -17.79
CA GLN A 544 46.42 -7.61 -18.27
C GLN A 544 45.47 -7.23 -17.10
N ILE A 545 44.97 -5.99 -17.15
CA ILE A 545 44.18 -5.39 -16.11
C ILE A 545 42.68 -5.52 -16.46
N GLY A 546 41.90 -5.73 -15.42
CA GLY A 546 40.47 -5.76 -15.59
C GLY A 546 39.79 -4.42 -15.66
N ALA A 547 38.45 -4.48 -15.73
CA ALA A 547 37.66 -3.32 -16.14
C ALA A 547 37.77 -2.17 -15.13
N TYR A 548 37.70 -2.47 -13.84
CA TYR A 548 37.84 -1.46 -12.85
C TYR A 548 39.22 -0.77 -12.85
N GLU A 549 40.27 -1.58 -12.83
CA GLU A 549 41.63 -1.08 -12.84
C GLU A 549 41.85 -0.20 -14.09
N ALA A 550 41.35 -0.66 -15.25
CA ALA A 550 41.52 0.12 -16.51
C ALA A 550 40.76 1.45 -16.43
N ALA A 551 39.50 1.41 -15.92
CA ALA A 551 38.74 2.62 -15.84
C ALA A 551 39.30 3.69 -14.90
N LEU A 552 40.00 3.25 -13.85
CA LEU A 552 40.63 4.14 -12.93
C LEU A 552 41.93 4.75 -13.50
N MET A 553 42.59 4.02 -14.37
CA MET A 553 43.82 4.50 -14.99
C MET A 553 43.62 5.85 -15.62
N ASN A 554 44.65 6.70 -15.46
CA ASN A 554 44.74 7.97 -16.16
C ASN A 554 43.80 9.06 -15.61
N THR A 555 43.20 8.83 -14.44
CA THR A 555 42.23 9.75 -13.89
C THR A 555 42.89 10.80 -12.97
N LYS A 556 42.56 12.05 -13.20
CA LYS A 556 43.00 13.17 -12.38
C LYS A 556 42.20 13.22 -11.08
N MET A 557 42.90 13.41 -9.98
CA MET A 557 42.26 13.65 -8.69
C MET A 557 42.56 15.09 -8.26
N ALA A 558 41.52 15.79 -7.85
CA ALA A 558 41.66 17.15 -7.35
C ALA A 558 42.31 17.17 -5.98
N ILE A 559 41.91 16.25 -5.10
CA ILE A 559 42.33 16.25 -3.75
C ILE A 559 42.61 14.77 -3.46
N PRO A 560 43.90 14.38 -3.42
CA PRO A 560 44.24 12.97 -3.25
C PRO A 560 43.62 12.30 -2.05
N GLU A 561 43.48 13.03 -0.95
CA GLU A 561 42.99 12.46 0.27
C GLU A 561 41.47 12.24 0.27
N GLN A 562 40.77 12.83 -0.71
CA GLN A 562 39.29 12.70 -0.81
C GLN A 562 39.01 12.01 -2.12
N PRO A 563 38.86 10.70 -2.12
CA PRO A 563 38.83 9.93 -3.36
C PRO A 563 37.56 10.01 -4.19
N LEU A 564 36.97 11.21 -4.36
CA LEU A 564 35.67 11.30 -5.02
C LEU A 564 35.68 10.77 -6.41
N GLU A 565 36.77 11.04 -7.17
CA GLU A 565 36.85 10.55 -8.52
C GLU A 565 36.96 9.04 -8.58
N ILE A 566 37.64 8.43 -7.64
CA ILE A 566 37.73 6.97 -7.61
C ILE A 566 36.34 6.36 -7.33
N LEU A 567 35.68 6.94 -6.35
CA LEU A 567 34.32 6.48 -6.00
C LEU A 567 33.36 6.64 -7.15
N ARG A 568 33.45 7.76 -7.86
CA ARG A 568 32.54 7.96 -8.99
C ARG A 568 32.68 6.87 -10.01
N THR A 569 33.92 6.57 -10.44
CA THR A 569 34.11 5.54 -11.44
C THR A 569 33.75 4.16 -10.94
N LEU A 570 34.19 3.80 -9.75
CA LEU A 570 33.88 2.46 -9.27
C LEU A 570 32.37 2.30 -9.11
N HIS A 571 31.72 3.30 -8.50
CA HIS A 571 30.26 3.22 -8.31
C HIS A 571 29.54 3.12 -9.67
N SER A 572 30.07 3.73 -10.75
CA SER A 572 29.43 3.67 -12.03
C SER A 572 29.26 2.27 -12.57
N PHE A 573 30.06 1.35 -12.09
CA PHE A 573 29.93 -0.04 -12.50
C PHE A 573 28.97 -0.82 -11.61
N ASP A 574 28.49 -0.19 -10.55
CA ASP A 574 27.60 -0.85 -9.51
C ASP A 574 28.25 -2.15 -8.93
N PRO A 575 29.39 -2.03 -8.22
CA PRO A 575 30.13 -3.21 -7.69
C PRO A 575 29.25 -4.01 -6.71
N CYS A 576 29.25 -5.32 -6.94
CA CYS A 576 28.56 -6.27 -6.04
C CYS A 576 29.65 -7.26 -5.64
N LEU A 577 30.26 -7.01 -4.49
CA LEU A 577 31.41 -7.83 -4.10
C LEU A 577 31.07 -9.22 -3.61
N ALA A 578 29.95 -9.37 -2.94
CA ALA A 578 29.45 -10.72 -2.57
C ALA A 578 29.22 -11.55 -3.80
N CYS A 579 28.61 -10.97 -4.83
CA CYS A 579 28.51 -11.65 -6.10
C CYS A 579 29.90 -12.03 -6.60
N SER A 580 30.82 -11.09 -6.58
CA SER A 580 32.08 -11.30 -7.29
C SER A 580 32.85 -12.48 -6.78
N THR A 581 32.72 -12.73 -5.50
CA THR A 581 33.52 -13.74 -4.75
C THR A 581 32.78 -15.01 -4.44
N HIS A 582 31.49 -14.86 -4.12
CA HIS A 582 30.62 -16.00 -3.86
C HIS A 582 31.30 -17.07 -3.00
N SER B 2 -54.24 26.20 -3.23
CA SER B 2 -52.98 26.70 -2.61
C SER B 2 -53.24 27.32 -1.23
N THR B 3 -52.24 27.24 -0.36
CA THR B 3 -52.32 27.82 0.97
C THR B 3 -51.04 28.57 1.28
N GLN B 4 -51.11 29.37 2.33
CA GLN B 4 -49.99 30.07 2.76
C GLN B 4 -50.08 30.17 4.27
N TYR B 5 -48.97 29.94 4.96
CA TYR B 5 -48.88 30.17 6.40
C TYR B 5 -47.46 30.61 6.78
N GLU B 6 -47.34 31.11 7.99
CA GLU B 6 -46.10 31.63 8.48
C GLU B 6 -45.52 30.70 9.57
N THR B 7 -44.21 30.45 9.52
CA THR B 7 -43.55 29.65 10.55
C THR B 7 -42.07 29.99 10.51
N GLN B 8 -41.51 30.19 11.69
CA GLN B 8 -40.05 30.37 11.90
C GLN B 8 -39.46 31.52 11.06
N GLY B 9 -40.30 32.55 10.80
CA GLY B 9 -39.86 33.67 10.02
C GLY B 9 -40.04 33.44 8.53
N TYR B 10 -40.60 32.31 8.08
CA TYR B 10 -40.79 32.04 6.66
C TYR B 10 -42.26 32.17 6.32
N THR B 11 -42.52 32.49 5.05
CA THR B 11 -43.85 32.40 4.48
C THR B 11 -43.94 31.17 3.55
N ILE B 12 -44.64 30.15 4.02
CA ILE B 12 -44.73 28.89 3.26
C ILE B 12 -45.92 28.99 2.33
N ASN B 13 -45.65 29.05 1.02
CA ASN B 13 -46.69 29.30 0.05
C ASN B 13 -46.57 28.32 -1.08
N ASN B 14 -47.56 27.45 -1.20
CA ASN B 14 -47.57 26.46 -2.26
C ASN B 14 -48.35 26.78 -3.54
N ALA B 15 -48.60 28.05 -3.78
CA ALA B 15 -49.07 28.50 -5.06
C ALA B 15 -47.86 28.47 -5.99
N GLY B 16 -48.10 28.61 -7.27
CA GLY B 16 -46.97 28.77 -8.19
C GLY B 16 -46.51 27.41 -8.69
N ARG B 17 -45.58 27.43 -9.59
CA ARG B 17 -45.14 26.26 -10.26
C ARG B 17 -44.46 25.30 -9.21
N ARG B 18 -44.74 24.01 -9.39
CA ARG B 18 -44.18 22.97 -8.56
C ARG B 18 -43.05 22.33 -9.36
N LEU B 19 -41.88 22.20 -8.72
CA LEU B 19 -40.75 21.45 -9.28
C LEU B 19 -40.48 20.20 -8.42
N VAL B 20 -40.15 19.12 -9.08
CA VAL B 20 -39.89 17.85 -8.43
C VAL B 20 -38.46 17.43 -8.79
N VAL B 21 -37.67 17.00 -7.77
CA VAL B 21 -36.36 16.41 -8.04
C VAL B 21 -36.37 15.04 -7.39
N ASP B 22 -36.55 14.02 -8.18
CA ASP B 22 -36.66 12.65 -7.72
C ASP B 22 -36.17 11.77 -8.88
N PRO B 23 -34.99 11.15 -8.77
CA PRO B 23 -34.20 11.00 -7.53
C PRO B 23 -33.22 12.15 -7.24
N ILE B 24 -32.97 12.41 -5.95
CA ILE B 24 -31.82 13.22 -5.61
C ILE B 24 -30.61 12.27 -5.70
N THR B 25 -29.61 12.65 -6.44
CA THR B 25 -28.41 11.85 -6.62
C THR B 25 -27.26 12.49 -5.81
N ARG B 26 -26.14 11.80 -5.77
CA ARG B 26 -24.96 12.24 -4.99
C ARG B 26 -25.34 12.47 -3.49
N ILE B 27 -26.13 11.55 -3.05
CA ILE B 27 -26.47 11.33 -1.66
C ILE B 27 -26.43 9.85 -1.41
N GLU B 28 -26.51 9.43 -0.13
CA GLU B 28 -26.75 8.04 0.20
C GLU B 28 -28.27 7.84 0.22
N GLY B 29 -28.74 6.78 -0.39
CA GLY B 29 -30.12 6.35 -0.29
C GLY B 29 -31.09 7.15 -1.17
N HIS B 30 -32.37 7.16 -0.77
CA HIS B 30 -33.43 7.60 -1.66
C HIS B 30 -34.10 8.83 -1.04
N MET B 31 -34.10 9.90 -1.81
CA MET B 31 -34.75 11.15 -1.39
C MET B 31 -35.52 11.68 -2.58
N ARG B 32 -36.66 12.32 -2.25
CA ARG B 32 -37.41 13.19 -3.19
C ARG B 32 -37.55 14.55 -2.61
N CYS B 33 -37.40 15.56 -3.46
CA CYS B 33 -37.57 16.95 -3.01
C CYS B 33 -38.55 17.65 -3.95
N GLU B 34 -39.50 18.36 -3.37
CA GLU B 34 -40.41 19.20 -4.20
C GLU B 34 -40.36 20.61 -3.69
N VAL B 35 -40.45 21.58 -4.63
CA VAL B 35 -40.52 22.98 -4.25
C VAL B 35 -41.66 23.68 -5.05
N ASN B 36 -42.12 24.79 -4.52
CA ASN B 36 -42.85 25.79 -5.35
C ASN B 36 -42.01 27.00 -5.51
N ILE B 37 -42.03 27.54 -6.73
CA ILE B 37 -41.33 28.77 -7.03
C ILE B 37 -42.35 29.83 -7.53
N ASN B 38 -42.06 31.05 -7.18
CA ASN B 38 -42.90 32.17 -7.58
C ASN B 38 -42.46 32.67 -8.95
N ASP B 39 -43.08 33.77 -9.40
CA ASP B 39 -42.70 34.32 -10.68
C ASP B 39 -41.31 34.88 -10.77
N GLN B 40 -40.69 35.19 -9.63
CA GLN B 40 -39.36 35.66 -9.64
C GLN B 40 -38.32 34.45 -9.54
N ASN B 41 -38.78 33.23 -9.77
CA ASN B 41 -38.01 31.97 -9.64
C ASN B 41 -37.36 31.83 -8.26
N VAL B 42 -38.07 32.30 -7.24
CA VAL B 42 -37.68 32.17 -5.87
C VAL B 42 -38.52 31.08 -5.17
N ILE B 43 -37.83 30.20 -4.43
CA ILE B 43 -38.52 29.14 -3.72
C ILE B 43 -39.34 29.68 -2.59
N THR B 44 -40.62 29.37 -2.61
CA THR B 44 -41.58 29.77 -1.59
C THR B 44 -42.14 28.60 -0.77
N ASN B 45 -41.78 27.38 -1.16
CA ASN B 45 -42.23 26.18 -0.42
C ASN B 45 -41.21 25.09 -0.71
N ALA B 46 -40.89 24.31 0.31
CA ALA B 46 -39.93 23.19 0.10
C ALA B 46 -40.38 21.97 0.88
N VAL B 47 -40.24 20.81 0.23
CA VAL B 47 -40.85 19.59 0.73
C VAL B 47 -39.72 18.51 0.68
N SER B 48 -39.32 18.00 1.85
CA SER B 48 -38.30 16.96 1.98
C SER B 48 -38.96 15.59 2.22
N CYS B 49 -38.66 14.61 1.36
CA CYS B 49 -39.30 13.28 1.48
C CYS B 49 -38.27 12.17 1.42
N GLY B 50 -38.20 11.36 2.48
CA GLY B 50 -37.41 10.15 2.44
C GLY B 50 -38.22 9.08 1.76
N THR B 51 -37.66 8.58 0.69
CA THR B 51 -38.32 7.58 -0.13
C THR B 51 -37.87 6.13 0.07
N MET B 52 -37.43 5.76 1.29
CA MET B 52 -37.09 4.39 1.57
C MET B 52 -37.35 4.09 3.04
N PHE B 53 -37.53 2.81 3.37
CA PHE B 53 -37.65 2.38 4.76
C PHE B 53 -37.35 0.89 4.83
N ARG B 54 -36.66 0.50 5.90
CA ARG B 54 -36.26 -0.89 6.12
C ARG B 54 -36.79 -1.48 7.42
N GLY B 55 -36.83 -0.68 8.48
CA GLY B 55 -37.40 -1.11 9.74
C GLY B 55 -36.47 -1.82 10.73
N LEU B 56 -35.24 -1.32 10.83
CA LEU B 56 -34.31 -1.91 11.79
C LEU B 56 -34.85 -1.90 13.21
N GLU B 57 -35.60 -0.86 13.61
CA GLU B 57 -36.15 -0.86 14.95
C GLU B 57 -37.13 -1.98 15.26
N ILE B 58 -37.77 -2.49 14.24
CA ILE B 58 -38.65 -3.65 14.34
C ILE B 58 -37.88 -4.95 14.34
N ILE B 59 -36.93 -5.02 13.45
CA ILE B 59 -36.04 -6.18 13.31
C ILE B 59 -35.26 -6.46 14.60
N LEU B 60 -34.87 -5.42 15.31
CA LEU B 60 -34.09 -5.56 16.52
C LEU B 60 -34.88 -6.16 17.71
N GLN B 61 -36.20 -6.08 17.71
CA GLN B 61 -36.97 -6.70 18.79
C GLN B 61 -36.70 -8.16 18.95
N GLY B 62 -36.42 -8.56 20.18
CA GLY B 62 -36.22 -9.96 20.46
C GLY B 62 -34.80 -10.44 20.22
N ARG B 63 -33.91 -9.56 19.81
CA ARG B 63 -32.51 -9.98 19.58
C ARG B 63 -31.73 -9.93 20.89
N ASP B 64 -30.60 -10.59 20.85
CA ASP B 64 -29.65 -10.48 21.96
C ASP B 64 -29.00 -9.10 21.90
N PRO B 65 -29.01 -8.37 23.00
CA PRO B 65 -28.39 -7.08 23.03
C PRO B 65 -26.92 -7.00 22.60
N ARG B 66 -26.20 -8.09 22.76
CA ARG B 66 -24.80 -8.15 22.34
C ARG B 66 -24.69 -8.14 20.81
N ASP B 67 -25.72 -8.61 20.11
CA ASP B 67 -25.71 -8.66 18.67
C ASP B 67 -26.18 -7.36 18.07
N ALA B 68 -26.79 -6.46 18.85
CA ALA B 68 -27.48 -5.35 18.25
C ALA B 68 -26.57 -4.49 17.38
N TRP B 69 -25.31 -4.28 17.80
CA TRP B 69 -24.40 -3.41 17.07
C TRP B 69 -24.26 -3.85 15.60
N ALA B 70 -24.29 -5.17 15.35
CA ALA B 70 -24.05 -5.65 14.01
C ALA B 70 -25.22 -5.39 13.08
N PHE B 71 -26.43 -5.50 13.63
CA PHE B 71 -27.63 -5.17 12.90
C PHE B 71 -27.70 -3.68 12.58
N VAL B 72 -27.55 -2.85 13.60
CA VAL B 72 -27.69 -1.42 13.36
C VAL B 72 -26.54 -0.83 12.58
N GLU B 73 -25.36 -1.49 12.57
CA GLU B 73 -24.28 -1.00 11.71
C GLU B 73 -24.72 -0.91 10.26
N ARG B 74 -25.63 -1.82 9.87
CA ARG B 74 -26.13 -1.86 8.50
C ARG B 74 -27.25 -0.87 8.26
N ILE B 75 -27.55 0.01 9.22
CA ILE B 75 -28.36 1.16 8.89
C ILE B 75 -27.64 1.89 7.71
N CYS B 76 -26.31 1.98 7.78
CA CYS B 76 -25.63 2.77 6.76
C CYS B 76 -24.19 2.39 6.55
N GLY B 77 -23.81 2.42 5.28
CA GLY B 77 -22.46 2.00 4.87
C GLY B 77 -21.55 3.20 4.62
N VAL B 78 -22.12 4.39 4.61
CA VAL B 78 -21.40 5.61 4.39
C VAL B 78 -20.82 6.09 5.74
N CYS B 79 -21.68 6.28 6.71
CA CYS B 79 -21.23 6.58 8.06
C CYS B 79 -20.95 5.26 8.80
N THR B 80 -20.24 4.34 8.15
CA THR B 80 -20.06 3.00 8.71
C THR B 80 -19.27 2.97 9.99
N GLY B 81 -19.84 2.31 10.99
CA GLY B 81 -19.26 2.24 12.30
C GLY B 81 -20.00 3.08 13.34
N VAL B 82 -20.61 4.19 12.94
CA VAL B 82 -21.13 5.08 13.99
C VAL B 82 -22.35 4.50 14.70
N HIS B 83 -23.17 3.73 13.99
CA HIS B 83 -24.31 3.06 14.63
C HIS B 83 -23.83 1.94 15.57
N ALA B 84 -22.75 1.26 15.21
CA ALA B 84 -22.18 0.23 16.07
C ALA B 84 -21.72 0.88 17.35
N LEU B 85 -21.03 2.04 17.24
CA LEU B 85 -20.57 2.75 18.38
C LEU B 85 -21.75 3.17 19.27
N ALA B 86 -22.78 3.74 18.66
CA ALA B 86 -23.95 4.16 19.47
C ALA B 86 -24.58 2.97 20.18
N SER B 87 -24.60 1.84 19.49
CA SER B 87 -25.21 0.63 20.00
C SER B 87 -24.47 0.11 21.21
N VAL B 88 -23.14 -0.05 21.08
CA VAL B 88 -22.40 -0.55 22.23
C VAL B 88 -22.52 0.43 23.40
N TYR B 89 -22.49 1.73 23.12
CA TYR B 89 -22.67 2.70 24.19
C TYR B 89 -24.07 2.48 24.88
N ALA B 90 -25.09 2.26 24.09
CA ALA B 90 -26.49 2.12 24.63
C ALA B 90 -26.62 0.84 25.48
N ILE B 91 -26.07 -0.25 24.97
CA ILE B 91 -26.17 -1.51 25.69
C ILE B 91 -25.34 -1.46 26.96
N GLU B 92 -24.16 -0.89 26.90
CA GLU B 92 -23.36 -0.70 28.07
C GLU B 92 -24.03 0.21 29.12
N ASP B 93 -24.71 1.25 28.65
CA ASP B 93 -25.42 2.16 29.51
C ASP B 93 -26.63 1.43 30.19
N ALA B 94 -27.30 0.57 29.44
CA ALA B 94 -28.40 -0.17 29.97
C ALA B 94 -27.93 -1.14 31.03
N ILE B 95 -26.96 -1.99 30.67
CA ILE B 95 -26.53 -3.06 31.52
C ILE B 95 -25.70 -2.56 32.71
N GLY B 96 -24.96 -1.47 32.56
CA GLY B 96 -24.01 -1.01 33.58
C GLY B 96 -22.62 -1.62 33.34
N ILE B 97 -22.10 -1.47 32.12
CA ILE B 97 -20.79 -1.96 31.77
C ILE B 97 -19.88 -0.72 31.60
N LYS B 98 -18.67 -0.79 32.14
CA LYS B 98 -17.61 0.19 31.91
C LYS B 98 -16.48 -0.49 31.15
N VAL B 99 -16.07 0.11 30.04
CA VAL B 99 -14.98 -0.49 29.24
C VAL B 99 -13.62 -0.02 29.65
N PRO B 100 -12.59 -0.80 29.37
CA PRO B 100 -11.24 -0.29 29.68
C PRO B 100 -10.81 0.89 28.83
N ASP B 101 -9.91 1.69 29.35
CA ASP B 101 -9.43 2.89 28.68
C ASP B 101 -8.99 2.65 27.22
N ASN B 102 -8.25 1.59 26.96
CA ASN B 102 -7.85 1.37 25.56
C ASN B 102 -9.00 1.13 24.63
N ALA B 103 -10.04 0.44 25.10
CA ALA B 103 -11.22 0.24 24.23
C ALA B 103 -11.85 1.62 23.87
N ASN B 104 -11.95 2.51 24.87
CA ASN B 104 -12.51 3.81 24.63
C ASN B 104 -11.67 4.62 23.65
N ILE B 105 -10.33 4.54 23.82
CA ILE B 105 -9.39 5.25 22.94
C ILE B 105 -9.55 4.71 21.52
N ILE B 106 -9.59 3.39 21.38
CA ILE B 106 -9.74 2.77 20.07
C ILE B 106 -11.09 3.14 19.42
N ARG B 107 -12.15 3.20 20.22
CA ARG B 107 -13.44 3.66 19.71
C ARG B 107 -13.36 5.09 19.24
N ASN B 108 -12.68 5.94 20.01
CA ASN B 108 -12.46 7.30 19.53
C ASN B 108 -11.65 7.39 18.23
N ILE B 109 -10.66 6.52 18.08
CA ILE B 109 -9.93 6.41 16.83
C ILE B 109 -10.85 5.99 15.68
N MET B 110 -11.70 4.99 15.91
CA MET B 110 -12.65 4.54 14.88
C MET B 110 -13.55 5.72 14.40
N LEU B 111 -14.04 6.51 15.37
CA LEU B 111 -14.97 7.57 15.03
C LEU B 111 -14.18 8.69 14.31
N ALA B 112 -12.99 9.10 14.81
CA ALA B 112 -12.20 10.13 14.12
C ALA B 112 -11.79 9.73 12.72
N THR B 113 -11.47 8.45 12.55
CA THR B 113 -11.15 7.91 11.23
C THR B 113 -12.37 8.05 10.31
N LEU B 114 -13.53 7.66 10.80
CA LEU B 114 -14.75 7.83 10.03
C LEU B 114 -15.01 9.30 9.65
N TRP B 115 -14.87 10.23 10.60
CA TRP B 115 -15.06 11.64 10.27
C TRP B 115 -14.11 12.07 9.14
N CYS B 116 -12.83 11.67 9.21
CA CYS B 116 -11.93 12.02 8.15
C CYS B 116 -12.33 11.49 6.79
N HIS B 117 -12.60 10.17 6.76
CA HIS B 117 -12.95 9.52 5.53
C HIS B 117 -14.24 10.10 4.94
N ASP B 118 -15.28 10.10 5.76
CA ASP B 118 -16.60 10.50 5.30
C ASP B 118 -16.61 11.97 4.81
N HIS B 119 -16.04 12.87 5.62
CA HIS B 119 -15.97 14.26 5.22
C HIS B 119 -15.22 14.43 3.88
N LEU B 120 -14.12 13.68 3.69
CA LEU B 120 -13.31 13.81 2.52
C LEU B 120 -14.09 13.38 1.28
N VAL B 121 -14.71 12.23 1.35
CA VAL B 121 -15.45 11.70 0.24
C VAL B 121 -16.66 12.58 -0.08
N HIS B 122 -17.32 13.09 0.94
CA HIS B 122 -18.45 13.96 0.67
C HIS B 122 -17.99 15.19 -0.10
N PHE B 123 -16.94 15.80 0.37
CA PHE B 123 -16.47 17.02 -0.18
C PHE B 123 -16.19 16.89 -1.70
N TYR B 124 -15.49 15.83 -2.10
CA TYR B 124 -15.15 15.64 -3.50
C TYR B 124 -16.25 14.91 -4.26
N GLN B 125 -16.57 13.68 -3.83
CA GLN B 125 -17.40 12.78 -4.69
C GLN B 125 -18.91 13.10 -4.64
N LEU B 126 -19.39 13.69 -3.54
CA LEU B 126 -20.79 13.96 -3.41
C LEU B 126 -21.11 15.40 -3.71
N ALA B 127 -20.53 16.37 -2.98
CA ALA B 127 -20.84 17.75 -3.18
C ALA B 127 -20.02 18.46 -4.25
N GLY B 128 -18.84 17.96 -4.55
CA GLY B 128 -17.87 18.71 -5.32
C GLY B 128 -18.33 19.19 -6.68
N MET B 129 -19.03 18.33 -7.41
CA MET B 129 -19.53 18.69 -8.73
C MET B 129 -20.62 19.74 -8.74
N ASP B 130 -21.09 20.18 -7.58
CA ASP B 130 -22.03 21.28 -7.54
C ASP B 130 -21.29 22.61 -7.67
N TRP B 131 -19.98 22.57 -7.40
CA TRP B 131 -19.12 23.79 -7.30
C TRP B 131 -18.08 23.84 -8.37
N ILE B 132 -17.60 22.67 -8.80
CA ILE B 132 -16.61 22.51 -9.81
C ILE B 132 -17.27 22.11 -11.09
N ASP B 133 -17.03 22.88 -12.16
CA ASP B 133 -17.54 22.55 -13.48
C ASP B 133 -16.48 21.70 -14.19
N VAL B 134 -16.71 20.40 -14.20
CA VAL B 134 -15.73 19.40 -14.65
C VAL B 134 -15.46 19.67 -16.11
N LEU B 135 -16.48 19.93 -16.91
CA LEU B 135 -16.25 20.11 -18.36
C LEU B 135 -15.45 21.38 -18.65
N ASP B 136 -15.58 22.39 -17.80
CA ASP B 136 -14.85 23.61 -17.98
C ASP B 136 -13.38 23.41 -17.71
N ALA B 137 -13.02 22.38 -16.93
CA ALA B 137 -11.60 22.05 -16.74
C ALA B 137 -10.83 21.80 -18.03
N LEU B 138 -11.55 21.37 -19.07
CA LEU B 138 -10.97 21.16 -20.35
C LEU B 138 -10.45 22.44 -21.02
N LYS B 139 -10.87 23.60 -20.56
CA LYS B 139 -10.48 24.88 -21.15
C LYS B 139 -9.32 25.47 -20.40
N ALA B 140 -8.88 24.83 -19.32
CA ALA B 140 -7.87 25.50 -18.51
C ALA B 140 -6.50 25.47 -19.15
N ASP B 141 -5.67 26.39 -18.73
CA ASP B 141 -4.27 26.38 -19.05
C ASP B 141 -3.53 25.60 -17.93
N PRO B 142 -2.79 24.55 -18.28
CA PRO B 142 -2.08 23.75 -17.24
C PRO B 142 -1.09 24.54 -16.42
N ARG B 143 -0.37 25.49 -17.04
CA ARG B 143 0.54 26.31 -16.27
C ARG B 143 -0.14 27.20 -15.33
N LYS B 144 -1.23 27.83 -15.77
CA LYS B 144 -1.94 28.72 -14.85
C LYS B 144 -2.60 27.93 -13.71
N THR B 145 -2.96 26.70 -14.02
CA THR B 145 -3.47 25.78 -13.00
C THR B 145 -2.42 25.44 -11.96
N SER B 146 -1.20 25.15 -12.43
CA SER B 146 -0.07 24.92 -11.54
C SER B 146 0.18 26.15 -10.69
N GLU B 147 0.20 27.31 -11.32
CA GLU B 147 0.40 28.56 -10.54
C GLU B 147 -0.66 28.78 -9.49
N LEU B 148 -1.92 28.58 -9.86
CA LEU B 148 -3.00 28.68 -8.85
C LEU B 148 -2.77 27.74 -7.64
N ALA B 149 -2.57 26.47 -7.97
CA ALA B 149 -2.37 25.45 -6.91
C ALA B 149 -1.22 25.78 -6.01
N GLN B 150 -0.13 26.23 -6.61
CA GLN B 150 1.05 26.55 -5.83
C GLN B 150 0.88 27.79 -4.98
N SER B 151 0.02 28.71 -5.40
CA SER B 151 -0.30 29.85 -4.59
C SER B 151 -1.12 29.50 -3.38
N LEU B 152 -1.87 28.39 -3.43
CA LEU B 152 -2.78 27.98 -2.37
C LEU B 152 -2.26 26.98 -1.40
N SER B 153 -1.24 26.24 -1.79
CA SER B 153 -0.83 25.07 -0.97
C SER B 153 0.60 24.65 -1.24
N SER B 154 1.19 24.01 -0.22
CA SER B 154 2.47 23.34 -0.35
CA SER B 154 2.47 23.31 -0.33
C SER B 154 2.35 21.93 -0.89
N TRP B 155 1.15 21.44 -1.14
CA TRP B 155 0.94 20.08 -1.67
C TRP B 155 1.89 19.81 -2.86
N PRO B 156 2.58 18.64 -2.86
CA PRO B 156 3.61 18.52 -3.92
C PRO B 156 3.07 18.47 -5.31
N LYS B 157 1.88 17.90 -5.50
CA LYS B 157 1.44 17.45 -6.83
C LYS B 157 0.77 18.62 -7.58
N SER B 158 1.58 19.44 -8.19
CA SER B 158 1.15 20.68 -8.79
C SER B 158 1.82 21.02 -10.05
N SER B 159 2.59 20.11 -10.66
CA SER B 159 3.30 20.48 -11.90
C SER B 159 2.37 20.79 -13.06
N PRO B 160 2.83 21.63 -14.02
CA PRO B 160 2.06 21.86 -15.24
C PRO B 160 1.84 20.58 -15.97
N GLY B 161 2.86 19.72 -16.02
CA GLY B 161 2.74 18.42 -16.67
C GLY B 161 1.65 17.54 -16.06
N TYR B 162 1.55 17.55 -14.75
CA TYR B 162 0.51 16.80 -14.04
C TYR B 162 -0.86 17.29 -14.45
N PHE B 163 -1.07 18.59 -14.34
CA PHE B 163 -2.40 19.14 -14.73
C PHE B 163 -2.69 18.90 -16.18
N PHE B 164 -1.69 18.94 -17.06
CA PHE B 164 -1.91 18.59 -18.45
C PHE B 164 -2.30 17.12 -18.62
N ASP B 165 -1.65 16.24 -17.87
CA ASP B 165 -1.98 14.80 -17.88
C ASP B 165 -3.42 14.56 -17.36
N VAL B 166 -3.81 15.24 -16.29
CA VAL B 166 -5.19 15.09 -15.78
C VAL B 166 -6.18 15.57 -16.85
N GLN B 167 -5.90 16.73 -17.41
CA GLN B 167 -6.72 17.28 -18.44
C GLN B 167 -6.87 16.37 -19.65
N ASN B 168 -5.76 15.77 -20.07
CA ASN B 168 -5.81 14.83 -21.18
C ASN B 168 -6.55 13.56 -20.89
N ARG B 169 -6.47 13.12 -19.63
CA ARG B 169 -7.25 11.97 -19.20
C ARG B 169 -8.76 12.29 -19.31
N LEU B 170 -9.15 13.46 -18.85
CA LEU B 170 -10.56 13.87 -18.99
C LEU B 170 -10.97 13.96 -20.47
N LYS B 171 -10.11 14.57 -21.27
CA LYS B 171 -10.37 14.75 -22.68
C LYS B 171 -10.58 13.41 -23.33
N LYS B 172 -9.71 12.44 -23.03
CA LYS B 172 -9.89 11.07 -23.53
C LYS B 172 -11.18 10.40 -23.07
N PHE B 173 -11.53 10.63 -21.79
CA PHE B 173 -12.71 10.05 -21.24
C PHE B 173 -13.97 10.47 -22.02
N VAL B 174 -14.04 11.76 -22.36
CA VAL B 174 -15.28 12.37 -22.93
C VAL B 174 -15.29 12.26 -24.46
N GLU B 175 -14.13 12.01 -25.06
CA GLU B 175 -13.90 11.98 -26.52
C GLU B 175 -14.78 10.99 -27.29
N GLY B 176 -15.07 9.86 -26.69
CA GLY B 176 -15.95 8.86 -27.30
C GLY B 176 -17.46 9.09 -27.09
N GLY B 177 -17.81 10.18 -26.42
CA GLY B 177 -19.18 10.45 -26.08
C GLY B 177 -19.75 9.60 -24.97
N GLN B 178 -18.92 8.85 -24.23
CA GLN B 178 -19.35 8.10 -23.06
C GLN B 178 -19.01 8.92 -21.79
N LEU B 179 -19.88 9.89 -21.45
CA LEU B 179 -19.50 10.88 -20.38
C LEU B 179 -19.74 10.29 -18.97
N GLY B 180 -20.37 9.12 -18.90
CA GLY B 180 -20.59 8.44 -17.62
C GLY B 180 -21.22 9.32 -16.59
N ILE B 181 -20.59 9.45 -15.42
CA ILE B 181 -21.14 10.27 -14.34
C ILE B 181 -21.27 11.72 -14.69
N PHE B 182 -20.62 12.18 -15.76
CA PHE B 182 -20.75 13.56 -16.16
C PHE B 182 -21.88 13.82 -17.15
N ARG B 183 -22.57 12.78 -17.58
CA ARG B 183 -23.57 12.92 -18.61
C ARG B 183 -24.76 13.76 -18.14
N ASN B 184 -25.17 14.71 -18.99
CA ASN B 184 -26.39 15.47 -18.77
C ASN B 184 -26.33 16.22 -17.44
N GLY B 185 -25.15 16.69 -17.07
CA GLY B 185 -24.95 17.51 -15.92
C GLY B 185 -25.32 18.95 -16.16
N TYR B 186 -25.00 19.78 -15.21
CA TYR B 186 -25.41 21.17 -15.19
C TYR B 186 -24.33 22.12 -15.69
N TRP B 187 -23.32 21.56 -16.31
CA TRP B 187 -22.11 22.26 -16.73
C TRP B 187 -22.50 23.49 -17.50
N GLY B 188 -21.85 24.62 -17.23
CA GLY B 188 -22.17 25.85 -17.96
C GLY B 188 -23.21 26.66 -17.27
N HIS B 189 -23.87 26.13 -16.23
CA HIS B 189 -24.90 26.88 -15.52
C HIS B 189 -24.25 28.18 -14.96
N PRO B 190 -24.98 29.30 -14.94
CA PRO B 190 -24.38 30.52 -14.51
C PRO B 190 -23.89 30.57 -13.07
N GLN B 191 -24.35 29.67 -12.23
CA GLN B 191 -23.87 29.57 -10.87
C GLN B 191 -22.52 28.90 -10.69
N TYR B 192 -21.99 28.28 -11.75
CA TYR B 192 -20.60 27.81 -11.74
C TYR B 192 -19.67 29.02 -11.90
N LYS B 193 -18.90 29.36 -10.87
CA LYS B 193 -18.13 30.61 -10.82
C LYS B 193 -16.63 30.42 -10.77
N LEU B 194 -16.15 29.17 -10.69
CA LEU B 194 -14.71 29.03 -10.74
C LEU B 194 -14.18 29.33 -12.14
N PRO B 195 -12.94 29.87 -12.20
CA PRO B 195 -12.25 29.98 -13.42
C PRO B 195 -11.78 28.60 -13.87
N PRO B 196 -11.46 28.46 -15.17
CA PRO B 196 -11.11 27.12 -15.66
C PRO B 196 -9.97 26.44 -14.93
N GLU B 197 -8.98 27.22 -14.55
CA GLU B 197 -7.85 26.70 -13.79
CA GLU B 197 -7.84 26.71 -13.81
C GLU B 197 -8.26 26.12 -12.42
N ALA B 198 -9.22 26.75 -11.76
CA ALA B 198 -9.68 26.27 -10.52
C ALA B 198 -10.49 24.98 -10.74
N ASN B 199 -11.21 24.89 -11.84
CA ASN B 199 -11.95 23.68 -12.15
C ASN B 199 -11.01 22.52 -12.40
N LEU B 200 -9.89 22.77 -13.10
CA LEU B 200 -8.95 21.71 -13.35
C LEU B 200 -8.26 21.29 -12.06
N MET B 201 -7.92 22.24 -11.20
CA MET B 201 -7.35 21.94 -9.92
C MET B 201 -8.31 21.07 -9.11
N GLY B 202 -9.57 21.48 -9.05
CA GLY B 202 -10.60 20.76 -8.28
C GLY B 202 -10.81 19.34 -8.82
N PHE B 203 -10.80 19.20 -10.14
CA PHE B 203 -11.01 17.91 -10.73
C PHE B 203 -9.84 16.99 -10.50
N ALA B 204 -8.65 17.51 -10.62
CA ALA B 204 -7.51 16.72 -10.22
C ALA B 204 -7.62 16.23 -8.77
N HIS B 205 -7.96 17.13 -7.87
CA HIS B 205 -8.17 16.79 -6.47
C HIS B 205 -9.30 15.77 -6.22
N TYR B 206 -10.36 15.83 -7.01
CA TYR B 206 -11.42 14.85 -7.00
C TYR B 206 -10.84 13.47 -7.22
N LEU B 207 -9.96 13.35 -8.21
CA LEU B 207 -9.32 12.09 -8.53
C LEU B 207 -8.35 11.65 -7.47
N GLU B 208 -7.56 12.58 -6.93
CA GLU B 208 -6.61 12.25 -5.87
CA GLU B 208 -6.61 12.25 -5.88
C GLU B 208 -7.37 11.77 -4.63
N ALA B 209 -8.49 12.40 -4.34
CA ALA B 209 -9.27 12.06 -3.13
C ALA B 209 -9.92 10.68 -3.31
N LEU B 210 -10.42 10.44 -4.52
CA LEU B 210 -11.03 9.14 -4.80
C LEU B 210 -10.01 8.03 -4.56
N ASP B 211 -8.77 8.24 -4.98
CA ASP B 211 -7.72 7.28 -4.74
C ASP B 211 -7.39 7.26 -3.22
N PHE B 212 -7.13 8.41 -2.62
CA PHE B 212 -6.59 8.41 -1.27
C PHE B 212 -7.55 7.90 -0.22
N GLN B 213 -8.84 8.11 -0.41
CA GLN B 213 -9.78 7.73 0.66
C GLN B 213 -9.69 6.27 1.09
N ARG B 214 -9.32 5.39 0.15
CA ARG B 214 -9.21 3.97 0.44
C ARG B 214 -8.17 3.66 1.53
N GLU B 215 -7.19 4.55 1.68
CA GLU B 215 -6.14 4.35 2.64
C GLU B 215 -6.58 4.68 4.04
N ILE B 216 -7.46 5.64 4.21
CA ILE B 216 -7.80 6.10 5.55
C ILE B 216 -8.42 4.96 6.37
N VAL B 217 -9.23 4.15 5.69
CA VAL B 217 -10.01 3.15 6.38
C VAL B 217 -9.20 1.91 6.73
N LYS B 218 -7.92 1.87 6.34
CA LYS B 218 -7.05 0.83 6.85
C LYS B 218 -6.99 0.83 8.36
N ILE B 219 -7.20 2.01 8.98
CA ILE B 219 -7.23 2.09 10.46
C ILE B 219 -8.41 1.25 10.98
N HIS B 220 -9.59 1.36 10.36
CA HIS B 220 -10.70 0.51 10.66
C HIS B 220 -10.38 -0.96 10.47
N ALA B 221 -9.63 -1.28 9.43
CA ALA B 221 -9.31 -2.69 9.17
C ALA B 221 -8.44 -3.25 10.26
N VAL B 222 -7.51 -2.46 10.76
CA VAL B 222 -6.62 -2.95 11.84
C VAL B 222 -7.42 -3.24 13.13
N PHE B 223 -8.18 -2.26 13.60
CA PHE B 223 -8.89 -2.43 14.88
C PHE B 223 -10.24 -3.17 14.75
N GLY B 224 -10.85 -3.11 13.58
CA GLY B 224 -12.20 -3.61 13.32
C GLY B 224 -12.36 -4.65 12.24
N GLY B 225 -11.25 -5.16 11.72
CA GLY B 225 -11.29 -6.24 10.78
C GLY B 225 -11.50 -5.87 9.33
N LYS B 226 -12.32 -4.85 9.04
CA LYS B 226 -12.71 -4.58 7.65
C LYS B 226 -13.40 -3.23 7.60
N ASN B 227 -13.40 -2.63 6.44
CA ASN B 227 -14.27 -1.47 6.17
C ASN B 227 -14.73 -1.55 4.72
N PRO B 228 -16.04 -1.37 4.44
CA PRO B 228 -17.08 -1.01 5.38
C PRO B 228 -17.46 -2.11 6.40
N HIS B 229 -18.18 -1.64 7.41
CA HIS B 229 -18.80 -2.40 8.46
C HIS B 229 -17.77 -3.19 9.31
N PRO B 230 -16.92 -2.47 10.06
CA PRO B 230 -16.00 -3.12 10.99
C PRO B 230 -16.75 -3.76 12.19
N ASN B 231 -16.05 -4.50 12.99
CA ASN B 231 -16.62 -5.24 14.10
C ASN B 231 -16.32 -4.58 15.40
N TRP B 232 -17.21 -4.81 16.37
CA TRP B 232 -17.12 -4.17 17.69
C TRP B 232 -17.61 -5.21 18.69
N ILE B 233 -17.49 -4.94 19.99
CA ILE B 233 -18.20 -5.75 21.01
C ILE B 233 -18.75 -4.89 22.16
N VAL B 234 -19.85 -5.36 22.71
CA VAL B 234 -20.32 -4.86 24.00
C VAL B 234 -19.24 -5.22 25.03
N GLY B 235 -18.72 -4.23 25.72
CA GLY B 235 -17.63 -4.42 26.66
C GLY B 235 -16.26 -3.93 26.22
N GLY B 236 -16.12 -3.54 24.97
CA GLY B 236 -14.88 -2.86 24.53
C GLY B 236 -14.70 -3.03 23.05
N MET B 237 -13.58 -3.62 22.69
CA MET B 237 -13.27 -3.98 21.28
C MET B 237 -12.63 -5.36 21.28
N PRO B 238 -12.80 -6.12 20.19
CA PRO B 238 -12.28 -7.48 20.11
C PRO B 238 -10.82 -7.59 19.68
N CYS B 239 -10.21 -6.45 19.38
CA CYS B 239 -8.89 -6.42 18.85
C CYS B 239 -7.92 -6.42 20.01
N ALA B 240 -7.72 -7.60 20.59
CA ALA B 240 -6.78 -7.80 21.72
C ALA B 240 -5.37 -7.34 21.32
N ILE B 241 -4.68 -6.73 22.29
CA ILE B 241 -3.36 -6.19 22.12
C ILE B 241 -2.31 -7.10 22.75
N ASN B 242 -1.22 -7.32 22.02
CA ASN B 242 -0.04 -8.04 22.58
C ASN B 242 1.17 -7.45 21.88
N ILE B 243 1.97 -6.72 22.64
CA ILE B 243 3.17 -6.05 22.08
C ILE B 243 4.41 -6.90 22.24
N ASP B 244 4.55 -7.52 23.40
CA ASP B 244 5.90 -8.04 23.80
C ASP B 244 5.89 -9.45 24.29
N GLU B 245 4.84 -10.21 23.97
CA GLU B 245 4.71 -11.57 24.43
C GLU B 245 4.60 -12.51 23.30
N SER B 246 4.83 -13.79 23.60
CA SER B 246 4.68 -14.81 22.56
C SER B 246 3.33 -14.68 21.90
N GLY B 247 3.23 -14.97 20.62
CA GLY B 247 1.89 -14.87 20.04
C GLY B 247 1.40 -13.44 19.71
N ALA B 248 2.29 -12.41 19.80
CA ALA B 248 1.89 -11.06 19.30
C ALA B 248 1.46 -11.10 17.85
N VAL B 249 1.93 -12.08 17.09
CA VAL B 249 1.52 -12.22 15.67
C VAL B 249 -0.02 -12.46 15.52
N GLY B 250 -0.64 -12.85 16.61
CA GLY B 250 -2.09 -13.08 16.66
C GLY B 250 -2.93 -11.91 17.19
N ALA B 251 -2.31 -10.72 17.31
CA ALA B 251 -2.94 -9.61 17.98
C ALA B 251 -2.47 -8.29 17.44
N VAL B 252 -3.05 -7.23 17.97
CA VAL B 252 -2.56 -5.90 17.68
C VAL B 252 -1.22 -5.74 18.33
N ASN B 253 -0.20 -5.68 17.46
CA ASN B 253 1.22 -5.65 17.86
C ASN B 253 1.91 -4.37 17.33
N MET B 254 3.23 -4.23 17.51
CA MET B 254 3.89 -3.01 17.12
C MET B 254 3.80 -2.76 15.64
N GLU B 255 3.80 -3.83 14.82
CA GLU B 255 3.75 -3.64 13.37
C GLU B 255 2.39 -3.11 12.94
N ARG B 256 1.33 -3.59 13.61
CA ARG B 256 -0.06 -3.13 13.33
C ARG B 256 -0.21 -1.68 13.76
N LEU B 257 0.37 -1.35 14.89
CA LEU B 257 0.33 0.05 15.37
C LEU B 257 1.11 1.01 14.47
N ASN B 258 2.22 0.54 13.97
CA ASN B 258 2.96 1.27 12.98
C ASN B 258 2.17 1.60 11.73
N LEU B 259 1.41 0.61 11.24
CA LEU B 259 0.58 0.80 10.08
C LEU B 259 -0.40 1.91 10.37
N VAL B 260 -1.04 1.84 11.54
CA VAL B 260 -2.01 2.88 11.95
C VAL B 260 -1.33 4.26 11.94
N GLN B 261 -0.18 4.39 12.55
CA GLN B 261 0.48 5.70 12.58
C GLN B 261 0.76 6.22 11.19
N SER B 262 1.19 5.35 10.27
CA SER B 262 1.51 5.80 8.92
CA SER B 262 1.49 5.74 8.89
C SER B 262 0.26 6.34 8.21
N ILE B 263 -0.89 5.70 8.40
CA ILE B 263 -2.10 6.22 7.86
C ILE B 263 -2.52 7.56 8.45
N ILE B 264 -2.39 7.69 9.74
CA ILE B 264 -2.77 8.91 10.38
C ILE B 264 -2.01 10.11 9.82
N THR B 265 -0.69 9.98 9.67
CA THR B 265 0.12 11.08 9.12
C THR B 265 -0.27 11.43 7.69
N ARG B 266 -0.50 10.41 6.86
CA ARG B 266 -0.90 10.62 5.47
C ARG B 266 -2.26 11.29 5.37
N THR B 267 -3.16 10.91 6.28
CA THR B 267 -4.52 11.42 6.28
C THR B 267 -4.49 12.90 6.67
N ALA B 268 -3.79 13.21 7.71
CA ALA B 268 -3.66 14.64 8.09
C ALA B 268 -3.08 15.48 6.95
N ASP B 269 -2.05 14.96 6.32
CA ASP B 269 -1.37 15.68 5.25
CA ASP B 269 -1.34 15.68 5.24
C ASP B 269 -2.31 15.93 4.06
N PHE B 270 -3.12 14.96 3.72
CA PHE B 270 -4.02 15.15 2.56
C PHE B 270 -5.08 16.19 2.89
N ILE B 271 -5.69 16.03 4.05
CA ILE B 271 -6.76 16.92 4.50
C ILE B 271 -6.23 18.36 4.55
N ASN B 272 -5.10 18.54 5.18
CA ASN B 272 -4.58 19.86 5.43
C ASN B 272 -4.09 20.54 4.15
N ASN B 273 -3.54 19.80 3.20
CA ASN B 273 -2.93 20.41 2.04
C ASN B 273 -3.69 20.29 0.75
N VAL B 274 -4.77 19.53 0.72
CA VAL B 274 -5.64 19.37 -0.43
C VAL B 274 -7.07 19.83 -0.12
N MET B 275 -7.75 19.22 0.84
CA MET B 275 -9.14 19.54 1.11
CA MET B 275 -9.15 19.56 1.07
C MET B 275 -9.30 20.95 1.65
N ILE B 276 -8.49 21.32 2.64
CA ILE B 276 -8.60 22.63 3.26
C ILE B 276 -8.45 23.76 2.26
N PRO B 277 -7.37 23.76 1.47
CA PRO B 277 -7.23 24.87 0.55
C PRO B 277 -8.27 24.84 -0.54
N ASP B 278 -8.73 23.69 -0.95
CA ASP B 278 -9.86 23.63 -1.87
C ASP B 278 -11.19 24.22 -1.34
N ALA B 279 -11.53 23.94 -0.07
CA ALA B 279 -12.71 24.47 0.57
C ALA B 279 -12.60 26.00 0.59
N LEU B 280 -11.43 26.52 0.98
CA LEU B 280 -11.18 27.95 0.96
C LEU B 280 -11.31 28.53 -0.42
N ALA B 281 -10.80 27.85 -1.43
CA ALA B 281 -10.94 28.33 -2.78
C ALA B 281 -12.37 28.37 -3.27
N ILE B 282 -13.14 27.33 -2.97
CA ILE B 282 -14.57 27.38 -3.26
C ILE B 282 -15.20 28.57 -2.57
N GLY B 283 -14.81 28.83 -1.34
CA GLY B 283 -15.30 29.98 -0.62
C GLY B 283 -14.97 31.27 -1.34
N GLN B 284 -13.72 31.41 -1.75
CA GLN B 284 -13.30 32.67 -2.37
C GLN B 284 -14.08 33.02 -3.64
N PHE B 285 -14.41 32.03 -4.44
CA PHE B 285 -15.12 32.21 -5.73
C PHE B 285 -16.62 32.18 -5.64
N ASN B 286 -17.16 31.86 -4.46
CA ASN B 286 -18.61 31.71 -4.26
C ASN B 286 -19.09 32.39 -3.01
N LYS B 287 -18.56 33.57 -2.69
CA LYS B 287 -18.95 34.28 -1.47
C LYS B 287 -20.44 34.58 -1.32
N PRO B 288 -21.17 34.78 -2.42
CA PRO B 288 -22.61 34.98 -2.26
C PRO B 288 -23.35 33.84 -1.57
N TRP B 289 -22.78 32.62 -1.66
CA TRP B 289 -23.40 31.45 -1.03
C TRP B 289 -23.16 31.47 0.49
N SER B 290 -22.39 32.44 1.00
CA SER B 290 -22.38 32.75 2.44
C SER B 290 -23.64 33.41 2.95
N GLU B 291 -24.56 33.75 2.07
CA GLU B 291 -25.86 34.31 2.44
C GLU B 291 -27.06 33.52 1.91
N ILE B 292 -26.84 32.33 1.38
CA ILE B 292 -27.87 31.51 0.79
C ILE B 292 -27.89 30.21 1.65
N GLY B 293 -29.06 29.70 1.92
CA GLY B 293 -29.23 28.39 2.53
C GLY B 293 -29.09 28.45 4.03
N THR B 294 -29.25 29.60 4.65
CA THR B 294 -29.06 29.72 6.08
C THR B 294 -29.95 28.75 6.82
N GLY B 295 -31.20 28.70 6.44
CA GLY B 295 -32.20 27.93 7.15
C GLY B 295 -32.29 28.12 8.63
N LEU B 296 -32.24 27.02 9.35
CA LEU B 296 -32.27 27.06 10.77
C LEU B 296 -30.97 27.38 11.45
N SER B 297 -29.87 27.48 10.69
CA SER B 297 -28.56 27.62 11.31
C SER B 297 -28.35 28.94 12.03
N ASP B 298 -29.22 29.93 11.77
CA ASP B 298 -29.19 31.12 12.63
C ASP B 298 -30.28 31.17 13.71
N LYS B 299 -30.95 30.08 13.93
CA LYS B 299 -32.05 29.97 14.86
C LYS B 299 -31.90 28.87 15.88
N CYS B 300 -31.84 27.62 15.39
CA CYS B 300 -31.82 26.47 16.27
C CYS B 300 -30.84 25.42 15.77
N VAL B 301 -29.90 25.10 16.63
CA VAL B 301 -28.84 24.10 16.31
C VAL B 301 -28.60 23.21 17.50
N LEU B 302 -28.25 21.95 17.21
CA LEU B 302 -28.15 20.96 18.22
C LEU B 302 -26.90 20.05 18.03
N SER B 303 -26.24 19.73 19.14
CA SER B 303 -25.17 18.74 19.24
C SER B 303 -25.34 17.96 20.54
N TYR B 304 -25.16 16.66 20.50
CA TYR B 304 -25.14 15.87 21.70
C TYR B 304 -23.74 15.88 22.30
N GLY B 305 -22.75 16.03 21.45
CA GLY B 305 -21.37 15.90 21.87
C GLY B 305 -20.81 14.49 21.68
N ALA B 306 -19.49 14.42 21.64
CA ALA B 306 -18.82 13.18 21.26
C ALA B 306 -17.39 13.13 21.72
N PHE B 307 -16.80 11.95 21.54
CA PHE B 307 -15.37 11.70 21.81
C PHE B 307 -15.10 11.88 23.32
N PRO B 308 -15.68 11.02 24.14
CA PRO B 308 -15.37 11.06 25.59
C PRO B 308 -13.91 10.71 25.84
N ASP B 309 -13.16 11.67 26.37
CA ASP B 309 -11.75 11.47 26.64
C ASP B 309 -11.46 10.75 27.95
N ILE B 310 -12.39 10.84 28.89
CA ILE B 310 -12.36 10.12 30.13
C ILE B 310 -13.25 8.91 29.93
N ALA B 311 -12.63 7.73 29.96
CA ALA B 311 -13.38 6.53 29.62
C ALA B 311 -14.63 6.38 30.51
N ASN B 312 -15.76 6.08 29.87
CA ASN B 312 -17.04 5.86 30.50
C ASN B 312 -17.67 7.09 31.13
N ASP B 313 -17.13 8.25 30.86
CA ASP B 313 -17.69 9.52 31.35
C ASP B 313 -18.19 10.28 30.14
N PHE B 314 -19.50 10.45 30.06
CA PHE B 314 -20.08 11.13 28.93
C PHE B 314 -20.50 12.57 29.26
N GLY B 315 -19.94 13.10 30.33
CA GLY B 315 -20.19 14.51 30.68
C GLY B 315 -19.37 15.54 29.94
N GLU B 316 -19.68 16.80 30.26
CA GLU B 316 -19.06 17.95 29.64
C GLU B 316 -17.57 18.05 29.80
N LYS B 317 -17.03 17.61 30.90
CA LYS B 317 -15.61 17.68 31.11
C LYS B 317 -14.87 16.62 30.30
N SER B 318 -15.56 15.60 29.88
CA SER B 318 -14.94 14.49 29.13
C SER B 318 -15.05 14.63 27.61
N LEU B 319 -16.20 15.02 27.11
CA LEU B 319 -16.44 15.08 25.67
C LEU B 319 -15.55 16.10 24.94
N LEU B 320 -14.73 15.65 23.99
CA LEU B 320 -13.85 16.56 23.24
C LEU B 320 -14.58 17.39 22.18
N MET B 321 -15.69 16.87 21.69
CA MET B 321 -16.59 17.61 20.80
C MET B 321 -17.80 18.00 21.66
N PRO B 322 -17.96 19.29 21.95
CA PRO B 322 -19.02 19.77 22.81
C PRO B 322 -20.43 19.42 22.36
N GLY B 323 -21.30 19.21 23.33
CA GLY B 323 -22.72 19.17 23.16
C GLY B 323 -23.42 20.47 23.63
N GLY B 324 -24.64 20.64 23.16
CA GLY B 324 -25.45 21.76 23.57
C GLY B 324 -26.47 22.07 22.52
N ALA B 325 -27.43 22.90 22.93
CA ALA B 325 -28.54 23.33 22.04
C ALA B 325 -28.71 24.81 22.09
N VAL B 326 -28.94 25.39 20.92
CA VAL B 326 -29.32 26.80 20.83
C VAL B 326 -30.68 26.88 20.21
N ILE B 327 -31.53 27.74 20.77
CA ILE B 327 -32.80 28.03 20.16
C ILE B 327 -33.01 29.56 20.09
N ASN B 328 -33.98 29.95 19.27
CA ASN B 328 -34.43 31.37 19.09
C ASN B 328 -33.32 32.28 18.65
N GLY B 329 -32.27 31.75 18.02
CA GLY B 329 -31.16 32.52 17.61
C GLY B 329 -30.36 33.07 18.73
N ASP B 330 -30.53 32.51 19.93
CA ASP B 330 -29.82 32.99 21.06
C ASP B 330 -28.55 32.14 21.30
N PHE B 331 -27.49 32.52 20.61
CA PHE B 331 -26.21 31.84 20.70
C PHE B 331 -25.43 32.22 21.96
N ASN B 332 -25.95 33.15 22.77
CA ASN B 332 -25.43 33.38 24.12
C ASN B 332 -25.89 32.39 25.17
N ASN B 333 -26.90 31.57 24.85
CA ASN B 333 -27.43 30.61 25.80
C ASN B 333 -27.34 29.20 25.27
N VAL B 334 -26.18 28.56 25.39
CA VAL B 334 -26.05 27.18 24.95
C VAL B 334 -26.62 26.35 26.09
N LEU B 335 -27.64 25.61 25.78
CA LEU B 335 -28.42 24.89 26.71
C LEU B 335 -27.99 23.45 26.79
N PRO B 336 -28.08 22.87 27.97
CA PRO B 336 -27.66 21.48 28.16
C PRO B 336 -28.69 20.53 27.65
N VAL B 337 -28.23 19.45 27.07
CA VAL B 337 -29.11 18.43 26.46
C VAL B 337 -29.12 17.18 27.32
N ASP B 338 -30.30 16.63 27.57
CA ASP B 338 -30.44 15.40 28.32
C ASP B 338 -31.30 14.46 27.53
N LEU B 339 -30.73 13.34 27.16
CA LEU B 339 -31.44 12.39 26.24
C LEU B 339 -32.39 11.44 26.95
N VAL B 340 -32.45 11.51 28.28
CA VAL B 340 -33.45 10.76 29.07
C VAL B 340 -34.72 11.61 29.32
N ASP B 341 -34.60 12.93 29.28
CA ASP B 341 -35.71 13.83 29.58
C ASP B 341 -36.83 13.72 28.53
N PRO B 342 -38.02 13.27 28.92
CA PRO B 342 -39.08 13.09 27.92
C PRO B 342 -39.57 14.36 27.26
N GLN B 343 -39.24 15.53 27.86
CA GLN B 343 -39.62 16.79 27.29
C GLN B 343 -38.63 17.32 26.29
N GLN B 344 -37.46 16.68 26.15
CA GLN B 344 -36.47 17.19 25.21
C GLN B 344 -36.63 16.56 23.84
N VAL B 345 -35.98 15.43 23.56
CA VAL B 345 -36.13 14.84 22.23
C VAL B 345 -37.45 14.09 22.08
N GLN B 346 -38.22 14.45 21.04
CA GLN B 346 -39.48 13.79 20.73
C GLN B 346 -39.59 13.68 19.26
N GLU B 347 -40.28 12.65 18.77
CA GLU B 347 -40.54 12.52 17.34
C GLU B 347 -42.01 12.54 17.11
N PHE B 348 -42.38 13.26 16.04
CA PHE B 348 -43.72 13.42 15.59
C PHE B 348 -43.92 12.68 14.27
N VAL B 349 -45.12 12.18 14.03
CA VAL B 349 -45.39 11.47 12.79
C VAL B 349 -46.66 11.94 12.05
N ASP B 350 -47.20 13.10 12.42
CA ASP B 350 -48.40 13.60 11.72
C ASP B 350 -48.16 13.86 10.23
N HIS B 351 -46.94 14.08 9.83
CA HIS B 351 -46.60 14.23 8.43
C HIS B 351 -45.69 13.12 7.89
N ALA B 352 -45.66 11.97 8.56
CA ALA B 352 -44.88 10.85 8.21
C ALA B 352 -45.70 9.58 8.13
N TRP B 353 -45.18 8.61 7.40
CA TRP B 353 -45.85 7.36 7.17
C TRP B 353 -45.77 6.30 8.28
N TYR B 354 -46.32 6.66 9.43
CA TYR B 354 -46.34 5.87 10.60
C TYR B 354 -47.63 6.08 11.38
N ARG B 355 -47.93 5.17 12.29
CA ARG B 355 -49.08 5.34 13.18
C ARG B 355 -48.67 5.60 14.59
N TYR B 356 -49.33 6.57 15.24
CA TYR B 356 -49.26 6.77 16.68
C TYR B 356 -50.68 6.72 17.20
N PRO B 357 -50.83 6.40 18.46
CA PRO B 357 -52.15 6.56 19.07
C PRO B 357 -52.66 8.01 19.00
N ASN B 358 -51.78 8.98 19.25
CA ASN B 358 -52.18 10.40 19.03
C ASN B 358 -51.09 11.04 18.17
N ASP B 359 -51.40 11.34 16.92
CA ASP B 359 -50.38 11.93 16.04
C ASP B 359 -50.15 13.40 16.21
N GLN B 360 -50.87 14.04 17.11
CA GLN B 360 -50.65 15.43 17.39
C GLN B 360 -49.64 15.59 18.51
N VAL B 361 -49.06 14.52 19.04
CA VAL B 361 -48.09 14.71 20.07
C VAL B 361 -46.79 14.02 19.66
N GLY B 362 -45.72 14.40 20.31
CA GLY B 362 -44.40 13.84 20.03
C GLY B 362 -44.06 12.76 21.06
N ARG B 363 -43.33 11.72 20.66
CA ARG B 363 -42.95 10.68 21.57
C ARG B 363 -41.44 10.63 21.71
N HIS B 364 -41.02 10.71 22.97
CA HIS B 364 -39.59 10.52 23.31
C HIS B 364 -39.22 9.09 22.92
N PRO B 365 -37.96 8.84 22.53
CA PRO B 365 -37.68 7.49 22.00
C PRO B 365 -37.89 6.30 22.93
N PHE B 366 -37.77 6.50 24.25
CA PHE B 366 -38.11 5.42 25.16
C PHE B 366 -39.61 5.06 25.07
N ASP B 367 -40.44 5.97 24.57
CA ASP B 367 -41.84 5.68 24.30
C ASP B 367 -42.07 5.59 22.80
N GLY B 368 -41.03 5.34 22.00
CA GLY B 368 -41.14 5.43 20.54
C GLY B 368 -41.93 4.28 19.96
N ILE B 369 -42.47 4.49 18.80
CA ILE B 369 -43.27 3.52 18.11
C ILE B 369 -42.88 3.58 16.65
N THR B 370 -42.67 2.42 16.03
CA THR B 370 -42.39 2.32 14.63
C THR B 370 -43.32 1.34 13.94
N ASP B 371 -44.48 1.90 13.55
CA ASP B 371 -45.60 1.08 13.05
C ASP B 371 -45.89 1.70 11.68
N PRO B 372 -45.27 1.17 10.63
CA PRO B 372 -45.29 1.81 9.30
C PRO B 372 -46.66 1.87 8.72
N TRP B 373 -46.97 2.99 8.08
CA TRP B 373 -48.30 3.22 7.49
C TRP B 373 -48.17 4.06 6.26
N TYR B 374 -48.08 3.40 5.12
CA TYR B 374 -47.92 4.12 3.88
C TYR B 374 -49.26 4.74 3.49
N ASN B 375 -49.34 6.04 3.61
CA ASN B 375 -50.64 6.75 3.43
C ASN B 375 -50.37 8.13 2.93
N PRO B 376 -50.11 8.25 1.64
CA PRO B 376 -49.81 9.52 1.05
C PRO B 376 -51.05 10.41 0.80
N GLY B 377 -52.23 9.86 1.00
CA GLY B 377 -53.50 10.63 0.89
C GLY B 377 -53.61 11.24 -0.48
N ASP B 378 -54.00 12.50 -0.51
CA ASP B 378 -54.46 13.11 -1.73
C ASP B 378 -53.32 13.71 -2.50
N VAL B 379 -52.60 12.83 -3.17
CA VAL B 379 -51.46 13.26 -3.95
C VAL B 379 -52.02 13.62 -5.30
N LYS B 380 -51.25 14.33 -6.07
CA LYS B 380 -51.55 14.45 -7.45
C LYS B 380 -50.91 13.17 -7.92
N GLY B 381 -51.73 12.37 -8.59
CA GLY B 381 -51.42 11.01 -9.04
C GLY B 381 -52.12 10.00 -8.21
N SER B 382 -51.44 8.92 -7.80
CA SER B 382 -52.03 7.83 -7.08
C SER B 382 -50.94 7.34 -6.06
N ASP B 383 -51.33 6.47 -5.17
CA ASP B 383 -50.38 6.01 -4.15
C ASP B 383 -49.18 5.20 -4.70
N THR B 384 -49.23 4.70 -5.95
CA THR B 384 -48.06 4.05 -6.58
C THR B 384 -47.52 4.84 -7.73
N ASN B 385 -48.03 6.05 -7.86
CA ASN B 385 -47.51 6.92 -8.90
C ASN B 385 -47.65 8.40 -8.51
N ILE B 386 -46.72 8.85 -7.66
CA ILE B 386 -46.79 10.15 -7.03
C ILE B 386 -46.30 11.19 -8.03
N GLN B 387 -47.19 12.08 -8.43
CA GLN B 387 -46.81 13.28 -9.17
C GLN B 387 -46.46 14.44 -8.29
N GLN B 388 -47.24 14.64 -7.23
CA GLN B 388 -46.98 15.64 -6.23
C GLN B 388 -47.39 15.10 -4.87
N LEU B 389 -46.43 15.08 -3.97
CA LEU B 389 -46.71 14.77 -2.57
C LEU B 389 -47.69 15.80 -2.03
N ASN B 390 -48.47 15.41 -1.03
CA ASN B 390 -49.29 16.35 -0.30
C ASN B 390 -48.72 16.67 1.06
N GLU B 391 -48.00 17.78 1.13
CA GLU B 391 -47.35 18.19 2.34
C GLU B 391 -48.25 18.67 3.45
N GLN B 392 -49.54 18.86 3.15
CA GLN B 392 -50.50 19.09 4.19
C GLN B 392 -50.87 17.80 4.93
N GLU B 393 -50.50 16.63 4.40
CA GLU B 393 -50.67 15.42 5.15
C GLU B 393 -49.36 14.60 5.26
N ARG B 394 -49.43 13.29 5.15
CA ARG B 394 -48.20 12.45 5.35
C ARG B 394 -47.42 12.36 4.08
N TYR B 395 -46.11 12.64 4.17
CA TYR B 395 -45.31 12.76 2.96
C TYR B 395 -43.86 12.27 3.03
N SER B 396 -43.55 11.42 3.98
CA SER B 396 -42.18 10.92 4.14
C SER B 396 -42.09 9.69 4.96
N TRP B 397 -41.01 8.91 4.72
CA TRP B 397 -40.64 7.82 5.61
C TRP B 397 -39.81 8.29 6.77
N ILE B 398 -39.52 9.58 6.83
CA ILE B 398 -38.70 10.13 7.90
C ILE B 398 -39.60 10.63 9.02
N LYS B 399 -39.37 10.22 10.27
CA LYS B 399 -40.04 10.88 11.40
C LYS B 399 -39.53 12.29 11.63
N ALA B 400 -40.29 13.10 12.39
CA ALA B 400 -39.96 14.50 12.66
C ALA B 400 -39.48 14.72 14.08
N PRO B 401 -38.15 14.70 14.34
CA PRO B 401 -37.69 14.99 15.67
C PRO B 401 -37.70 16.45 15.94
N ARG B 402 -37.93 16.75 17.20
CA ARG B 402 -37.85 18.12 17.67
C ARG B 402 -37.18 18.07 19.03
N TRP B 403 -36.62 19.22 19.47
CA TRP B 403 -36.00 19.31 20.77
C TRP B 403 -36.77 20.41 21.56
N ARG B 404 -37.37 20.03 22.67
CA ARG B 404 -38.29 20.90 23.42
C ARG B 404 -39.28 21.55 22.46
N GLY B 405 -39.70 20.83 21.43
CA GLY B 405 -40.66 21.31 20.44
C GLY B 405 -40.10 22.16 19.33
N ASN B 406 -38.80 22.44 19.37
CA ASN B 406 -38.13 23.24 18.38
C ASN B 406 -37.55 22.41 17.25
N ALA B 407 -37.65 22.93 16.03
CA ALA B 407 -36.98 22.33 14.87
C ALA B 407 -35.51 22.76 14.83
N MET B 408 -34.59 21.77 14.76
CA MET B 408 -33.15 22.00 14.89
C MET B 408 -32.39 21.57 13.67
N GLU B 409 -31.27 22.24 13.42
CA GLU B 409 -30.27 21.76 12.45
C GLU B 409 -29.17 21.07 13.25
N VAL B 410 -28.72 19.94 12.72
CA VAL B 410 -27.56 19.20 13.27
C VAL B 410 -26.44 19.09 12.24
N GLY B 411 -25.24 18.68 12.67
CA GLY B 411 -24.16 18.45 11.73
C GLY B 411 -22.99 19.39 11.91
N PRO B 412 -22.03 19.39 10.97
CA PRO B 412 -20.78 20.13 11.17
C PRO B 412 -21.02 21.61 11.49
N LEU B 413 -21.90 22.26 10.75
CA LEU B 413 -22.20 23.69 11.05
C LEU B 413 -22.80 23.85 12.47
N ALA B 414 -23.80 23.05 12.80
CA ALA B 414 -24.33 23.05 14.11
C ALA B 414 -23.31 22.87 15.21
N ARG B 415 -22.46 21.85 15.09
CA ARG B 415 -21.42 21.62 16.08
C ARG B 415 -20.46 22.79 16.19
N THR B 416 -20.06 23.35 15.04
CA THR B 416 -19.10 24.41 15.01
C THR B 416 -19.66 25.64 15.77
N LEU B 417 -20.93 25.93 15.54
CA LEU B 417 -21.59 27.02 16.24
C LEU B 417 -21.68 26.80 17.74
N ILE B 418 -22.03 25.60 18.11
CA ILE B 418 -22.11 25.25 19.53
C ILE B 418 -20.74 25.35 20.18
N ALA B 419 -19.70 24.71 19.59
CA ALA B 419 -18.39 24.80 20.19
C ALA B 419 -17.86 26.22 20.22
N TYR B 420 -18.10 26.97 19.15
CA TYR B 420 -17.63 28.36 19.07
C TYR B 420 -18.20 29.16 20.24
N HIS B 421 -19.50 29.01 20.43
CA HIS B 421 -20.21 29.81 21.40
C HIS B 421 -20.08 29.30 22.81
N LYS B 422 -19.65 28.06 23.00
CA LYS B 422 -19.24 27.64 24.35
C LYS B 422 -17.81 28.12 24.66
N GLY B 423 -17.10 28.71 23.69
CA GLY B 423 -15.73 29.19 23.92
C GLY B 423 -14.61 28.16 23.73
N ASP B 424 -14.87 27.10 22.95
CA ASP B 424 -13.81 26.13 22.66
C ASP B 424 -12.72 26.86 21.88
N ALA B 425 -11.52 26.94 22.45
CA ALA B 425 -10.47 27.80 21.88
C ALA B 425 -10.04 27.36 20.49
N ALA B 426 -9.90 26.05 20.23
CA ALA B 426 -9.45 25.58 18.95
C ALA B 426 -10.47 25.96 17.90
N THR B 427 -11.77 25.78 18.23
CA THR B 427 -12.79 26.06 17.30
C THR B 427 -12.84 27.56 17.00
N VAL B 428 -12.82 28.37 18.03
CA VAL B 428 -12.85 29.85 17.84
C VAL B 428 -11.73 30.27 16.92
N GLU B 429 -10.53 29.74 17.18
CA GLU B 429 -9.39 30.13 16.41
C GLU B 429 -9.50 29.73 14.95
N SER B 430 -9.97 28.52 14.73
CA SER B 430 -10.06 27.98 13.39
C SER B 430 -11.13 28.71 12.57
N VAL B 431 -12.30 28.92 13.18
CA VAL B 431 -13.37 29.64 12.50
C VAL B 431 -12.93 31.09 12.17
N ASP B 432 -12.39 31.78 13.17
CA ASP B 432 -11.97 33.15 12.99
C ASP B 432 -10.98 33.28 11.85
N ARG B 433 -9.96 32.41 11.82
CA ARG B 433 -8.97 32.47 10.82
C ARG B 433 -9.55 32.19 9.44
N MET B 434 -10.45 31.22 9.38
CA MET B 434 -11.11 30.91 8.13
C MET B 434 -11.98 32.05 7.57
N MET B 435 -12.81 32.64 8.42
CA MET B 435 -13.68 33.72 7.95
C MET B 435 -12.85 34.99 7.63
N SER B 436 -11.77 35.17 8.38
CA SER B 436 -10.87 36.27 8.09
C SER B 436 -10.21 36.12 6.73
N ALA B 437 -9.80 34.90 6.34
CA ALA B 437 -9.19 34.67 5.06
C ALA B 437 -10.14 34.93 3.92
N LEU B 438 -11.42 34.70 4.13
CA LEU B 438 -12.46 35.00 3.15
C LEU B 438 -12.99 36.43 3.17
N ASN B 439 -12.54 37.21 4.14
CA ASN B 439 -13.12 38.54 4.39
C ASN B 439 -14.63 38.53 4.55
N LEU B 440 -15.11 37.59 5.38
CA LEU B 440 -16.51 37.46 5.65
C LEU B 440 -16.75 37.51 7.12
N PRO B 441 -17.89 38.03 7.51
CA PRO B 441 -18.24 38.05 8.94
C PRO B 441 -18.49 36.63 9.44
N LEU B 442 -18.48 36.45 10.76
CA LEU B 442 -18.76 35.16 11.37
C LEU B 442 -20.13 34.59 10.91
N SER B 443 -21.12 35.46 10.68
CA SER B 443 -22.43 35.05 10.19
C SER B 443 -22.37 34.35 8.84
N GLY B 444 -21.28 34.54 8.08
CA GLY B 444 -21.16 33.89 6.78
C GLY B 444 -21.07 32.37 6.86
N ILE B 445 -20.74 31.85 8.03
CA ILE B 445 -20.78 30.38 8.21
C ILE B 445 -22.19 29.85 8.24
N GLN B 446 -23.13 30.69 8.61
CA GLN B 446 -24.50 30.24 8.69
C GLN B 446 -25.13 30.31 7.32
N SER B 447 -24.86 29.24 6.53
CA SER B 447 -25.14 29.28 5.09
C SER B 447 -24.80 27.97 4.48
N THR B 448 -25.19 27.76 3.23
CA THR B 448 -24.76 26.58 2.49
C THR B 448 -23.26 26.52 2.31
N LEU B 449 -22.61 27.63 1.96
CA LEU B 449 -21.17 27.67 1.89
C LEU B 449 -20.58 27.30 3.23
N GLY B 450 -21.14 27.83 4.30
CA GLY B 450 -20.65 27.58 5.61
C GLY B 450 -20.64 26.11 6.04
N ARG B 451 -21.67 25.36 5.63
CA ARG B 451 -21.74 23.96 5.94
C ARG B 451 -20.57 23.21 5.33
N ILE B 452 -20.20 23.59 4.13
CA ILE B 452 -19.03 23.04 3.45
C ILE B 452 -17.72 23.43 4.15
N LEU B 453 -17.55 24.70 4.49
CA LEU B 453 -16.35 25.13 5.18
C LEU B 453 -16.21 24.40 6.54
N CYS B 454 -17.33 24.28 7.28
CA CYS B 454 -17.26 23.61 8.60
C CYS B 454 -16.90 22.12 8.43
N ARG B 455 -17.35 21.49 7.38
CA ARG B 455 -17.06 20.10 7.13
C ARG B 455 -15.57 19.92 6.90
N ALA B 456 -14.97 20.80 6.09
CA ALA B 456 -13.50 20.76 5.95
C ALA B 456 -12.76 21.03 7.26
N HIS B 457 -13.16 22.06 7.98
CA HIS B 457 -12.61 22.36 9.32
C HIS B 457 -12.67 21.09 10.22
N GLU B 458 -13.79 20.38 10.20
CA GLU B 458 -13.95 19.22 11.08
C GLU B 458 -13.05 18.07 10.64
N ALA B 459 -12.85 17.90 9.36
CA ALA B 459 -11.90 16.93 8.87
C ALA B 459 -10.50 17.19 9.39
N GLN B 460 -10.07 18.45 9.37
CA GLN B 460 -8.79 18.80 9.92
C GLN B 460 -8.76 18.56 11.44
N TRP B 461 -9.79 18.96 12.15
CA TRP B 461 -9.91 18.73 13.61
C TRP B 461 -9.77 17.24 13.94
N ALA B 462 -10.54 16.41 13.23
CA ALA B 462 -10.55 14.99 13.46
C ALA B 462 -9.19 14.33 13.17
N ALA B 463 -8.51 14.76 12.10
CA ALA B 463 -7.17 14.25 11.80
C ALA B 463 -6.17 14.57 12.92
N GLY B 464 -6.26 15.74 13.49
CA GLY B 464 -5.47 16.07 14.68
C GLY B 464 -5.83 15.20 15.89
N LYS B 465 -7.12 15.03 16.15
CA LYS B 465 -7.55 14.16 17.24
C LYS B 465 -7.10 12.72 17.03
N LEU B 466 -7.05 12.25 15.78
CA LEU B 466 -6.52 10.90 15.54
C LEU B 466 -5.15 10.70 16.13
N GLN B 467 -4.26 11.66 15.96
CA GLN B 467 -2.90 11.55 16.49
C GLN B 467 -2.93 11.60 17.99
N TYR B 468 -3.76 12.50 18.55
CA TYR B 468 -3.90 12.59 19.99
C TYR B 468 -4.35 11.27 20.64
N PHE B 469 -5.38 10.64 20.07
CA PHE B 469 -5.83 9.35 20.54
C PHE B 469 -4.76 8.27 20.40
N PHE B 470 -4.09 8.24 19.26
CA PHE B 470 -3.04 7.21 19.05
C PHE B 470 -1.98 7.38 20.12
N ASP B 471 -1.56 8.61 20.39
CA ASP B 471 -0.55 8.87 21.39
C ASP B 471 -1.01 8.43 22.78
N LYS B 472 -2.29 8.63 23.09
CA LYS B 472 -2.82 8.13 24.36
C LYS B 472 -2.78 6.62 24.48
N LEU B 473 -3.10 5.91 23.39
CA LEU B 473 -3.08 4.47 23.35
C LEU B 473 -1.62 4.04 23.60
N MET B 474 -0.69 4.67 22.92
CA MET B 474 0.74 4.26 23.10
C MET B 474 1.27 4.53 24.51
N THR B 475 0.87 5.64 25.09
CA THR B 475 1.18 5.94 26.46
C THR B 475 0.67 4.86 27.42
N ASN B 476 -0.56 4.39 27.20
CA ASN B 476 -1.04 3.28 28.05
C ASN B 476 -0.20 2.02 27.84
N LEU B 477 0.13 1.72 26.59
CA LEU B 477 0.90 0.49 26.29
C LEU B 477 2.29 0.56 26.96
N LYS B 478 2.90 1.74 26.95
CA LYS B 478 4.20 1.94 27.55
C LYS B 478 4.12 1.72 29.07
N ASN B 479 2.98 2.00 29.66
CA ASN B 479 2.71 1.76 31.05
C ASN B 479 2.19 0.36 31.36
N GLY B 480 2.13 -0.51 30.39
CA GLY B 480 1.69 -1.87 30.68
C GLY B 480 0.18 -2.08 30.79
N ASN B 481 -0.60 -1.13 30.28
CA ASN B 481 -2.04 -1.14 30.34
C ASN B 481 -2.52 -1.57 28.97
N LEU B 482 -2.86 -2.84 28.87
CA LEU B 482 -3.18 -3.48 27.60
C LEU B 482 -4.66 -3.78 27.40
N ALA B 483 -5.47 -3.67 28.45
CA ALA B 483 -6.83 -4.24 28.39
C ALA B 483 -7.71 -3.58 27.35
N THR B 484 -8.47 -4.41 26.63
CA THR B 484 -9.37 -3.95 25.60
C THR B 484 -10.84 -4.38 25.79
N ALA B 485 -11.12 -5.20 26.77
CA ALA B 485 -12.53 -5.61 27.01
C ALA B 485 -12.81 -5.88 28.47
N SER B 486 -14.00 -5.52 28.90
CA SER B 486 -14.53 -5.87 30.20
C SER B 486 -15.62 -6.92 29.96
N THR B 487 -15.48 -8.08 30.58
CA THR B 487 -16.33 -9.19 30.26
C THR B 487 -17.11 -9.68 31.51
N GLU B 488 -17.03 -8.96 32.60
CA GLU B 488 -17.78 -9.48 33.79
C GLU B 488 -19.29 -9.45 33.67
N LYS B 489 -19.82 -8.65 32.74
CA LYS B 489 -21.22 -8.69 32.43
C LYS B 489 -21.54 -9.13 31.02
N TRP B 490 -20.70 -9.97 30.44
CA TRP B 490 -20.94 -10.45 29.09
C TRP B 490 -22.11 -11.40 29.09
N GLU B 491 -22.21 -12.27 30.09
CA GLU B 491 -23.23 -13.31 30.08
C GLU B 491 -24.62 -12.70 30.46
N PRO B 492 -25.67 -13.05 29.73
CA PRO B 492 -27.00 -12.49 30.04
C PRO B 492 -27.49 -12.70 31.47
N ALA B 493 -27.05 -13.78 32.13
CA ALA B 493 -27.51 -14.00 33.50
C ALA B 493 -27.04 -12.92 34.44
N THR B 494 -26.01 -12.16 34.06
CA THR B 494 -25.52 -11.10 34.90
C THR B 494 -26.22 -9.80 34.72
N TRP B 495 -27.11 -9.70 33.73
CA TRP B 495 -27.74 -8.44 33.46
C TRP B 495 -28.96 -8.16 34.36
N PRO B 496 -29.33 -6.88 34.55
CA PRO B 496 -30.63 -6.60 35.16
C PRO B 496 -31.75 -7.26 34.32
N THR B 497 -32.74 -7.77 35.01
CA THR B 497 -33.93 -8.26 34.32
C THR B 497 -34.61 -7.23 33.43
N GLU B 498 -34.61 -6.00 33.88
CA GLU B 498 -35.20 -4.92 33.15
C GLU B 498 -34.32 -3.69 33.27
N CYS B 499 -33.85 -3.15 32.15
CA CYS B 499 -33.03 -1.96 32.18
C CYS B 499 -33.11 -1.24 30.84
N ARG B 500 -32.69 0.00 30.83
CA ARG B 500 -32.66 0.72 29.57
C ARG B 500 -31.47 1.63 29.55
N GLY B 501 -31.11 2.04 28.35
CA GLY B 501 -29.90 2.85 28.15
C GLY B 501 -29.96 3.70 26.92
N VAL B 502 -29.12 4.72 26.93
CA VAL B 502 -28.97 5.62 25.81
CA VAL B 502 -28.99 5.56 25.77
C VAL B 502 -27.52 5.60 25.35
N GLY B 503 -27.32 5.51 24.06
CA GLY B 503 -25.98 5.60 23.46
C GLY B 503 -26.04 6.78 22.52
N PHE B 504 -25.13 7.74 22.66
CA PHE B 504 -25.14 8.91 21.75
C PHE B 504 -23.74 9.26 21.28
N THR B 505 -23.67 9.93 20.13
CA THR B 505 -22.45 10.44 19.62
C THR B 505 -22.75 11.47 18.60
N GLU B 506 -21.69 11.99 17.97
CA GLU B 506 -21.81 12.93 16.83
C GLU B 506 -21.25 12.16 15.63
N ALA B 507 -22.15 11.73 14.77
CA ALA B 507 -21.78 11.12 13.53
C ALA B 507 -21.34 12.21 12.57
N PRO B 508 -20.70 11.85 11.45
CA PRO B 508 -20.34 12.91 10.47
C PRO B 508 -21.41 13.92 10.14
N ARG B 509 -22.67 13.49 10.09
CA ARG B 509 -23.79 14.32 9.69
C ARG B 509 -24.54 14.97 10.85
N GLY B 510 -24.18 14.63 12.09
CA GLY B 510 -24.78 15.24 13.27
C GLY B 510 -25.08 14.33 14.44
N ALA B 511 -25.99 14.78 15.26
CA ALA B 511 -26.33 14.16 16.54
C ALA B 511 -27.07 12.82 16.30
N LEU B 512 -26.49 11.77 16.87
CA LEU B 512 -27.04 10.42 16.78
C LEU B 512 -27.36 9.85 18.18
N GLY B 513 -28.50 9.23 18.29
CA GLY B 513 -28.87 8.57 19.53
C GLY B 513 -29.54 7.24 19.27
N HIS B 514 -29.19 6.24 20.08
CA HIS B 514 -29.91 4.94 20.14
C HIS B 514 -30.41 4.81 21.58
N TRP B 515 -31.72 4.52 21.69
CA TRP B 515 -32.35 4.26 22.96
C TRP B 515 -32.79 2.82 23.01
N ALA B 516 -32.33 2.08 24.01
CA ALA B 516 -32.56 0.62 24.07
C ALA B 516 -33.14 0.25 25.41
N ALA B 517 -34.12 -0.66 25.38
CA ALA B 517 -34.64 -1.26 26.58
C ALA B 517 -34.44 -2.74 26.47
N ILE B 518 -33.91 -3.31 27.56
CA ILE B 518 -33.63 -4.76 27.66
C ILE B 518 -34.56 -5.35 28.70
N ARG B 519 -35.17 -6.46 28.37
CA ARG B 519 -36.00 -7.17 29.32
C ARG B 519 -35.82 -8.67 29.10
N ASP B 520 -35.59 -9.40 30.18
CA ASP B 520 -35.46 -10.85 30.16
C ASP B 520 -34.40 -11.28 29.12
N GLY B 521 -33.31 -10.54 29.03
CA GLY B 521 -32.20 -10.88 28.15
C GLY B 521 -32.34 -10.51 26.70
N LYS B 522 -33.45 -9.85 26.35
CA LYS B 522 -33.72 -9.55 24.94
C LYS B 522 -34.03 -8.09 24.78
N ILE B 523 -33.82 -7.60 23.57
CA ILE B 523 -34.21 -6.24 23.23
C ILE B 523 -35.70 -6.16 23.25
N ASP B 524 -36.22 -5.26 24.07
CA ASP B 524 -37.64 -5.01 24.23
C ASP B 524 -38.07 -3.82 23.42
N LEU B 525 -37.17 -2.85 23.26
CA LEU B 525 -37.38 -1.66 22.42
C LEU B 525 -36.02 -1.16 21.98
N TYR B 526 -35.96 -0.68 20.75
CA TYR B 526 -34.73 -0.11 20.22
C TYR B 526 -35.14 0.97 19.23
N GLN B 527 -34.93 2.21 19.62
CA GLN B 527 -35.32 3.33 18.82
C GLN B 527 -34.10 4.16 18.48
N CYS B 528 -34.00 4.52 17.20
CA CYS B 528 -32.93 5.34 16.70
C CYS B 528 -33.44 6.67 16.24
N VAL B 529 -32.72 7.73 16.59
CA VAL B 529 -32.95 9.03 15.99
C VAL B 529 -31.61 9.51 15.44
N VAL B 530 -31.55 9.76 14.15
CA VAL B 530 -30.31 9.82 13.42
C VAL B 530 -30.16 11.24 12.81
N PRO B 531 -28.95 11.68 12.50
CA PRO B 531 -28.83 13.06 12.17
C PRO B 531 -29.61 13.53 10.93
N THR B 532 -29.67 12.71 9.90
CA THR B 532 -30.45 13.14 8.74
C THR B 532 -31.97 12.99 9.07
N THR B 533 -32.36 12.26 10.08
CA THR B 533 -33.79 12.29 10.54
C THR B 533 -34.09 13.72 10.98
N TRP B 534 -33.19 14.35 11.76
CA TRP B 534 -33.35 15.75 12.12
C TRP B 534 -33.40 16.62 10.89
N ASN B 535 -32.38 16.56 10.08
CA ASN B 535 -32.24 17.61 9.07
C ASN B 535 -33.26 17.48 7.95
N ALA B 536 -33.58 16.24 7.57
CA ALA B 536 -34.51 15.95 6.49
C ALA B 536 -35.97 15.84 6.95
N SER B 537 -36.20 16.17 8.19
CA SER B 537 -37.48 16.02 8.86
C SER B 537 -38.61 16.60 8.06
N PRO B 538 -39.79 15.94 8.10
CA PRO B 538 -41.00 16.61 7.62
C PRO B 538 -41.55 17.52 8.74
N ARG B 539 -42.70 18.13 8.47
CA ARG B 539 -43.32 19.10 9.37
C ARG B 539 -43.95 18.43 10.58
N ASP B 540 -44.28 19.25 11.59
CA ASP B 540 -44.87 18.79 12.83
C ASP B 540 -46.33 19.35 12.95
N PRO B 541 -47.01 19.08 14.06
CA PRO B 541 -48.40 19.57 14.14
C PRO B 541 -48.56 21.09 14.10
N LYS B 542 -47.53 21.83 14.44
CA LYS B 542 -47.55 23.27 14.33
C LYS B 542 -47.21 23.77 12.91
N GLY B 543 -46.89 22.89 11.98
CA GLY B 543 -46.43 23.26 10.67
C GLY B 543 -44.96 23.68 10.63
N GLN B 544 -44.20 23.47 11.71
CA GLN B 544 -42.82 23.87 11.72
C GLN B 544 -42.01 23.00 10.76
N ILE B 545 -41.15 23.67 10.01
CA ILE B 545 -40.38 23.03 8.96
C ILE B 545 -39.03 22.64 9.52
N GLY B 546 -38.51 21.55 9.00
CA GLY B 546 -37.15 21.12 9.34
C GLY B 546 -36.03 21.80 8.58
N ALA B 547 -34.79 21.32 8.84
CA ALA B 547 -33.63 22.05 8.43
C ALA B 547 -33.47 22.14 6.90
N TYR B 548 -33.75 21.07 6.18
CA TYR B 548 -33.61 21.12 4.76
C TYR B 548 -34.66 22.07 4.13
N GLU B 549 -35.90 21.86 4.51
CA GLU B 549 -37.03 22.68 3.96
C GLU B 549 -36.74 24.19 4.27
N ALA B 550 -36.29 24.48 5.46
CA ALA B 550 -35.93 25.89 5.82
C ALA B 550 -34.78 26.44 4.99
N ALA B 551 -33.72 25.64 4.82
CA ALA B 551 -32.57 26.08 4.05
C ALA B 551 -32.87 26.34 2.59
N LEU B 552 -33.85 25.64 2.05
CA LEU B 552 -34.25 25.78 0.66
C LEU B 552 -35.14 27.04 0.49
N MET B 553 -35.90 27.39 1.52
CA MET B 553 -36.72 28.56 1.45
C MET B 553 -35.94 29.80 1.00
N ASN B 554 -36.60 30.59 0.13
CA ASN B 554 -36.13 31.93 -0.28
C ASN B 554 -35.01 31.89 -1.27
N THR B 555 -34.73 30.72 -1.83
CA THR B 555 -33.58 30.53 -2.75
C THR B 555 -33.97 30.88 -4.17
N LYS B 556 -33.16 31.69 -4.79
CA LYS B 556 -33.33 32.04 -6.19
C LYS B 556 -32.79 30.92 -7.06
N MET B 557 -33.52 30.59 -8.10
CA MET B 557 -33.06 29.68 -9.13
C MET B 557 -32.86 30.38 -10.44
N ALA B 558 -31.70 30.19 -11.05
CA ALA B 558 -31.45 30.83 -12.35
C ALA B 558 -32.28 30.17 -13.46
N ILE B 559 -32.39 28.85 -13.41
CA ILE B 559 -33.02 28.06 -14.44
C ILE B 559 -33.88 27.01 -13.70
N PRO B 560 -35.18 27.17 -13.66
CA PRO B 560 -36.03 26.29 -12.88
C PRO B 560 -35.94 24.79 -13.20
N GLU B 561 -35.73 24.45 -14.47
CA GLU B 561 -35.63 23.08 -14.89
C GLU B 561 -34.31 22.40 -14.47
N GLN B 562 -33.31 23.17 -14.06
CA GLN B 562 -31.98 22.68 -13.69
C GLN B 562 -31.75 23.00 -12.21
N PRO B 563 -31.95 22.04 -11.35
CA PRO B 563 -32.04 22.35 -9.91
C PRO B 563 -30.69 22.50 -9.19
N LEU B 564 -29.74 23.15 -9.83
CA LEU B 564 -28.40 23.24 -9.25
C LEU B 564 -28.40 23.87 -7.85
N GLU B 565 -29.20 24.92 -7.63
CA GLU B 565 -29.20 25.60 -6.36
C GLU B 565 -29.82 24.72 -5.32
N ILE B 566 -30.80 23.89 -5.69
CA ILE B 566 -31.44 22.98 -4.72
C ILE B 566 -30.38 21.91 -4.33
N LEU B 567 -29.73 21.37 -5.30
CA LEU B 567 -28.69 20.32 -5.05
C LEU B 567 -27.56 20.88 -4.21
N ARG B 568 -27.11 22.10 -4.51
CA ARG B 568 -26.06 22.69 -3.70
C ARG B 568 -26.42 22.72 -2.23
N THR B 569 -27.59 23.24 -1.89
CA THR B 569 -28.01 23.33 -0.52
C THR B 569 -28.25 21.99 0.14
N LEU B 570 -28.95 21.12 -0.53
CA LEU B 570 -29.18 19.78 0.04
C LEU B 570 -27.85 19.04 0.28
N HIS B 571 -27.03 19.02 -0.75
CA HIS B 571 -25.72 18.35 -0.65
C HIS B 571 -24.85 18.95 0.45
N SER B 572 -25.00 20.23 0.79
CA SER B 572 -24.23 20.84 1.82
C SER B 572 -24.47 20.22 3.20
N PHE B 573 -25.62 19.61 3.40
CA PHE B 573 -25.92 18.90 4.64
C PHE B 573 -25.45 17.44 4.66
N ASP B 574 -24.93 16.97 3.55
CA ASP B 574 -24.52 15.58 3.33
C ASP B 574 -25.67 14.58 3.73
N PRO B 575 -26.78 14.57 2.97
CA PRO B 575 -27.92 13.72 3.28
C PRO B 575 -27.59 12.21 3.24
N CYS B 576 -27.99 11.52 4.29
CA CYS B 576 -27.86 10.05 4.41
C CYS B 576 -29.24 9.51 4.64
N LEU B 577 -29.91 9.12 3.55
CA LEU B 577 -31.32 8.78 3.68
C LEU B 577 -31.57 7.41 4.33
N ALA B 578 -30.66 6.46 4.14
CA ALA B 578 -30.76 5.19 4.81
C ALA B 578 -30.65 5.39 6.28
N CYS B 579 -29.72 6.22 6.70
CA CYS B 579 -29.66 6.63 8.11
C CYS B 579 -30.99 7.25 8.55
N SER B 580 -31.56 8.13 7.71
CA SER B 580 -32.68 8.97 8.18
C SER B 580 -33.90 8.14 8.53
N THR B 581 -34.08 7.01 7.81
CA THR B 581 -35.25 6.18 7.88
C THR B 581 -35.05 4.87 8.65
N HIS B 582 -33.87 4.29 8.47
CA HIS B 582 -33.49 3.08 9.14
C HIS B 582 -34.58 2.01 9.16
N LYS C 4 15.17 16.88 20.00
CA LYS C 4 15.41 15.58 20.73
C LYS C 4 16.41 14.71 19.97
N PRO C 5 17.57 14.35 20.59
CA PRO C 5 18.58 13.62 19.81
C PRO C 5 18.05 12.24 19.46
N ARG C 6 18.44 11.72 18.31
CA ARG C 6 17.98 10.38 17.92
C ARG C 6 19.00 9.36 18.44
N ILE C 7 18.54 8.19 18.77
CA ILE C 7 19.45 7.14 19.24
C ILE C 7 20.50 6.74 18.15
N PRO C 8 21.76 6.74 18.53
CA PRO C 8 22.79 6.36 17.55
C PRO C 8 22.79 4.87 17.26
N VAL C 9 22.92 4.55 15.98
CA VAL C 9 23.00 3.17 15.54
C VAL C 9 24.25 3.07 14.67
N VAL C 10 25.05 2.05 14.97
CA VAL C 10 26.19 1.70 14.16
C VAL C 10 25.81 0.35 13.51
N TRP C 11 25.81 0.29 12.19
CA TRP C 11 25.43 -0.95 11.41
C TRP C 11 26.64 -1.46 10.66
N ILE C 12 27.14 -2.61 11.04
CA ILE C 12 28.34 -3.23 10.44
C ILE C 12 27.94 -4.51 9.70
N HIS C 13 28.79 -4.88 8.75
CA HIS C 13 28.55 -5.96 7.83
C HIS C 13 29.78 -6.88 7.86
N GLY C 14 29.59 -8.13 8.22
CA GLY C 14 30.61 -9.20 8.05
C GLY C 14 30.46 -9.90 6.71
N LEU C 15 30.60 -11.23 6.71
CA LEU C 15 30.28 -12.04 5.53
C LEU C 15 28.76 -12.11 5.40
N GLU C 16 28.25 -11.70 4.25
CA GLU C 16 26.83 -11.52 4.08
C GLU C 16 26.55 -11.32 2.65
N CYS C 17 25.27 -11.32 2.31
CA CYS C 17 24.85 -11.05 0.97
C CYS C 17 24.07 -9.74 0.88
N THR C 18 23.86 -9.07 2.00
CA THR C 18 23.23 -7.73 2.09
C THR C 18 21.70 -7.81 2.02
N CYS C 19 21.15 -9.02 2.08
CA CYS C 19 19.70 -9.14 2.04
C CYS C 19 19.01 -8.49 3.24
N CYS C 20 19.65 -8.40 4.40
CA CYS C 20 18.97 -7.86 5.57
C CYS C 20 18.89 -6.33 5.43
N THR C 21 19.94 -5.68 4.91
CA THR C 21 19.88 -4.25 4.59
C THR C 21 18.77 -3.96 3.53
N GLU C 22 18.71 -4.81 2.51
CA GLU C 22 17.68 -4.70 1.49
C GLU C 22 16.30 -4.86 2.10
N SER C 23 16.17 -5.83 2.99
CA SER C 23 14.88 -6.05 3.64
C SER C 23 14.48 -4.79 4.45
N PHE C 24 15.42 -4.30 5.23
CA PHE C 24 15.17 -3.10 6.02
C PHE C 24 14.61 -1.94 5.15
N ILE C 25 15.16 -1.71 3.97
CA ILE C 25 14.66 -0.58 3.18
C ILE C 25 13.29 -0.83 2.53
N ARG C 26 12.86 -2.08 2.56
CA ARG C 26 11.52 -2.40 2.09
C ARG C 26 10.47 -2.03 3.09
N SER C 27 10.84 -1.64 4.30
CA SER C 27 9.83 -1.37 5.31
C SER C 27 8.68 -0.45 4.86
N ALA C 28 7.44 -0.87 5.12
CA ALA C 28 6.31 -0.05 4.68
C ALA C 28 5.82 0.92 5.77
N HIS C 29 6.04 0.60 7.02
CA HIS C 29 5.55 1.42 8.11
C HIS C 29 6.28 1.08 9.40
N PRO C 30 7.13 1.98 9.91
CA PRO C 30 7.53 3.18 9.23
C PRO C 30 8.42 2.95 7.99
N LEU C 31 8.28 3.86 7.02
CA LEU C 31 9.21 3.89 5.90
C LEU C 31 10.66 3.98 6.40
N ALA C 32 11.59 3.26 5.74
CA ALA C 32 13.00 3.36 6.10
C ALA C 32 13.51 4.78 6.07
N LYS C 33 13.01 5.55 5.14
CA LYS C 33 13.27 6.99 5.10
C LYS C 33 12.99 7.64 6.43
N ASP C 34 11.81 7.39 6.98
CA ASP C 34 11.42 8.00 8.23
C ASP C 34 12.16 7.44 9.42
N VAL C 35 12.57 6.17 9.35
CA VAL C 35 13.39 5.60 10.42
C VAL C 35 14.72 6.40 10.48
N ILE C 36 15.35 6.54 9.30
CA ILE C 36 16.68 7.15 9.22
C ILE C 36 16.59 8.63 9.55
N LEU C 37 15.53 9.33 9.09
CA LEU C 37 15.44 10.78 9.29
C LEU C 37 14.93 11.16 10.66
N SER C 38 14.05 10.33 11.22
CA SER C 38 13.32 10.74 12.44
C SER C 38 13.45 9.86 13.61
N LEU C 39 13.77 8.59 13.47
CA LEU C 39 13.71 7.69 14.60
C LEU C 39 15.06 7.36 15.19
N ILE C 40 16.05 7.14 14.34
CA ILE C 40 17.37 6.79 14.78
C ILE C 40 18.37 7.74 14.15
N SER C 41 19.63 7.68 14.59
CA SER C 41 20.69 8.31 13.89
C SER C 41 21.56 7.18 13.34
N LEU C 42 21.36 6.83 12.10
CA LEU C 42 22.13 5.79 11.46
C LEU C 42 23.51 6.38 11.11
N ASP C 43 24.45 6.19 12.02
CA ASP C 43 25.72 6.92 12.06
C ASP C 43 26.84 6.22 11.33
N TYR C 44 26.70 4.94 10.99
CA TYR C 44 27.69 4.24 10.23
C TYR C 44 26.89 3.10 9.54
N ASP C 45 27.12 2.91 8.25
CA ASP C 45 26.45 1.84 7.46
C ASP C 45 27.14 1.77 6.11
N ASP C 46 27.94 0.74 5.89
CA ASP C 46 28.73 0.62 4.64
C ASP C 46 27.92 0.76 3.38
N THR C 47 26.69 0.25 3.39
CA THR C 47 25.90 0.24 2.17
C THR C 47 25.39 1.61 1.72
N LEU C 48 25.11 2.50 2.66
CA LEU C 48 24.43 3.72 2.38
C LEU C 48 25.22 5.00 2.65
N MET C 49 26.31 4.92 3.40
CA MET C 49 27.00 6.12 3.83
C MET C 49 27.84 6.81 2.70
N ALA C 50 27.93 8.14 2.80
CA ALA C 50 28.64 8.94 1.85
C ALA C 50 30.13 8.66 1.94
N ALA C 51 30.69 8.66 3.17
CA ALA C 51 32.11 8.59 3.39
C ALA C 51 32.62 7.20 3.05
N ALA C 52 33.81 7.11 2.47
CA ALA C 52 34.50 5.87 2.19
C ALA C 52 35.90 5.92 2.77
N GLY C 53 36.54 4.75 2.83
CA GLY C 53 37.95 4.67 3.17
C GLY C 53 38.28 5.40 4.45
N THR C 54 39.35 6.25 4.42
CA THR C 54 39.76 6.88 5.66
C THR C 54 38.66 7.73 6.26
N GLN C 55 37.85 8.35 5.42
CA GLN C 55 36.73 9.13 5.94
C GLN C 55 35.69 8.25 6.68
N ALA C 56 35.41 7.05 6.14
CA ALA C 56 34.50 6.10 6.82
C ALA C 56 35.13 5.57 8.12
N GLU C 57 36.45 5.29 8.12
CA GLU C 57 37.13 4.92 9.35
C GLU C 57 37.04 6.01 10.40
N GLU C 58 37.13 7.28 9.99
CA GLU C 58 37.04 8.42 10.96
C GLU C 58 35.63 8.47 11.59
N VAL C 59 34.61 8.29 10.77
CA VAL C 59 33.23 8.26 11.30
C VAL C 59 33.11 7.15 12.34
N PHE C 60 33.55 5.93 11.95
CA PHE C 60 33.45 4.77 12.85
C PHE C 60 34.08 5.09 14.19
N GLU C 61 35.33 5.52 14.15
CA GLU C 61 36.07 5.79 15.37
C GLU C 61 35.47 6.92 16.16
N ASP C 62 35.02 7.97 15.49
CA ASP C 62 34.40 9.08 16.22
C ASP C 62 33.07 8.69 16.91
N ILE C 63 32.22 7.95 16.19
CA ILE C 63 30.94 7.55 16.76
C ILE C 63 31.12 6.63 17.95
N ILE C 64 31.96 5.59 17.81
CA ILE C 64 32.05 4.64 18.88
C ILE C 64 32.74 5.24 20.09
N THR C 65 33.57 6.25 19.88
CA THR C 65 34.21 6.95 20.98
C THR C 65 33.26 7.96 21.65
N GLN C 66 32.69 8.86 20.87
CA GLN C 66 31.76 9.85 21.38
C GLN C 66 30.50 9.27 22.03
N TYR C 67 29.96 8.21 21.45
CA TYR C 67 28.77 7.58 22.00
C TYR C 67 29.01 6.23 22.74
N ASN C 68 30.21 6.04 23.25
CA ASN C 68 30.58 4.84 23.97
C ASN C 68 29.54 4.57 25.02
N GLY C 69 29.00 3.36 25.04
CA GLY C 69 27.99 2.92 25.93
C GLY C 69 26.58 3.27 25.58
N LYS C 70 26.39 4.02 24.51
CA LYS C 70 25.10 4.64 24.17
C LYS C 70 24.56 4.33 22.77
N TYR C 71 25.30 3.61 21.97
CA TYR C 71 24.80 3.28 20.65
C TYR C 71 24.30 1.87 20.60
N ILE C 72 23.35 1.63 19.73
CA ILE C 72 22.98 0.28 19.37
C ILE C 72 23.87 -0.18 18.23
N LEU C 73 24.40 -1.40 18.34
CA LEU C 73 25.17 -1.99 17.25
C LEU C 73 24.27 -2.97 16.50
N ALA C 74 24.03 -2.74 15.22
CA ALA C 74 23.37 -3.68 14.35
C ALA C 74 24.46 -4.43 13.57
N VAL C 75 24.35 -5.72 13.50
CA VAL C 75 25.32 -6.53 12.81
C VAL C 75 24.60 -7.39 11.80
N GLU C 76 25.02 -7.28 10.56
CA GLU C 76 24.54 -8.14 9.50
C GLU C 76 25.71 -9.02 9.07
N GLY C 77 25.49 -10.26 8.77
CA GLY C 77 26.61 -11.15 8.45
C GLY C 77 27.36 -11.63 9.67
N ASN C 78 28.49 -12.30 9.41
CA ASN C 78 29.24 -12.94 10.47
C ASN C 78 30.75 -12.95 10.24
N PRO C 79 31.50 -13.23 11.29
CA PRO C 79 32.96 -13.28 11.10
C PRO C 79 33.43 -14.69 10.76
N PRO C 80 34.37 -14.85 9.83
CA PRO C 80 34.96 -16.13 9.51
C PRO C 80 36.20 -16.31 10.32
N LEU C 81 36.37 -17.45 10.94
CA LEU C 81 37.57 -17.67 11.78
C LEU C 81 38.69 -18.22 10.99
N GLY C 82 38.42 -18.69 9.78
CA GLY C 82 39.46 -19.27 8.96
C GLY C 82 40.44 -18.23 8.42
N GLU C 83 41.62 -18.71 8.06
CA GLU C 83 42.67 -17.87 7.51
C GLU C 83 42.94 -16.65 8.36
N GLN C 84 43.00 -16.83 9.65
CA GLN C 84 43.21 -15.75 10.62
C GLN C 84 42.20 -14.60 10.55
N GLY C 85 41.01 -14.94 10.09
CA GLY C 85 39.97 -13.97 9.89
C GLY C 85 40.00 -13.23 8.58
N MET C 86 40.95 -13.54 7.69
CA MET C 86 41.13 -12.74 6.46
C MET C 86 40.30 -13.16 5.29
N PHE C 87 39.35 -14.07 5.53
CA PHE C 87 38.22 -14.24 4.64
C PHE C 87 37.26 -13.07 4.62
N CYS C 88 37.39 -12.13 5.56
CA CYS C 88 36.59 -10.94 5.57
C CYS C 88 37.40 -9.80 6.14
N ILE C 89 37.84 -8.89 5.26
CA ILE C 89 38.88 -7.92 5.58
C ILE C 89 38.22 -6.54 5.54
N SER C 90 38.48 -5.72 6.55
CA SER C 90 38.03 -4.33 6.59
C SER C 90 39.16 -3.45 7.09
N SER C 91 39.50 -2.45 6.30
CA SER C 91 40.66 -1.56 6.53
C SER C 91 41.92 -2.38 6.71
N GLY C 92 42.05 -3.40 5.88
CA GLY C 92 43.20 -4.23 5.88
C GLY C 92 43.39 -5.22 7.01
N ARG C 93 42.42 -5.31 7.90
CA ARG C 93 42.50 -6.15 9.06
C ARG C 93 41.24 -7.06 9.15
N PRO C 94 41.30 -8.11 9.97
CA PRO C 94 40.16 -9.03 10.03
C PRO C 94 38.93 -8.28 10.45
N PHE C 95 37.82 -8.57 9.78
CA PHE C 95 36.51 -8.00 10.23
C PHE C 95 36.24 -8.20 11.71
N ILE C 96 36.63 -9.37 12.24
CA ILE C 96 36.37 -9.66 13.64
C ILE C 96 36.90 -8.56 14.57
N GLU C 97 37.99 -7.91 14.22
CA GLU C 97 38.54 -6.84 15.04
C GLU C 97 37.59 -5.64 15.08
N LYS C 98 36.98 -5.33 13.95
CA LYS C 98 36.02 -4.22 13.92
C LYS C 98 34.75 -4.64 14.70
N LEU C 99 34.28 -5.86 14.50
CA LEU C 99 33.17 -6.37 15.32
C LEU C 99 33.42 -6.23 16.81
N LYS C 100 34.57 -6.71 17.30
CA LYS C 100 34.87 -6.61 18.72
C LYS C 100 34.97 -5.18 19.21
N ARG C 101 35.61 -4.30 18.45
CA ARG C 101 35.68 -2.91 18.83
C ARG C 101 34.30 -2.23 18.89
N ALA C 102 33.47 -2.49 17.88
CA ALA C 102 32.11 -1.96 17.88
C ALA C 102 31.28 -2.52 19.01
N ALA C 103 31.45 -3.79 19.30
CA ALA C 103 30.62 -4.47 20.28
C ALA C 103 30.96 -3.93 21.67
N ALA C 104 32.25 -3.62 21.87
CA ALA C 104 32.71 -3.15 23.20
C ALA C 104 32.01 -1.87 23.70
N GLY C 105 31.68 -0.97 22.78
CA GLY C 105 31.06 0.25 23.15
C GLY C 105 29.54 0.24 23.04
N ALA C 106 28.94 -0.84 22.56
CA ALA C 106 27.47 -0.87 22.31
C ALA C 106 26.66 -1.01 23.57
N SER C 107 25.52 -0.41 23.64
CA SER C 107 24.61 -0.69 24.75
C SER C 107 23.88 -2.01 24.53
N ALA C 108 23.59 -2.35 23.27
CA ALA C 108 22.94 -3.58 22.92
C ALA C 108 23.26 -3.88 21.47
N ILE C 109 23.11 -5.15 21.09
CA ILE C 109 23.46 -5.61 19.74
C ILE C 109 22.25 -6.26 19.13
N ILE C 110 21.91 -5.86 17.88
CA ILE C 110 20.91 -6.55 17.12
C ILE C 110 21.64 -7.39 16.08
N ALA C 111 21.40 -8.71 16.11
CA ALA C 111 21.96 -9.60 15.15
C ALA C 111 20.91 -9.84 14.08
N TRP C 112 21.00 -9.11 12.96
CA TRP C 112 20.05 -9.23 11.89
C TRP C 112 20.31 -10.47 11.12
N GLY C 113 19.26 -11.24 10.88
CA GLY C 113 19.34 -12.32 9.96
C GLY C 113 19.92 -13.59 10.54
N THR C 114 19.66 -14.64 9.81
CA THR C 114 20.20 -15.92 10.12
C THR C 114 21.71 -15.95 10.05
N CYS C 115 22.34 -15.18 9.20
CA CYS C 115 23.82 -15.07 9.22
C CYS C 115 24.36 -14.68 10.63
N ALA C 116 23.95 -13.51 11.10
CA ALA C 116 24.50 -12.97 12.35
C ALA C 116 24.00 -13.83 13.54
N SER C 117 22.76 -14.38 13.41
CA SER C 117 22.17 -15.16 14.48
C SER C 117 22.75 -16.55 14.67
N TRP C 118 23.00 -17.22 13.53
CA TRP C 118 23.31 -18.66 13.53
C TRP C 118 24.43 -19.08 12.58
N GLY C 119 24.61 -18.39 11.44
CA GLY C 119 25.64 -18.78 10.45
C GLY C 119 25.15 -18.63 8.98
N CYS C 120 23.97 -19.14 8.75
CA CYS C 120 23.32 -19.12 7.45
C CYS C 120 24.20 -19.78 6.37
N VAL C 121 24.09 -19.34 5.12
CA VAL C 121 24.52 -20.24 4.03
C VAL C 121 26.04 -20.49 4.06
N GLN C 122 26.81 -19.47 4.38
CA GLN C 122 28.26 -19.65 4.42
C GLN C 122 28.69 -20.67 5.47
N ALA C 123 27.86 -20.88 6.50
CA ALA C 123 28.16 -21.85 7.53
C ALA C 123 27.58 -23.23 7.21
N ALA C 124 26.84 -23.36 6.09
CA ALA C 124 26.37 -24.67 5.69
C ALA C 124 27.54 -25.53 5.31
N ARG C 125 27.33 -26.84 5.42
CA ARG C 125 28.42 -27.81 5.16
C ARG C 125 29.14 -27.52 3.81
N PRO C 126 30.47 -27.50 3.78
CA PRO C 126 31.38 -27.80 4.87
C PRO C 126 31.96 -26.57 5.58
N ASN C 127 31.24 -25.45 5.53
CA ASN C 127 31.70 -24.18 6.13
C ASN C 127 33.16 -23.84 5.83
N PRO C 128 33.47 -23.54 4.57
CA PRO C 128 34.84 -23.32 4.13
C PRO C 128 35.57 -22.27 4.92
N THR C 129 34.86 -21.23 5.38
CA THR C 129 35.48 -20.14 6.04
C THR C 129 35.43 -20.15 7.56
N GLN C 130 34.88 -21.18 8.13
CA GLN C 130 34.59 -21.19 9.56
C GLN C 130 33.81 -19.96 10.03
N ALA C 131 32.76 -19.66 9.28
CA ALA C 131 31.83 -18.58 9.61
C ALA C 131 31.16 -18.95 10.91
N THR C 132 31.10 -17.98 11.82
CA THR C 132 30.66 -18.19 13.18
C THR C 132 29.66 -17.10 13.58
N PRO C 133 28.54 -17.43 14.21
CA PRO C 133 27.61 -16.39 14.58
C PRO C 133 28.14 -15.46 15.69
N ILE C 134 27.56 -14.28 15.75
CA ILE C 134 28.02 -13.20 16.61
C ILE C 134 28.08 -13.61 18.07
N ASP C 135 27.09 -14.39 18.53
CA ASP C 135 27.01 -14.68 19.95
C ASP C 135 28.07 -15.68 20.42
N LYS C 136 28.75 -16.32 19.47
CA LYS C 136 29.91 -17.15 19.82
C LYS C 136 31.19 -16.38 19.92
N VAL C 137 31.21 -15.11 19.51
CA VAL C 137 32.36 -14.24 19.60
C VAL C 137 32.18 -13.16 20.66
N ILE C 138 31.02 -12.55 20.71
CA ILE C 138 30.73 -11.50 21.63
C ILE C 138 29.88 -12.13 22.74
N THR C 139 30.38 -12.11 23.98
CA THR C 139 29.77 -12.88 25.05
C THR C 139 29.43 -12.01 26.23
N ASP C 140 29.63 -10.71 26.16
CA ASP C 140 29.41 -9.81 27.28
C ASP C 140 28.47 -8.62 26.95
N LYS C 141 27.54 -8.84 26.03
CA LYS C 141 26.57 -7.85 25.66
C LYS C 141 25.20 -8.47 25.36
N PRO C 142 24.14 -7.70 25.52
CA PRO C 142 22.81 -8.19 25.16
C PRO C 142 22.75 -8.32 23.61
N ILE C 143 22.39 -9.49 23.10
CA ILE C 143 22.24 -9.73 21.70
C ILE C 143 20.79 -10.17 21.44
N ILE C 144 20.14 -9.43 20.56
CA ILE C 144 18.83 -9.77 20.13
C ILE C 144 19.01 -10.41 18.76
N LYS C 145 18.57 -11.65 18.63
CA LYS C 145 18.64 -12.38 17.35
C LYS C 145 17.37 -12.17 16.60
N VAL C 146 17.49 -11.74 15.36
CA VAL C 146 16.32 -11.47 14.50
C VAL C 146 16.49 -12.29 13.24
N PRO C 147 16.17 -13.62 13.33
CA PRO C 147 16.60 -14.49 12.27
C PRO C 147 15.61 -14.51 11.10
N GLY C 148 16.01 -15.22 10.07
CA GLY C 148 15.34 -15.20 8.79
C GLY C 148 16.33 -14.79 7.75
N CYS C 149 16.07 -15.21 6.52
CA CYS C 149 16.96 -15.04 5.40
C CYS C 149 16.30 -14.30 4.25
N PRO C 150 16.11 -12.97 4.34
CA PRO C 150 16.29 -12.12 5.50
C PRO C 150 15.03 -12.16 6.40
N PRO C 151 15.06 -11.48 7.55
CA PRO C 151 13.83 -11.21 8.31
C PRO C 151 12.91 -10.38 7.52
N ILE C 152 11.66 -10.41 7.95
CA ILE C 152 10.56 -9.66 7.32
C ILE C 152 10.80 -8.15 7.47
N PRO C 153 10.72 -7.38 6.40
CA PRO C 153 10.97 -5.93 6.53
C PRO C 153 10.23 -5.22 7.66
N ASP C 154 8.91 -5.42 7.75
CA ASP C 154 8.15 -4.73 8.80
C ASP C 154 8.38 -5.30 10.19
N VAL C 155 8.95 -6.50 10.29
CA VAL C 155 9.41 -7.00 11.58
C VAL C 155 10.64 -6.23 12.02
N MET C 156 11.59 -6.06 11.08
CA MET C 156 12.79 -5.30 11.37
C MET C 156 12.46 -3.90 11.86
N SER C 157 11.62 -3.21 11.12
CA SER C 157 11.24 -1.89 11.54
C SER C 157 10.40 -1.86 12.83
N ALA C 158 9.60 -2.86 13.07
CA ALA C 158 8.80 -2.94 14.30
C ALA C 158 9.70 -3.15 15.53
N ILE C 159 10.77 -3.92 15.39
CA ILE C 159 11.71 -4.10 16.46
C ILE C 159 12.44 -2.81 16.79
N ILE C 160 12.89 -2.11 15.74
CA ILE C 160 13.49 -0.78 15.95
C ILE C 160 12.54 0.21 16.65
N THR C 161 11.31 0.29 16.17
CA THR C 161 10.37 1.20 16.77
CA THR C 161 10.33 1.21 16.75
C THR C 161 10.06 0.83 18.21
N TYR C 162 9.97 -0.45 18.46
CA TYR C 162 9.75 -0.89 19.86
C TYR C 162 10.88 -0.40 20.72
N MET C 163 12.11 -0.62 20.28
CA MET C 163 13.24 -0.18 21.11
C MET C 163 13.27 1.30 21.36
N VAL C 164 13.02 2.08 20.32
CA VAL C 164 12.96 3.54 20.45
C VAL C 164 11.77 4.02 21.28
N THR C 165 10.58 3.52 20.99
CA THR C 165 9.37 3.98 21.64
C THR C 165 9.31 3.60 23.09
N PHE C 166 9.63 2.35 23.39
CA PHE C 166 9.48 1.84 24.71
C PHE C 166 10.79 1.92 25.52
N ASP C 167 11.89 2.28 24.87
CA ASP C 167 13.21 2.44 25.49
C ASP C 167 13.62 1.17 26.24
N ARG C 168 13.42 0.05 25.61
CA ARG C 168 13.81 -1.21 26.18
CA ARG C 168 13.67 -1.25 26.18
CA ARG C 168 13.81 -1.20 26.17
C ARG C 168 13.98 -2.24 25.07
N LEU C 169 14.68 -3.31 25.41
CA LEU C 169 14.83 -4.36 24.46
C LEU C 169 13.56 -5.20 24.48
N PRO C 170 13.23 -5.80 23.34
CA PRO C 170 12.12 -6.74 23.40
C PRO C 170 12.41 -7.93 24.24
N ASP C 171 11.38 -8.51 24.85
CA ASP C 171 11.56 -9.74 25.57
C ASP C 171 11.83 -10.85 24.56
N VAL C 172 12.68 -11.78 24.96
CA VAL C 172 13.15 -12.83 24.07
C VAL C 172 12.92 -14.22 24.59
N ASP C 173 12.90 -15.18 23.67
CA ASP C 173 12.90 -16.56 24.04
C ASP C 173 14.30 -17.05 24.51
N ARG C 174 14.40 -18.35 24.76
CA ARG C 174 15.66 -18.90 25.28
C ARG C 174 16.80 -18.84 24.25
N MET C 175 16.51 -18.53 23.00
CA MET C 175 17.52 -18.32 21.95
C MET C 175 17.83 -16.89 21.65
N GLY C 176 17.20 -15.96 22.33
CA GLY C 176 17.43 -14.55 22.14
C GLY C 176 16.60 -13.91 21.02
N ARG C 177 15.57 -14.59 20.57
CA ARG C 177 14.68 -14.08 19.53
C ARG C 177 13.49 -13.36 20.18
N PRO C 178 13.08 -12.20 19.61
CA PRO C 178 11.89 -11.51 20.15
C PRO C 178 10.63 -12.35 20.14
N LEU C 179 10.07 -12.53 21.32
CA LEU C 179 8.81 -13.27 21.51
C LEU C 179 7.70 -12.77 20.59
N MET C 180 7.67 -11.43 20.41
CA MET C 180 6.60 -10.82 19.66
C MET C 180 6.46 -11.45 18.28
N PHE C 181 7.59 -11.68 17.58
CA PHE C 181 7.49 -12.22 16.22
C PHE C 181 8.01 -13.63 16.01
N TYR C 182 8.68 -14.21 17.01
CA TYR C 182 9.22 -15.55 16.88
C TYR C 182 8.64 -16.54 17.91
N GLY C 183 7.62 -16.13 18.65
CA GLY C 183 7.03 -16.98 19.69
C GLY C 183 6.24 -18.16 19.18
N GLN C 184 5.82 -18.13 17.90
CA GLN C 184 4.99 -19.16 17.32
C GLN C 184 5.56 -19.60 16.00
N ARG C 185 5.24 -20.84 15.69
CA ARG C 185 5.67 -21.41 14.41
C ARG C 185 4.83 -20.94 13.22
N ILE C 186 5.46 -20.97 12.06
CA ILE C 186 4.78 -20.65 10.82
C ILE C 186 3.51 -21.47 10.68
N HIS C 187 3.65 -22.77 10.91
CA HIS C 187 2.54 -23.76 10.81
C HIS C 187 1.41 -23.53 11.82
N ASP C 188 1.70 -22.83 12.92
CA ASP C 188 0.69 -22.53 13.96
C ASP C 188 -0.26 -21.39 13.52
N LYS C 189 0.12 -20.65 12.46
CA LYS C 189 -0.67 -19.53 11.93
C LYS C 189 -0.78 -19.60 10.41
N CYS C 190 -0.71 -20.80 9.85
CA CYS C 190 -0.73 -20.97 8.38
C CYS C 190 -2.12 -21.13 7.87
N TYR C 191 -2.45 -20.34 6.85
CA TYR C 191 -3.78 -20.36 6.30
C TYR C 191 -4.09 -21.64 5.51
N ARG C 192 -3.11 -22.49 5.25
CA ARG C 192 -3.35 -23.79 4.62
C ARG C 192 -3.51 -24.93 5.62
N ARG C 193 -3.52 -24.63 6.90
CA ARG C 193 -3.60 -25.66 7.89
C ARG C 193 -4.82 -26.52 7.79
N ALA C 194 -5.96 -25.95 7.38
CA ALA C 194 -7.14 -26.76 7.15
C ALA C 194 -6.85 -27.94 6.25
N HIS C 195 -6.01 -27.70 5.20
CA HIS C 195 -5.67 -28.75 4.27
C HIS C 195 -4.76 -29.78 4.88
N PHE C 196 -3.76 -29.34 5.64
CA PHE C 196 -2.89 -30.25 6.39
C PHE C 196 -3.74 -31.19 7.27
N ASP C 197 -4.66 -30.59 7.99
CA ASP C 197 -5.52 -31.26 8.96
C ASP C 197 -6.38 -32.31 8.21
N ALA C 198 -6.80 -31.99 6.99
CA ALA C 198 -7.60 -32.85 6.16
C ALA C 198 -6.83 -33.84 5.30
N GLY C 199 -5.51 -33.85 5.34
CA GLY C 199 -4.73 -34.71 4.46
C GLY C 199 -4.82 -34.29 2.99
N GLU C 200 -5.01 -32.99 2.73
CA GLU C 200 -5.15 -32.43 1.39
C GLU C 200 -3.82 -31.75 1.02
N PHE C 201 -3.05 -32.45 0.21
CA PHE C 201 -1.69 -32.06 -0.05
C PHE C 201 -1.41 -31.91 -1.52
N VAL C 202 -0.58 -30.92 -1.85
CA VAL C 202 0.09 -30.89 -3.14
C VAL C 202 1.03 -32.12 -3.24
N GLN C 203 0.93 -32.84 -4.32
CA GLN C 203 1.86 -34.02 -4.56
C GLN C 203 2.85 -33.82 -5.68
N SER C 204 2.54 -32.96 -6.63
CA SER C 204 3.52 -32.57 -7.63
C SER C 204 3.19 -31.15 -8.08
N TRP C 205 4.21 -30.41 -8.52
CA TRP C 205 4.00 -28.97 -8.80
C TRP C 205 2.85 -28.83 -9.84
N ASP C 206 2.02 -27.82 -9.60
CA ASP C 206 0.98 -27.39 -10.58
C ASP C 206 -0.05 -28.52 -10.81
N ASP C 207 -0.20 -29.43 -9.85
CA ASP C 207 -1.31 -30.35 -9.85
C ASP C 207 -2.61 -29.67 -9.35
N ASP C 208 -3.73 -30.39 -9.41
CA ASP C 208 -4.99 -29.72 -9.09
C ASP C 208 -4.97 -29.22 -7.64
N ALA C 209 -4.30 -29.96 -6.77
CA ALA C 209 -4.16 -29.55 -5.36
C ALA C 209 -3.42 -28.21 -5.25
N ALA C 210 -2.37 -28.08 -6.04
CA ALA C 210 -1.59 -26.82 -6.03
C ALA C 210 -2.41 -25.64 -6.49
N ARG C 211 -3.25 -25.88 -7.47
CA ARG C 211 -4.14 -24.85 -8.00
C ARG C 211 -5.29 -24.44 -7.10
N LYS C 212 -5.49 -25.19 -6.00
CA LYS C 212 -6.50 -24.84 -5.01
C LYS C 212 -5.88 -24.42 -3.71
N GLY C 213 -4.56 -24.30 -3.65
CA GLY C 213 -3.93 -23.88 -2.43
C GLY C 213 -3.82 -24.90 -1.33
N TYR C 214 -3.67 -26.19 -1.71
CA TYR C 214 -3.52 -27.25 -0.70
C TYR C 214 -2.13 -27.17 -0.02
N CYS C 215 -2.06 -27.87 1.10
CA CYS C 215 -0.86 -27.81 1.96
C CYS C 215 0.34 -28.33 1.23
N LEU C 216 1.51 -27.74 1.58
CA LEU C 216 2.82 -28.02 0.91
C LEU C 216 3.73 -28.96 1.70
N TYR C 217 3.17 -29.59 2.75
CA TYR C 217 3.94 -30.50 3.63
C TYR C 217 4.64 -31.65 2.85
N LYS C 218 3.95 -32.24 1.88
CA LYS C 218 4.53 -33.36 1.13
C LYS C 218 5.51 -32.85 0.07
N MET C 219 5.49 -31.54 -0.19
CA MET C 219 6.50 -30.87 -1.03
C MET C 219 7.72 -30.36 -0.24
N GLY C 220 7.78 -30.68 1.05
CA GLY C 220 8.92 -30.32 1.85
C GLY C 220 8.79 -29.12 2.81
N CYS C 221 7.60 -28.57 2.92
CA CYS C 221 7.40 -27.41 3.80
C CYS C 221 7.93 -27.62 5.21
N LYS C 222 8.80 -26.71 5.68
CA LYS C 222 9.36 -26.78 7.02
C LYS C 222 8.64 -25.86 8.02
N GLY C 223 7.43 -25.39 7.66
CA GLY C 223 6.63 -24.57 8.52
C GLY C 223 6.45 -25.17 9.91
N PRO C 224 6.27 -26.51 10.01
CA PRO C 224 5.99 -27.11 11.32
C PRO C 224 7.11 -26.97 12.30
N THR C 225 8.36 -26.71 11.86
CA THR C 225 9.48 -26.53 12.78
C THR C 225 10.14 -25.17 12.73
N THR C 226 9.47 -24.17 12.20
CA THR C 226 10.11 -22.89 11.94
C THR C 226 9.36 -21.79 12.64
N TYR C 227 10.05 -21.01 13.47
CA TYR C 227 9.45 -19.92 14.21
C TYR C 227 9.75 -18.55 13.46
N ASN C 228 8.69 -17.86 13.07
CA ASN C 228 8.78 -16.60 12.37
C ASN C 228 7.34 -16.06 12.25
N ALA C 229 7.19 -14.94 11.59
CA ALA C 229 5.89 -14.25 11.46
C ALA C 229 5.36 -14.22 10.04
N CYS C 230 5.88 -15.10 9.19
CA CYS C 230 5.58 -14.99 7.76
C CYS C 230 4.12 -15.29 7.41
N SER C 231 3.52 -16.17 8.17
CA SER C 231 2.15 -16.60 7.92
C SER C 231 1.10 -15.66 8.50
N SER C 232 1.52 -14.64 9.26
CA SER C 232 0.62 -13.70 9.93
C SER C 232 0.88 -12.27 9.45
N THR C 233 2.07 -11.78 9.76
CA THR C 233 2.49 -10.48 9.31
C THR C 233 2.74 -10.48 7.78
N ARG C 234 3.25 -11.58 7.27
CA ARG C 234 3.49 -11.72 5.83
C ARG C 234 4.60 -10.76 5.35
N TRP C 235 4.84 -10.75 4.04
CA TRP C 235 5.96 -10.08 3.39
C TRP C 235 5.56 -8.96 2.44
N ASN C 236 6.36 -7.89 2.39
CA ASN C 236 6.27 -6.86 1.45
C ASN C 236 4.91 -6.14 1.54
N ASP C 237 4.65 -5.65 2.75
CA ASP C 237 3.38 -4.89 3.07
C ASP C 237 2.17 -5.84 2.98
N GLY C 238 2.36 -7.06 3.50
CA GLY C 238 1.31 -8.03 3.55
C GLY C 238 0.94 -8.66 2.23
N VAL C 239 1.76 -8.54 1.20
CA VAL C 239 1.38 -9.02 -0.11
C VAL C 239 1.37 -10.56 -0.19
N SER C 240 2.42 -11.20 0.33
CA SER C 240 2.52 -12.67 0.24
C SER C 240 3.44 -13.24 1.30
N PHE C 241 3.64 -14.55 1.24
CA PHE C 241 4.74 -15.19 1.91
C PHE C 241 5.04 -16.48 1.13
N PRO C 242 6.10 -17.18 1.44
CA PRO C 242 6.49 -18.28 0.57
C PRO C 242 5.38 -19.27 0.24
N ILE C 243 4.69 -19.72 1.29
CA ILE C 243 3.62 -20.70 1.16
C ILE C 243 2.48 -20.15 0.32
N GLN C 244 2.14 -18.88 0.50
CA GLN C 244 1.01 -18.32 -0.20
C GLN C 244 1.26 -18.30 -1.70
N SER C 245 2.52 -18.13 -2.11
CA SER C 245 2.87 -18.18 -3.50
C SER C 245 3.28 -19.61 -4.00
N GLY C 246 3.07 -20.63 -3.19
CA GLY C 246 3.14 -22.00 -3.66
C GLY C 246 4.38 -22.77 -3.36
N HIS C 247 5.35 -22.18 -2.64
CA HIS C 247 6.53 -22.94 -2.22
C HIS C 247 6.55 -23.20 -0.70
N GLY C 248 6.91 -24.41 -0.32
CA GLY C 248 7.03 -24.71 1.09
C GLY C 248 8.07 -23.76 1.73
N CYS C 249 7.85 -23.47 3.00
CA CYS C 249 8.87 -22.86 3.86
C CYS C 249 10.17 -23.70 3.77
N LEU C 250 11.30 -23.01 3.62
CA LEU C 250 12.58 -23.63 3.57
C LEU C 250 13.13 -23.85 4.99
N GLY C 251 12.53 -23.18 5.96
CA GLY C 251 12.97 -23.21 7.34
C GLY C 251 14.00 -22.11 7.64
N CYS C 252 13.94 -21.00 6.91
CA CYS C 252 15.07 -20.08 6.85
C CYS C 252 15.37 -19.28 8.10
N ALA C 253 14.45 -19.23 9.04
CA ALA C 253 14.70 -18.61 10.29
C ALA C 253 15.34 -19.51 11.32
N GLU C 254 15.53 -20.81 11.04
CA GLU C 254 16.04 -21.75 12.03
C GLU C 254 17.51 -22.08 11.84
N ASN C 255 18.20 -22.20 12.95
CA ASN C 255 19.61 -22.56 12.94
C ASN C 255 19.81 -23.81 12.12
N GLY C 256 20.77 -23.76 11.17
CA GLY C 256 21.18 -24.98 10.50
C GLY C 256 20.24 -25.46 9.40
N PHE C 257 19.34 -24.59 8.95
CA PHE C 257 18.28 -25.05 8.05
C PHE C 257 18.76 -25.55 6.70
N TRP C 258 19.94 -25.11 6.26
CA TRP C 258 20.48 -25.54 4.97
C TRP C 258 20.89 -26.99 5.04
N ASP C 259 21.18 -27.49 6.23
CA ASP C 259 21.76 -28.84 6.40
C ASP C 259 20.79 -29.87 7.05
N ARG C 260 19.49 -29.64 6.94
CA ARG C 260 18.48 -30.60 7.42
C ARG C 260 17.93 -31.48 6.32
N GLY C 261 18.64 -31.69 5.23
CA GLY C 261 18.12 -32.49 4.10
C GLY C 261 17.52 -31.59 3.05
N SER C 262 17.04 -32.19 1.98
CA SER C 262 16.53 -31.46 0.84
C SER C 262 15.36 -30.60 1.31
N PHE C 263 15.22 -29.44 0.71
CA PHE C 263 14.03 -28.60 0.90
C PHE C 263 12.77 -29.32 0.45
N TYR C 264 12.90 -30.32 -0.40
CA TYR C 264 11.75 -31.04 -0.94
C TYR C 264 11.51 -32.43 -0.28
N SER C 265 12.19 -32.73 0.82
CA SER C 265 11.89 -33.95 1.61
C SER C 265 11.25 -33.57 2.89
N ARG C 266 10.32 -34.40 3.36
CA ARG C 266 9.47 -34.13 4.54
C ARG C 266 10.08 -34.87 5.70
N PRO D 5 -14.57 1.57 -27.32
CA PRO D 5 -15.62 2.04 -26.38
C PRO D 5 -15.60 1.15 -25.14
N ARG D 6 -16.00 1.68 -24.02
CA ARG D 6 -15.94 0.90 -22.77
C ARG D 6 -17.30 0.25 -22.56
N ILE D 7 -17.34 -0.93 -21.92
CA ILE D 7 -18.57 -1.60 -21.67
C ILE D 7 -19.53 -0.78 -20.78
N PRO D 8 -20.76 -0.53 -21.26
CA PRO D 8 -21.71 0.21 -20.45
C PRO D 8 -22.18 -0.58 -19.22
N VAL D 9 -22.23 0.13 -18.09
CA VAL D 9 -22.71 -0.42 -16.83
C VAL D 9 -23.74 0.53 -16.22
N VAL D 10 -24.87 -0.02 -15.87
CA VAL D 10 -25.92 0.73 -15.23
C VAL D 10 -25.99 0.17 -13.81
N TRP D 11 -25.82 1.03 -12.82
CA TRP D 11 -25.76 0.61 -11.42
C TRP D 11 -26.94 1.23 -10.68
N ILE D 12 -27.87 0.40 -10.21
CA ILE D 12 -29.07 0.85 -9.52
C ILE D 12 -29.05 0.38 -8.06
N HIS D 13 -29.86 1.08 -7.25
CA HIS D 13 -29.87 0.93 -5.84
C HIS D 13 -31.31 0.76 -5.36
N GLY D 14 -31.63 -0.37 -4.75
CA GLY D 14 -32.93 -0.58 -4.07
C GLY D 14 -32.83 -0.21 -2.60
N LEU D 15 -33.45 -1.02 -1.75
CA LEU D 15 -33.26 -0.86 -0.32
C LEU D 15 -31.85 -1.38 0.02
N GLU D 16 -31.05 -0.49 0.59
CA GLU D 16 -29.63 -0.81 0.82
C GLU D 16 -29.10 0.19 1.80
N CYS D 17 -27.85 -0.04 2.21
CA CYS D 17 -27.15 0.90 3.05
C CYS D 17 -25.97 1.55 2.33
N THR D 18 -25.69 1.14 1.08
CA THR D 18 -24.70 1.77 0.21
C THR D 18 -23.28 1.26 0.58
N CYS D 19 -23.23 0.19 1.37
CA CYS D 19 -21.92 -0.43 1.72
C CYS D 19 -21.21 -1.07 0.55
N CYS D 20 -21.93 -1.50 -0.47
CA CYS D 20 -21.31 -2.19 -1.57
C CYS D 20 -20.67 -1.13 -2.48
N THR D 21 -21.35 0.01 -2.71
CA THR D 21 -20.75 1.11 -3.45
C THR D 21 -19.45 1.63 -2.72
N GLU D 22 -19.54 1.77 -1.41
CA GLU D 22 -18.37 2.16 -0.64
C GLU D 22 -17.25 1.14 -0.78
N SER D 23 -17.61 -0.15 -0.76
CA SER D 23 -16.59 -1.19 -0.89
C SER D 23 -15.90 -1.03 -2.23
N PHE D 24 -16.70 -0.90 -3.27
CA PHE D 24 -16.16 -0.79 -4.62
C PHE D 24 -15.10 0.31 -4.71
N ILE D 25 -15.38 1.47 -4.13
CA ILE D 25 -14.41 2.59 -4.22
C ILE D 25 -13.16 2.41 -3.40
N ARG D 26 -13.18 1.45 -2.47
CA ARG D 26 -11.96 1.04 -1.76
C ARG D 26 -10.98 0.21 -2.56
N SER D 27 -11.36 -0.24 -3.75
CA SER D 27 -10.49 -1.10 -4.52
C SER D 27 -9.04 -0.56 -4.63
N ALA D 28 -8.07 -1.41 -4.39
CA ALA D 28 -6.69 -1.02 -4.48
C ALA D 28 -6.05 -1.30 -5.86
N HIS D 29 -6.57 -2.26 -6.61
CA HIS D 29 -5.96 -2.65 -7.86
C HIS D 29 -6.96 -3.47 -8.65
N PRO D 30 -7.52 -2.93 -9.71
CA PRO D 30 -7.37 -1.54 -10.12
C PRO D 30 -8.07 -0.55 -9.18
N LEU D 31 -7.51 0.66 -9.10
CA LEU D 31 -8.22 1.75 -8.43
C LEU D 31 -9.60 1.96 -9.06
N ALA D 32 -10.60 2.19 -8.24
CA ALA D 32 -11.92 2.56 -8.74
C ALA D 32 -11.89 3.70 -9.77
N LYS D 33 -11.04 4.69 -9.56
CA LYS D 33 -10.79 5.73 -10.54
C LYS D 33 -10.50 5.16 -11.93
N ASP D 34 -9.57 4.23 -11.98
CA ASP D 34 -9.19 3.64 -13.20
C ASP D 34 -10.27 2.73 -13.80
N VAL D 35 -11.06 2.09 -12.95
CA VAL D 35 -12.14 1.28 -13.42
C VAL D 35 -13.15 2.21 -14.17
N ILE D 36 -13.52 3.29 -13.51
CA ILE D 36 -14.50 4.23 -14.04
C ILE D 36 -13.96 4.94 -15.28
N LEU D 37 -12.70 5.38 -15.26
CA LEU D 37 -12.17 6.15 -16.39
C LEU D 37 -11.77 5.28 -17.55
N SER D 38 -11.28 4.08 -17.29
CA SER D 38 -10.64 3.26 -18.35
C SER D 38 -11.18 1.92 -18.62
N LEU D 39 -11.85 1.28 -17.69
CA LEU D 39 -12.29 -0.11 -17.92
CA LEU D 39 -12.28 -0.11 -17.90
C LEU D 39 -13.73 -0.26 -18.29
N ILE D 40 -14.61 0.50 -17.68
CA ILE D 40 -16.05 0.39 -17.98
C ILE D 40 -16.56 1.80 -18.28
N SER D 41 -17.82 1.88 -18.72
CA SER D 41 -18.48 3.16 -18.81
C SER D 41 -19.60 3.11 -17.79
N LEU D 42 -19.37 3.75 -16.64
CA LEU D 42 -20.36 3.73 -15.56
C LEU D 42 -21.39 4.79 -15.83
N ASP D 43 -22.45 4.37 -16.48
CA ASP D 43 -23.34 5.28 -17.19
C ASP D 43 -24.54 5.72 -16.42
N TYR D 44 -24.77 5.11 -15.26
CA TYR D 44 -25.82 5.54 -14.36
C TYR D 44 -25.42 5.00 -12.99
N ASP D 45 -25.45 5.87 -12.00
CA ASP D 45 -25.10 5.50 -10.62
CA ASP D 45 -25.10 5.53 -10.64
C ASP D 45 -25.57 6.62 -9.73
N ASP D 46 -26.62 6.38 -8.96
CA ASP D 46 -27.20 7.42 -8.10
C ASP D 46 -26.19 8.07 -7.19
N THR D 47 -25.24 7.31 -6.64
CA THR D 47 -24.34 7.83 -5.66
C THR D 47 -23.35 8.84 -6.19
N LEU D 48 -22.92 8.68 -7.44
CA LEU D 48 -21.82 9.46 -7.98
C LEU D 48 -22.15 10.39 -9.13
N MET D 49 -23.31 10.23 -9.76
CA MET D 49 -23.61 10.99 -11.00
C MET D 49 -23.98 12.46 -10.75
N ALA D 50 -23.57 13.31 -11.68
CA ALA D 50 -23.86 14.76 -11.62
C ALA D 50 -25.33 15.07 -11.72
N ALA D 51 -25.99 14.45 -12.70
CA ALA D 51 -27.37 14.70 -12.98
C ALA D 51 -28.27 14.20 -11.83
N ALA D 52 -29.32 14.96 -11.53
CA ALA D 52 -30.35 14.54 -10.60
C ALA D 52 -31.74 14.68 -11.26
N GLY D 53 -32.75 14.11 -10.62
CA GLY D 53 -34.14 14.35 -10.97
C GLY D 53 -34.38 14.04 -12.45
N THR D 54 -35.06 14.96 -13.16
CA THR D 54 -35.39 14.72 -14.56
C THR D 54 -34.15 14.50 -15.42
N GLN D 55 -33.03 15.14 -15.09
CA GLN D 55 -31.81 14.90 -15.86
C GLN D 55 -31.26 13.46 -15.65
N ALA D 56 -31.33 12.99 -14.41
CA ALA D 56 -30.97 11.59 -14.11
C ALA D 56 -31.92 10.60 -14.76
N GLU D 57 -33.22 10.89 -14.82
CA GLU D 57 -34.18 10.02 -15.53
C GLU D 57 -33.88 9.96 -17.03
N GLU D 58 -33.45 11.07 -17.61
CA GLU D 58 -33.08 11.09 -19.05
C GLU D 58 -31.87 10.26 -19.30
N VAL D 59 -30.86 10.35 -18.42
CA VAL D 59 -29.66 9.46 -18.57
C VAL D 59 -30.09 7.98 -18.56
N PHE D 60 -30.88 7.62 -17.55
CA PHE D 60 -31.34 6.26 -17.36
C PHE D 60 -32.01 5.75 -18.63
N GLU D 61 -33.00 6.52 -19.08
CA GLU D 61 -33.75 6.16 -20.28
CA GLU D 61 -33.74 6.06 -20.24
C GLU D 61 -32.85 6.13 -21.52
N ASP D 62 -31.99 7.13 -21.67
CA ASP D 62 -31.14 7.17 -22.88
C ASP D 62 -30.21 5.95 -22.93
N ILE D 63 -29.59 5.62 -21.79
CA ILE D 63 -28.60 4.56 -21.77
C ILE D 63 -29.29 3.22 -22.03
N ILE D 64 -30.39 2.93 -21.35
CA ILE D 64 -30.96 1.59 -21.48
C ILE D 64 -31.60 1.42 -22.88
N THR D 65 -31.96 2.54 -23.53
CA THR D 65 -32.48 2.49 -24.89
C THR D 65 -31.34 2.35 -25.90
N GLN D 66 -30.37 3.25 -25.86
CA GLN D 66 -29.26 3.25 -26.81
C GLN D 66 -28.40 1.97 -26.71
N TYR D 67 -28.23 1.45 -25.49
CA TYR D 67 -27.42 0.25 -25.27
C TYR D 67 -28.25 -1.00 -24.91
N ASN D 68 -29.53 -1.01 -25.29
CA ASN D 68 -30.41 -2.13 -25.04
C ASN D 68 -29.74 -3.41 -25.47
N GLY D 69 -29.72 -4.40 -24.57
CA GLY D 69 -29.08 -5.67 -24.83
C GLY D 69 -27.58 -5.71 -24.61
N LYS D 70 -26.95 -4.58 -24.32
CA LYS D 70 -25.51 -4.45 -24.31
C LYS D 70 -24.87 -3.94 -23.03
N TYR D 71 -25.69 -3.59 -22.06
CA TYR D 71 -25.12 -3.11 -20.80
C TYR D 71 -25.16 -4.20 -19.73
N ILE D 72 -24.20 -4.11 -18.85
CA ILE D 72 -24.27 -4.84 -17.60
C ILE D 72 -25.09 -4.04 -16.62
N LEU D 73 -26.01 -4.70 -15.95
CA LEU D 73 -26.74 -4.11 -14.86
C LEU D 73 -26.18 -4.58 -13.53
N ALA D 74 -25.71 -3.65 -12.74
CA ALA D 74 -25.30 -3.94 -11.32
C ALA D 74 -26.44 -3.50 -10.45
N VAL D 75 -26.82 -4.35 -9.52
CA VAL D 75 -27.88 -4.02 -8.54
C VAL D 75 -27.33 -4.12 -7.15
N GLU D 76 -27.48 -3.05 -6.40
CA GLU D 76 -27.21 -3.06 -4.98
C GLU D 76 -28.53 -2.92 -4.27
N GLY D 77 -28.71 -3.61 -3.16
CA GLY D 77 -30.00 -3.54 -2.50
C GLY D 77 -31.03 -4.42 -3.12
N ASN D 78 -32.27 -4.28 -2.63
CA ASN D 78 -33.36 -5.12 -3.04
C ASN D 78 -34.69 -4.42 -3.07
N PRO D 79 -35.67 -5.03 -3.77
CA PRO D 79 -37.01 -4.46 -3.76
C PRO D 79 -37.88 -4.95 -2.62
N PRO D 80 -38.65 -4.07 -1.97
CA PRO D 80 -39.61 -4.47 -0.98
C PRO D 80 -40.95 -4.72 -1.67
N LEU D 81 -41.61 -5.83 -1.35
CA LEU D 81 -42.95 -6.15 -1.90
C LEU D 81 -44.06 -5.57 -1.07
N GLY D 82 -43.78 -5.14 0.15
CA GLY D 82 -44.77 -4.56 0.96
C GLY D 82 -45.25 -3.17 0.51
N GLU D 83 -46.42 -2.81 0.99
CA GLU D 83 -47.04 -1.52 0.68
C GLU D 83 -46.98 -1.21 -0.81
N GLN D 84 -47.32 -2.19 -1.64
CA GLN D 84 -47.28 -2.05 -3.11
C GLN D 84 -45.91 -1.57 -3.67
N GLY D 85 -44.85 -1.87 -2.94
CA GLY D 85 -43.53 -1.53 -3.34
C GLY D 85 -43.11 -0.15 -2.92
N MET D 86 -43.95 0.58 -2.19
CA MET D 86 -43.63 1.98 -1.89
C MET D 86 -42.82 2.18 -0.62
N PHE D 87 -42.31 1.06 -0.06
CA PHE D 87 -41.18 1.16 0.89
C PHE D 87 -39.89 1.60 0.21
N CYS D 88 -39.83 1.61 -1.13
CA CYS D 88 -38.69 2.12 -1.83
C CYS D 88 -39.16 2.74 -3.15
N ILE D 89 -39.09 4.06 -3.20
CA ILE D 89 -39.77 4.87 -4.25
C ILE D 89 -38.70 5.56 -5.03
N SER D 90 -38.79 5.46 -6.35
CA SER D 90 -37.90 6.18 -7.25
C SER D 90 -38.75 6.83 -8.39
N SER D 91 -38.59 8.14 -8.55
CA SER D 91 -39.38 8.95 -9.52
C SER D 91 -40.86 8.74 -9.27
N GLY D 92 -41.22 8.72 -7.99
CA GLY D 92 -42.61 8.60 -7.57
C GLY D 92 -43.29 7.25 -7.75
N ARG D 93 -42.53 6.22 -8.15
CA ARG D 93 -43.08 4.90 -8.39
C ARG D 93 -42.30 3.85 -7.60
N PRO D 94 -42.81 2.62 -7.51
CA PRO D 94 -42.06 1.59 -6.83
C PRO D 94 -40.68 1.36 -7.47
N PHE D 95 -39.64 1.22 -6.66
CA PHE D 95 -38.33 0.85 -7.18
C PHE D 95 -38.37 -0.39 -8.12
N ILE D 96 -39.22 -1.35 -7.81
CA ILE D 96 -39.26 -2.57 -8.55
C ILE D 96 -39.51 -2.29 -10.04
N GLU D 97 -40.25 -1.21 -10.37
CA GLU D 97 -40.49 -0.92 -11.79
C GLU D 97 -39.19 -0.51 -12.51
N LYS D 98 -38.33 0.25 -11.85
CA LYS D 98 -37.04 0.59 -12.37
C LYS D 98 -36.16 -0.67 -12.48
N LEU D 99 -36.15 -1.54 -11.45
CA LEU D 99 -35.40 -2.81 -11.53
C LEU D 99 -35.79 -3.62 -12.74
N LYS D 100 -37.10 -3.78 -12.93
CA LYS D 100 -37.56 -4.55 -14.06
C LYS D 100 -37.24 -3.94 -15.41
N ARG D 101 -37.39 -2.63 -15.54
CA ARG D 101 -37.04 -1.95 -16.79
C ARG D 101 -35.53 -2.10 -17.11
N ALA D 102 -34.70 -1.92 -16.08
CA ALA D 102 -33.26 -2.07 -16.27
C ALA D 102 -32.88 -3.50 -16.58
N ALA D 103 -33.50 -4.45 -15.91
CA ALA D 103 -33.15 -5.84 -16.08
C ALA D 103 -33.50 -6.31 -17.49
N ALA D 104 -34.62 -5.81 -18.01
CA ALA D 104 -35.11 -6.24 -19.33
C ALA D 104 -34.09 -5.99 -20.44
N GLY D 105 -33.37 -4.87 -20.37
CA GLY D 105 -32.34 -4.54 -21.40
C GLY D 105 -30.95 -5.07 -21.13
N ALA D 106 -30.72 -5.70 -19.99
CA ALA D 106 -29.34 -6.00 -19.62
C ALA D 106 -28.82 -7.23 -20.32
N SER D 107 -27.54 -7.27 -20.64
CA SER D 107 -26.95 -8.53 -21.09
C SER D 107 -26.70 -9.50 -19.93
N ALA D 108 -26.36 -8.95 -18.76
CA ALA D 108 -26.12 -9.79 -17.57
C ALA D 108 -26.36 -8.88 -16.38
N ILE D 109 -26.59 -9.47 -15.21
CA ILE D 109 -26.83 -8.71 -13.98
C ILE D 109 -25.83 -9.19 -12.93
N ILE D 110 -25.23 -8.24 -12.24
CA ILE D 110 -24.41 -8.52 -11.09
C ILE D 110 -25.26 -8.09 -9.88
N ALA D 111 -25.50 -9.03 -8.96
CA ALA D 111 -26.16 -8.76 -7.71
C ALA D 111 -25.09 -8.54 -6.68
N TRP D 112 -24.76 -7.29 -6.39
CA TRP D 112 -23.73 -6.97 -5.41
C TRP D 112 -24.31 -7.14 -4.03
N GLY D 113 -23.58 -7.84 -3.17
CA GLY D 113 -23.92 -7.88 -1.77
C GLY D 113 -24.94 -8.89 -1.39
N THR D 114 -24.99 -9.14 -0.09
CA THR D 114 -25.99 -10.04 0.44
C THR D 114 -27.41 -9.45 0.26
N CYS D 115 -27.56 -8.13 0.31
CA CYS D 115 -28.90 -7.55 0.01
C CYS D 115 -29.49 -8.04 -1.34
N ALA D 116 -28.77 -7.80 -2.42
CA ALA D 116 -29.26 -8.09 -3.73
C ALA D 116 -29.29 -9.63 -3.92
N SER D 117 -28.34 -10.34 -3.30
CA SER D 117 -28.24 -11.76 -3.48
C SER D 117 -29.30 -12.60 -2.75
N TRP D 118 -29.60 -12.20 -1.50
CA TRP D 118 -30.33 -13.01 -0.57
C TRP D 118 -31.36 -12.23 0.29
N GLY D 119 -31.13 -10.95 0.63
CA GLY D 119 -32.04 -10.14 1.40
C GLY D 119 -31.36 -9.24 2.41
N CYS D 120 -30.39 -9.83 3.11
CA CYS D 120 -29.58 -9.16 4.13
C CYS D 120 -30.49 -8.56 5.22
N VAL D 121 -30.05 -7.47 5.83
CA VAL D 121 -30.60 -7.13 7.17
C VAL D 121 -32.06 -6.77 7.14
N GLN D 122 -32.49 -6.14 6.06
CA GLN D 122 -33.91 -5.71 5.98
C GLN D 122 -34.84 -6.93 5.85
N ALA D 123 -34.29 -8.05 5.37
CA ALA D 123 -35.07 -9.28 5.24
C ALA D 123 -34.99 -10.14 6.49
N ALA D 124 -34.20 -9.76 7.44
CA ALA D 124 -34.18 -10.50 8.70
C ALA D 124 -35.50 -10.38 9.41
N ARG D 125 -35.79 -11.38 10.25
CA ARG D 125 -37.10 -11.42 10.95
C ARG D 125 -37.42 -10.08 11.65
N PRO D 126 -38.65 -9.54 11.51
CA PRO D 126 -39.78 -10.15 10.80
C PRO D 126 -39.96 -9.65 9.38
N ASN D 127 -38.91 -9.14 8.76
CA ASN D 127 -38.96 -8.59 7.42
C ASN D 127 -40.15 -7.63 7.22
N PRO D 128 -40.10 -6.51 7.88
CA PRO D 128 -41.22 -5.57 7.81
C PRO D 128 -41.64 -5.16 6.41
N THR D 129 -40.70 -5.02 5.53
CA THR D 129 -40.98 -4.50 4.16
C THR D 129 -41.21 -5.57 3.12
N GLN D 130 -41.13 -6.82 3.47
CA GLN D 130 -41.07 -7.91 2.50
C GLN D 130 -40.01 -7.70 1.44
N ALA D 131 -38.81 -7.35 1.92
CA ALA D 131 -37.62 -7.25 1.07
C ALA D 131 -37.28 -8.62 0.49
N THR D 132 -37.01 -8.62 -0.81
CA THR D 132 -36.92 -9.81 -1.62
C THR D 132 -35.70 -9.72 -2.51
N PRO D 133 -34.90 -10.79 -2.59
CA PRO D 133 -33.69 -10.73 -3.44
C PRO D 133 -34.01 -10.69 -4.94
N ILE D 134 -33.06 -10.15 -5.70
CA ILE D 134 -33.25 -9.84 -7.12
C ILE D 134 -33.72 -11.09 -7.88
N ASP D 135 -33.15 -12.22 -7.59
CA ASP D 135 -33.45 -13.47 -8.39
C ASP D 135 -34.80 -14.03 -8.18
N LYS D 136 -35.51 -13.60 -7.13
CA LYS D 136 -36.92 -13.94 -6.96
C LYS D 136 -37.86 -13.04 -7.73
N VAL D 137 -37.37 -11.93 -8.28
CA VAL D 137 -38.14 -11.00 -9.10
C VAL D 137 -37.75 -11.08 -10.57
N ILE D 138 -36.46 -11.15 -10.87
CA ILE D 138 -35.98 -11.22 -12.21
C ILE D 138 -35.64 -12.66 -12.42
N THR D 139 -36.35 -13.33 -13.33
CA THR D 139 -36.20 -14.77 -13.51
C THR D 139 -35.75 -15.15 -14.91
N ASP D 140 -35.47 -14.21 -15.78
CA ASP D 140 -35.10 -14.54 -17.17
C ASP D 140 -33.76 -13.94 -17.62
N LYS D 141 -32.84 -13.70 -16.70
CA LYS D 141 -31.54 -13.13 -17.04
C LYS D 141 -30.42 -13.85 -16.24
N PRO D 142 -29.16 -13.83 -16.77
CA PRO D 142 -28.02 -14.32 -15.95
C PRO D 142 -27.83 -13.37 -14.76
N ILE D 143 -27.81 -13.91 -13.54
CA ILE D 143 -27.48 -13.16 -12.31
C ILE D 143 -26.31 -13.75 -11.59
N ILE D 144 -25.28 -12.94 -11.47
CA ILE D 144 -24.05 -13.36 -10.77
C ILE D 144 -24.24 -12.78 -9.40
N LYS D 145 -24.24 -13.63 -8.39
CA LYS D 145 -24.37 -13.20 -7.01
C LYS D 145 -23.00 -12.96 -6.43
N VAL D 146 -22.79 -11.80 -5.81
CA VAL D 146 -21.48 -11.46 -5.22
C VAL D 146 -21.70 -11.11 -3.77
N PRO D 147 -21.99 -12.12 -2.96
CA PRO D 147 -22.48 -11.81 -1.62
C PRO D 147 -21.39 -11.36 -0.63
N GLY D 148 -21.85 -11.03 0.53
CA GLY D 148 -21.03 -10.38 1.56
C GLY D 148 -21.65 -9.07 1.91
N CYS D 149 -21.35 -8.58 3.11
CA CYS D 149 -21.94 -7.38 3.64
C CYS D 149 -20.93 -6.36 4.09
N PRO D 150 -20.28 -5.68 3.17
CA PRO D 150 -20.33 -5.87 1.74
C PRO D 150 -19.30 -6.92 1.28
N PRO D 151 -19.28 -7.26 0.00
CA PRO D 151 -18.18 -8.03 -0.58
C PRO D 151 -16.87 -7.27 -0.45
N ILE D 152 -15.79 -8.03 -0.58
CA ILE D 152 -14.46 -7.51 -0.49
C ILE D 152 -14.16 -6.56 -1.67
N PRO D 153 -13.57 -5.38 -1.39
CA PRO D 153 -13.37 -4.40 -2.47
C PRO D 153 -12.61 -4.98 -3.72
N ASP D 154 -11.51 -5.68 -3.45
CA ASP D 154 -10.70 -6.21 -4.59
C ASP D 154 -11.30 -7.44 -5.20
N VAL D 155 -12.26 -8.08 -4.53
CA VAL D 155 -13.07 -9.09 -5.18
C VAL D 155 -13.99 -8.42 -6.21
N MET D 156 -14.67 -7.37 -5.78
CA MET D 156 -15.56 -6.66 -6.67
C MET D 156 -14.81 -6.20 -7.93
N SER D 157 -13.68 -5.52 -7.75
CA SER D 157 -12.92 -5.10 -8.86
C SER D 157 -12.32 -6.24 -9.70
N ALA D 158 -11.93 -7.36 -9.07
CA ALA D 158 -11.42 -8.47 -9.82
C ALA D 158 -12.52 -9.11 -10.72
N ILE D 159 -13.75 -9.16 -10.23
CA ILE D 159 -14.85 -9.68 -11.03
C ILE D 159 -15.08 -8.79 -12.25
N ILE D 160 -15.11 -7.47 -12.03
CA ILE D 160 -15.22 -6.54 -13.14
C ILE D 160 -14.06 -6.70 -14.19
N THR D 161 -12.83 -6.76 -13.70
CA THR D 161 -11.68 -6.91 -14.60
C THR D 161 -11.73 -8.24 -15.33
N TYR D 162 -12.20 -9.27 -14.67
CA TYR D 162 -12.36 -10.57 -15.35
C TYR D 162 -13.35 -10.43 -16.47
N MET D 163 -14.49 -9.86 -16.20
CA MET D 163 -15.49 -9.71 -17.29
C MET D 163 -15.01 -8.90 -18.47
N VAL D 164 -14.32 -7.81 -18.18
CA VAL D 164 -13.78 -6.97 -19.24
C VAL D 164 -12.63 -7.60 -19.99
N THR D 165 -11.69 -8.15 -19.28
CA THR D 165 -10.50 -8.77 -19.90
C THR D 165 -10.81 -10.00 -20.66
N PHE D 166 -11.59 -10.93 -20.09
CA PHE D 166 -11.84 -12.19 -20.71
C PHE D 166 -13.12 -12.22 -21.52
N ASP D 167 -13.87 -11.14 -21.46
CA ASP D 167 -15.12 -11.00 -22.22
C ASP D 167 -16.06 -12.18 -21.94
N ARG D 168 -16.23 -12.52 -20.66
CA ARG D 168 -17.16 -13.58 -20.29
C ARG D 168 -17.54 -13.46 -18.85
N LEU D 169 -18.63 -14.08 -18.48
CA LEU D 169 -19.02 -14.09 -17.08
C LEU D 169 -18.12 -15.09 -16.34
N PRO D 170 -17.87 -14.86 -15.07
CA PRO D 170 -17.17 -15.90 -14.27
C PRO D 170 -18.02 -17.14 -14.12
N ASP D 171 -17.36 -18.26 -14.05
CA ASP D 171 -18.05 -19.51 -13.72
C ASP D 171 -18.54 -19.48 -12.28
N VAL D 172 -19.74 -19.98 -12.07
CA VAL D 172 -20.40 -19.87 -10.76
C VAL D 172 -20.71 -21.23 -10.18
N ASP D 173 -20.96 -21.24 -8.87
CA ASP D 173 -21.44 -22.43 -8.23
C ASP D 173 -22.95 -22.55 -8.45
N ARG D 174 -23.58 -23.51 -7.79
CA ARG D 174 -25.03 -23.72 -8.03
C ARG D 174 -25.89 -22.60 -7.47
N MET D 175 -25.31 -21.70 -6.65
CA MET D 175 -26.03 -20.53 -6.16
CA MET D 175 -26.00 -20.54 -6.11
C MET D 175 -25.77 -19.27 -6.93
N GLY D 176 -24.98 -19.36 -8.00
CA GLY D 176 -24.67 -18.24 -8.85
C GLY D 176 -23.48 -17.38 -8.37
N ARG D 177 -22.70 -17.87 -7.38
CA ARG D 177 -21.55 -17.12 -6.84
C ARG D 177 -20.31 -17.49 -7.66
N PRO D 178 -19.45 -16.52 -7.96
CA PRO D 178 -18.20 -16.84 -8.69
C PRO D 178 -17.31 -17.82 -7.96
N LEU D 179 -17.00 -18.93 -8.62
CA LEU D 179 -16.15 -19.98 -8.05
C LEU D 179 -14.81 -19.43 -7.58
N MET D 180 -14.29 -18.49 -8.35
CA MET D 180 -12.96 -17.92 -8.05
C MET D 180 -12.85 -17.43 -6.60
N PHE D 181 -13.85 -16.73 -6.08
CA PHE D 181 -13.79 -16.20 -4.72
C PHE D 181 -14.70 -16.84 -3.71
N TYR D 182 -15.69 -17.62 -4.15
CA TYR D 182 -16.66 -18.20 -3.23
C TYR D 182 -16.65 -19.76 -3.26
N GLY D 183 -15.62 -20.35 -3.89
CA GLY D 183 -15.53 -21.79 -3.98
C GLY D 183 -15.18 -22.49 -2.69
N GLN D 184 -14.58 -21.78 -1.74
CA GLN D 184 -14.12 -22.37 -0.48
C GLN D 184 -14.61 -21.57 0.71
N ARG D 185 -14.69 -22.25 1.84
CA ARG D 185 -15.12 -21.64 3.07
C ARG D 185 -14.01 -20.82 3.71
N ILE D 186 -14.42 -19.82 4.48
CA ILE D 186 -13.52 -19.03 5.27
C ILE D 186 -12.59 -19.95 6.10
N HIS D 187 -13.22 -20.92 6.78
CA HIS D 187 -12.55 -21.85 7.71
C HIS D 187 -11.58 -22.79 6.99
N ASP D 188 -11.75 -22.98 5.66
CA ASP D 188 -10.85 -23.84 4.82
C ASP D 188 -9.54 -23.11 4.52
N LYS D 189 -9.44 -21.81 4.83
CA LYS D 189 -8.23 -21.03 4.55
C LYS D 189 -7.93 -20.07 5.69
N CYS D 190 -8.38 -20.43 6.89
CA CYS D 190 -8.21 -19.56 8.07
C CYS D 190 -6.87 -19.81 8.77
N TYR D 191 -6.12 -18.74 8.97
CA TYR D 191 -4.80 -18.85 9.60
C TYR D 191 -4.86 -19.26 11.08
N ARG D 192 -6.06 -19.24 11.70
CA ARG D 192 -6.18 -19.72 13.07
C ARG D 192 -6.56 -21.19 13.12
N ARG D 193 -6.64 -21.84 11.98
CA ARG D 193 -7.09 -23.22 11.98
C ARG D 193 -6.23 -24.15 12.86
N ALA D 194 -4.92 -23.93 12.90
CA ALA D 194 -4.09 -24.73 13.82
C ALA D 194 -4.65 -24.78 15.22
N HIS D 195 -5.17 -23.63 15.69
CA HIS D 195 -5.71 -23.56 17.02
C HIS D 195 -7.01 -24.30 17.13
N PHE D 196 -7.89 -24.14 16.14
CA PHE D 196 -9.14 -24.94 16.09
C PHE D 196 -8.82 -26.45 16.21
N ASP D 197 -7.84 -26.88 15.41
CA ASP D 197 -7.45 -28.29 15.39
C ASP D 197 -6.91 -28.74 16.71
N ALA D 198 -6.22 -27.87 17.42
CA ALA D 198 -5.64 -28.18 18.72
C ALA D 198 -6.60 -27.98 19.89
N GLY D 199 -7.81 -27.51 19.65
CA GLY D 199 -8.70 -27.18 20.77
C GLY D 199 -8.27 -25.94 21.58
N GLU D 200 -7.63 -25.00 20.88
CA GLU D 200 -7.11 -23.77 21.47
C GLU D 200 -8.03 -22.63 21.08
N PHE D 201 -8.87 -22.25 22.06
CA PHE D 201 -9.96 -21.31 21.78
C PHE D 201 -9.95 -20.13 22.70
N VAL D 202 -10.33 -19.00 22.13
CA VAL D 202 -10.76 -17.85 22.96
C VAL D 202 -12.01 -18.26 23.74
N GLN D 203 -12.04 -18.02 25.05
CA GLN D 203 -13.23 -18.33 25.85
CA GLN D 203 -13.21 -18.34 25.87
C GLN D 203 -13.93 -17.10 26.37
N SER D 204 -13.19 -15.99 26.53
CA SER D 204 -13.81 -14.72 26.85
C SER D 204 -12.92 -13.63 26.22
N TRP D 205 -13.51 -12.48 25.93
CA TRP D 205 -12.79 -11.42 25.22
C TRP D 205 -11.57 -10.97 26.01
N ASP D 206 -10.45 -10.84 25.27
CA ASP D 206 -9.21 -10.33 25.82
C ASP D 206 -8.60 -11.26 26.89
N ASP D 207 -8.92 -12.54 26.84
CA ASP D 207 -8.23 -13.49 27.65
C ASP D 207 -6.83 -13.79 27.06
N ASP D 208 -6.05 -14.66 27.71
CA ASP D 208 -4.69 -14.93 27.17
C ASP D 208 -4.75 -15.58 25.81
N ALA D 209 -5.75 -16.42 25.59
CA ALA D 209 -5.96 -17.02 24.28
C ALA D 209 -6.19 -15.97 23.18
N ALA D 210 -7.00 -14.96 23.50
CA ALA D 210 -7.30 -13.91 22.52
C ALA D 210 -6.03 -13.10 22.17
N ARG D 211 -5.21 -12.86 23.17
CA ARG D 211 -3.96 -12.16 23.05
C ARG D 211 -2.89 -12.94 22.27
N LYS D 212 -3.11 -14.25 21.98
CA LYS D 212 -2.18 -15.05 21.18
C LYS D 212 -2.81 -15.44 19.85
N GLY D 213 -4.00 -14.92 19.54
CA GLY D 213 -4.63 -15.24 18.28
C GLY D 213 -5.27 -16.63 18.17
N TYR D 214 -5.79 -17.17 19.27
CA TYR D 214 -6.47 -18.46 19.25
C TYR D 214 -7.80 -18.37 18.48
N CYS D 215 -8.32 -19.55 18.13
CA CYS D 215 -9.53 -19.70 17.37
C CYS D 215 -10.72 -19.10 18.07
N LEU D 216 -11.60 -18.50 17.23
CA LEU D 216 -12.81 -17.80 17.70
C LEU D 216 -14.09 -18.61 17.65
N TYR D 217 -13.96 -19.93 17.39
CA TYR D 217 -15.14 -20.83 17.28
C TYR D 217 -16.09 -20.79 18.49
N LYS D 218 -15.53 -20.78 19.69
CA LYS D 218 -16.33 -20.77 20.92
C LYS D 218 -16.89 -19.36 21.18
N MET D 219 -16.37 -18.36 20.51
CA MET D 219 -16.95 -17.00 20.53
C MET D 219 -17.97 -16.76 19.46
N GLY D 220 -18.36 -17.81 18.74
CA GLY D 220 -19.43 -17.71 17.74
C GLY D 220 -19.03 -17.65 16.25
N CYS D 221 -17.73 -17.78 15.95
CA CYS D 221 -17.26 -17.70 14.59
C CYS D 221 -18.04 -18.64 13.63
N LYS D 222 -18.59 -18.06 12.56
CA LYS D 222 -19.33 -18.79 11.51
C LYS D 222 -18.52 -19.07 10.31
N GLY D 223 -17.18 -18.99 10.43
CA GLY D 223 -16.27 -19.34 9.33
C GLY D 223 -16.49 -20.75 8.75
N PRO D 224 -16.78 -21.75 9.60
CA PRO D 224 -16.96 -23.10 9.10
C PRO D 224 -18.10 -23.29 8.13
N THR D 225 -19.09 -22.39 8.11
CA THR D 225 -20.21 -22.51 7.17
C THR D 225 -20.33 -21.38 6.15
N THR D 226 -19.29 -20.54 5.99
CA THR D 226 -19.36 -19.33 5.23
C THR D 226 -18.36 -19.36 4.06
N TYR D 227 -18.86 -19.19 2.85
CA TYR D 227 -18.05 -19.19 1.64
C TYR D 227 -17.75 -17.71 1.20
N ASN D 228 -16.48 -17.35 1.17
CA ASN D 228 -15.98 -16.04 0.84
C ASN D 228 -14.46 -16.12 0.77
N ALA D 229 -13.83 -14.99 0.46
CA ALA D 229 -12.38 -14.96 0.30
C ALA D 229 -11.65 -14.19 1.41
N CYS D 230 -12.33 -13.94 2.53
CA CYS D 230 -11.79 -13.03 3.53
C CYS D 230 -10.51 -13.51 4.18
N SER D 231 -10.36 -14.83 4.32
CA SER D 231 -9.21 -15.40 4.99
C SER D 231 -8.02 -15.57 4.10
N SER D 232 -8.17 -15.29 2.80
CA SER D 232 -7.06 -15.43 1.80
CA SER D 232 -7.07 -15.44 1.82
C SER D 232 -6.76 -14.10 1.13
N THR D 233 -7.73 -13.54 0.44
CA THR D 233 -7.57 -12.28 -0.19
C THR D 233 -7.53 -11.18 0.87
N ARG D 234 -8.35 -11.34 1.92
CA ARG D 234 -8.40 -10.37 3.00
C ARG D 234 -9.01 -9.04 2.54
N TRP D 235 -9.01 -8.06 3.47
CA TRP D 235 -9.72 -6.78 3.29
C TRP D 235 -8.82 -5.58 3.27
N ASN D 236 -9.19 -4.60 2.45
CA ASN D 236 -8.59 -3.27 2.47
C ASN D 236 -7.12 -3.34 2.12
N ASP D 237 -6.85 -3.89 0.94
CA ASP D 237 -5.48 -4.08 0.43
C ASP D 237 -4.70 -5.04 1.32
N GLY D 238 -5.39 -6.13 1.71
CA GLY D 238 -4.77 -7.19 2.44
C GLY D 238 -4.49 -6.89 3.89
N VAL D 239 -5.00 -5.80 4.41
CA VAL D 239 -4.64 -5.39 5.77
C VAL D 239 -5.16 -6.31 6.87
N SER D 240 -6.41 -6.74 6.75
CA SER D 240 -6.97 -7.57 7.83
C SER D 240 -8.19 -8.36 7.33
N PHE D 241 -8.85 -9.01 8.24
CA PHE D 241 -10.19 -9.52 8.03
C PHE D 241 -10.81 -9.71 9.44
N PRO D 242 -12.10 -9.97 9.52
CA PRO D 242 -12.73 -9.95 10.83
C PRO D 242 -11.99 -10.77 11.90
N ILE D 243 -11.67 -12.02 11.57
CA ILE D 243 -11.01 -12.97 12.46
C ILE D 243 -9.62 -12.48 12.84
N GLN D 244 -8.89 -11.88 11.90
CA GLN D 244 -7.55 -11.42 12.18
C GLN D 244 -7.59 -10.34 13.22
N SER D 245 -8.64 -9.53 13.22
CA SER D 245 -8.80 -8.47 14.22
C SER D 245 -9.57 -8.88 15.46
N GLY D 246 -9.87 -10.17 15.59
CA GLY D 246 -10.31 -10.71 16.88
C GLY D 246 -11.79 -10.98 16.99
N HIS D 247 -12.57 -10.80 15.90
CA HIS D 247 -14.03 -11.06 15.99
C HIS D 247 -14.32 -12.26 15.11
N GLY D 248 -15.14 -13.15 15.61
CA GLY D 248 -15.59 -14.27 14.73
C GLY D 248 -16.30 -13.77 13.49
N CYS D 249 -16.18 -14.55 12.43
CA CYS D 249 -17.03 -14.34 11.23
C CYS D 249 -18.53 -14.39 11.63
N LEU D 250 -19.28 -13.42 11.13
CA LEU D 250 -20.74 -13.32 11.39
C LEU D 250 -21.49 -14.19 10.41
N GLY D 251 -20.81 -14.65 9.38
CA GLY D 251 -21.42 -15.41 8.30
C GLY D 251 -22.01 -14.55 7.22
N CYS D 252 -21.48 -13.36 7.03
CA CYS D 252 -22.22 -12.33 6.30
C CYS D 252 -22.40 -12.54 4.79
N ALA D 253 -21.67 -13.46 4.22
CA ALA D 253 -21.84 -13.81 2.84
C ALA D 253 -22.91 -14.90 2.62
N GLU D 254 -23.54 -15.43 3.68
CA GLU D 254 -24.50 -16.53 3.55
C GLU D 254 -25.95 -16.06 3.70
N ASN D 255 -26.79 -16.67 2.89
CA ASN D 255 -28.24 -16.43 2.96
C ASN D 255 -28.73 -16.60 4.35
N GLY D 256 -29.48 -15.61 4.88
CA GLY D 256 -30.13 -15.85 6.17
C GLY D 256 -29.26 -15.71 7.43
N PHE D 257 -28.07 -15.08 7.29
CA PHE D 257 -27.08 -15.18 8.37
C PHE D 257 -27.51 -14.42 9.60
N TRP D 258 -28.40 -13.46 9.43
CA TRP D 258 -28.91 -12.70 10.57
C TRP D 258 -29.79 -13.54 11.49
N ASP D 259 -30.40 -14.58 10.93
CA ASP D 259 -31.44 -15.31 11.65
C ASP D 259 -30.98 -16.74 12.02
N ARG D 260 -29.67 -16.94 12.15
CA ARG D 260 -29.14 -18.28 12.59
C ARG D 260 -28.81 -18.29 14.06
N GLY D 261 -29.39 -17.43 14.86
CA GLY D 261 -29.03 -17.33 16.27
C GLY D 261 -28.01 -16.24 16.52
N SER D 262 -27.60 -16.10 17.77
CA SER D 262 -26.71 -15.04 18.14
C SER D 262 -25.39 -15.25 17.37
N PHE D 263 -24.74 -14.14 17.06
CA PHE D 263 -23.40 -14.18 16.54
C PHE D 263 -22.43 -14.81 17.52
N TYR D 264 -22.78 -14.84 18.80
CA TYR D 264 -21.89 -15.30 19.83
C TYR D 264 -22.20 -16.70 20.32
N SER D 265 -23.07 -17.41 19.62
CA SER D 265 -23.37 -18.83 19.95
C SER D 265 -22.85 -19.68 18.85
N ARG D 266 -22.35 -20.86 19.22
CA ARG D 266 -21.78 -21.85 18.27
C ARG D 266 -22.90 -22.65 17.60
FE NFV E . 25.15 -9.70 -8.88
NI NFV E . 24.89 -8.92 -6.14
C1 NFV E . 25.03 -10.96 -10.20
O1 NFV E . 24.86 -11.92 -10.84
C2 NFV E . 26.82 -9.17 -9.56
N2 NFV E . 27.84 -8.83 -9.96
C3 NFV E . 24.39 -8.66 -10.14
N3 NFV E . 23.83 -7.99 -10.91
O4 NFV E . 24.96 -8.07 -7.97
MG MG F . 33.48 -18.60 -9.28
FE NFV G . -25.44 8.54 9.24
NI NFV G . -25.34 7.18 6.76
C1 NFV G . -25.52 8.50 10.97
O1 NFV G . -25.67 8.28 12.13
C2 NFV G . -26.67 9.96 9.13
N2 NFV G . -27.42 10.83 9.09
C3 NFV G . -24.17 9.81 9.56
N3 NFV G . -23.34 10.61 9.78
O4 NFV G . -24.83 8.98 7.52
MG MG H . -36.20 6.08 14.48
FE1 SF4 I . 1.19 -24.45 6.02
FE2 SF4 I . 1.07 -27.01 5.30
FE3 SF4 I . 1.97 -26.31 7.73
FE4 SF4 I . 3.46 -25.71 5.51
S1 SF4 I . 2.94 -27.69 6.32
S2 SF4 I . 3.10 -24.41 7.25
S3 SF4 I . 1.81 -25.31 4.07
S4 SF4 I . -0.11 -26.05 6.89
FE1 F3S J . 11.75 -18.17 5.62
FE3 F3S J . 9.84 -19.95 5.86
FE4 F3S J . 9.33 -17.40 6.30
S1 F3S J . 11.49 -19.96 4.30
S2 F3S J . 10.71 -16.34 4.93
S3 F3S J . 10.68 -18.68 7.53
S4 F3S J . 7.96 -18.88 5.36
FE1 SF3 K . 22.47 -13.52 5.51
FE3 SF3 K . 20.87 -15.70 5.00
FE4 SF3 K . 20.62 -10.44 4.97
FE7 SF3 K . 21.80 -12.55 3.25
S1 SF3 K . 22.42 -14.79 3.61
S2 SF3 K . 22.73 -11.32 4.93
S3 SF3 K . 20.64 -14.09 6.60
CL CL L . 22.44 -21.43 10.16
FE1 SF4 M . -10.83 -19.52 11.83
FE2 SF4 M . -11.52 -20.75 14.12
FE3 SF4 M . -12.46 -21.58 11.75
FE4 SF4 M . -13.29 -19.19 12.75
S1 SF4 M . -13.63 -21.23 13.57
S2 SF4 M . -12.76 -19.62 10.67
S3 SF4 M . -11.40 -18.53 13.76
S4 SF4 M . -10.33 -21.63 12.46
FE1 F3S N . -18.29 -11.44 6.34
FE3 F3S N . -17.20 -13.46 7.67
FE4 F3S N . -15.86 -12.27 5.69
S1 F3S N . -18.48 -11.81 8.52
S2 F3S N . -16.56 -10.19 5.76
S3 F3S N . -17.77 -13.44 5.49
S4 F3S N . -15.03 -13.07 7.56
FE1 SF3 O . -26.56 -4.54 1.79
FE3 SF3 O . -25.74 -6.21 3.87
FE4 SF3 O . -25.24 -2.67 2.91
FE7 SF3 O . -23.69 -2.79 0.25
S1 SF3 O . -25.23 -6.29 1.68
S2 SF3 O . -25.92 -2.62 0.75
S3 SF3 O . -26.67 -4.09 4.06
CL CL P . -29.97 -12.81 3.98
#